data_5DJ1
#
_entry.id   5DJ1
#
_cell.length_a   85.718
_cell.length_b   108.277
_cell.length_c   195.412
_cell.angle_alpha   90.00
_cell.angle_beta   90.00
_cell.angle_gamma   90.00
#
_symmetry.space_group_name_H-M   'P 21 21 21'
#
loop_
_entity.id
_entity.type
_entity.pdbx_description
1 polymer 'PLP-Dependent L-Arginine Hydroxylase MppP'
2 non-polymer 'CHLORIDE ION'
3 non-polymer 'MAGNESIUM ION'
4 water water
#
_entity_poly.entity_id   1
_entity_poly.type   'polypeptide(L)'
_entity_poly.pdbx_seq_one_letter_code
;MTTQPQLKENLTQWEYLALNSELNIADGHARQALSPGQQKIVNELPVLWAESEQRPVQQIESEAHQAYFTLLGQHGYPAE
PGRVLSCYSSSVSMEILARSLSASVDRVALVHPTFDNIADLLRGNGLDLVPVEEDALHGADLSAELLSSVGCVFVTTPNN
PTGRVLAEERLRRLAEQCAEHGTVLALDTSFRGFDAAAHYDHYAVLQEAGCRWVVIEDTG(LLP)LWPTLDLKAGLLVFS
EDIGLPVEKIYSDILLGVSPLILALIREFSRDAADGGLADLHAFILHNRSVVRRALAGVEGVSFPDPESRSSVERVAFAG
RTGTEVWEELQRHHVFALPCRQFHWAEPSDGDHMVRIALSRSTEPLEKSVQVLRTVLETR
;
_entity_poly.pdbx_strand_id   A,B,C,D
#
# COMPACT_ATOMS: atom_id res chain seq x y z
N LEU A 23 -18.91 -13.61 -2.18
CA LEU A 23 -18.24 -14.92 -2.14
C LEU A 23 -18.11 -15.55 -3.54
N ASN A 24 -17.02 -15.22 -4.24
CA ASN A 24 -16.79 -15.66 -5.61
C ASN A 24 -16.08 -17.02 -5.62
N ILE A 25 -16.74 -18.06 -6.13
CA ILE A 25 -16.08 -19.35 -6.37
C ILE A 25 -16.18 -19.74 -7.84
N ALA A 26 -16.10 -18.76 -8.72
CA ALA A 26 -16.33 -18.98 -10.14
C ALA A 26 -15.02 -19.00 -10.90
N ASP A 27 -14.40 -17.84 -11.08
CA ASP A 27 -13.20 -17.69 -11.89
C ASP A 27 -12.03 -18.53 -11.37
N GLY A 28 -11.29 -19.16 -12.29
CA GLY A 28 -10.25 -20.09 -11.90
C GLY A 28 -8.97 -19.47 -11.37
N HIS A 29 -8.75 -18.18 -11.62
N HIS A 29 -8.76 -18.17 -11.58
CA HIS A 29 -7.49 -17.56 -11.22
CA HIS A 29 -7.50 -17.57 -11.19
C HIS A 29 -7.39 -17.51 -9.69
C HIS A 29 -7.40 -17.48 -9.68
N ALA A 30 -6.16 -17.49 -9.19
CA ALA A 30 -5.92 -17.66 -7.76
C ALA A 30 -6.14 -16.36 -6.98
N ARG A 31 -6.83 -16.48 -5.85
CA ARG A 31 -7.16 -15.35 -4.99
C ARG A 31 -6.84 -15.57 -3.53
N GLN A 32 -6.28 -16.72 -3.16
CA GLN A 32 -5.86 -16.93 -1.77
C GLN A 32 -4.72 -15.97 -1.43
N ALA A 33 -4.45 -15.86 -0.14
CA ALA A 33 -3.35 -15.03 0.32
C ALA A 33 -2.01 -15.55 -0.19
N LEU A 34 -1.11 -14.61 -0.42
CA LEU A 34 0.30 -14.92 -0.66
C LEU A 34 0.89 -15.65 0.54
N SER A 35 1.82 -16.58 0.27
CA SER A 35 2.64 -17.15 1.35
C SER A 35 3.71 -16.15 1.80
N PRO A 36 4.36 -16.41 2.94
CA PRO A 36 5.45 -15.50 3.37
C PRO A 36 6.56 -15.39 2.34
N GLY A 37 6.91 -16.49 1.68
CA GLY A 37 7.94 -16.44 0.64
C GLY A 37 7.51 -15.61 -0.56
N GLN A 38 6.26 -15.73 -0.97
CA GLN A 38 5.75 -14.92 -2.07
C GLN A 38 5.63 -13.45 -1.68
N GLN A 39 5.23 -13.18 -0.44
CA GLN A 39 5.13 -11.80 0.01
C GLN A 39 6.50 -11.12 -0.03
N LYS A 40 7.56 -11.89 0.22
CA LYS A 40 8.91 -11.35 0.14
C LYS A 40 9.24 -10.91 -1.28
N ILE A 41 8.79 -11.66 -2.28
CA ILE A 41 9.03 -11.27 -3.68
C ILE A 41 8.33 -9.94 -3.97
N VAL A 42 7.09 -9.80 -3.52
CA VAL A 42 6.33 -8.57 -3.74
C VAL A 42 7.05 -7.38 -3.11
N ASN A 43 7.58 -7.56 -1.88
CA ASN A 43 8.33 -6.50 -1.23
C ASN A 43 9.59 -6.14 -1.99
N GLU A 44 10.09 -7.02 -2.86
CA GLU A 44 11.28 -6.73 -3.65
C GLU A 44 10.98 -6.16 -5.03
N LEU A 45 9.73 -5.84 -5.34
CA LEU A 45 9.41 -5.32 -6.67
C LEU A 45 10.27 -4.13 -7.05
N PRO A 46 10.58 -3.18 -6.16
CA PRO A 46 11.45 -2.07 -6.58
C PRO A 46 12.83 -2.54 -7.02
N VAL A 47 13.36 -3.60 -6.40
CA VAL A 47 14.64 -4.16 -6.83
C VAL A 47 14.50 -4.91 -8.16
N LEU A 48 13.41 -5.67 -8.32
CA LEU A 48 13.19 -6.32 -9.59
C LEU A 48 13.00 -5.31 -10.70
N TRP A 49 12.39 -4.16 -10.41
CA TRP A 49 12.30 -3.08 -11.39
C TRP A 49 13.70 -2.59 -11.79
N ALA A 50 14.56 -2.33 -10.79
CA ALA A 50 15.92 -1.89 -11.08
C ALA A 50 16.64 -2.87 -11.99
N GLU A 51 16.55 -4.16 -11.66
CA GLU A 51 17.17 -5.18 -12.48
C GLU A 51 16.56 -5.21 -13.89
N SER A 52 15.24 -5.04 -13.99
CA SER A 52 14.59 -5.12 -15.30
C SER A 52 14.93 -3.93 -16.18
N GLU A 53 15.21 -2.77 -15.57
CA GLU A 53 15.69 -1.60 -16.29
C GLU A 53 17.09 -1.80 -16.85
N GLN A 54 17.92 -2.55 -16.13
CA GLN A 54 19.35 -2.61 -16.34
C GLN A 54 19.77 -3.74 -17.28
N ARG A 55 19.13 -4.94 -17.16
CA ARG A 55 19.61 -6.11 -17.87
C ARG A 55 18.87 -6.27 -19.19
N PRO A 56 19.47 -6.93 -20.18
CA PRO A 56 18.72 -7.29 -21.39
C PRO A 56 17.53 -8.18 -21.05
N VAL A 57 16.37 -7.85 -21.64
CA VAL A 57 15.16 -8.61 -21.39
C VAL A 57 15.35 -10.07 -21.70
N GLN A 58 16.15 -10.39 -22.74
CA GLN A 58 16.35 -11.78 -23.13
C GLN A 58 16.99 -12.61 -22.01
N GLN A 59 17.89 -11.99 -21.26
CA GLN A 59 18.53 -12.70 -20.15
C GLN A 59 17.53 -13.01 -19.05
N ILE A 60 16.69 -12.05 -18.67
CA ILE A 60 15.67 -12.31 -17.66
C ILE A 60 14.67 -13.33 -18.18
N GLU A 61 14.27 -13.19 -19.44
CA GLU A 61 13.38 -14.16 -20.08
C GLU A 61 13.91 -15.59 -20.00
N SER A 62 15.17 -15.80 -20.42
CA SER A 62 15.76 -17.13 -20.38
C SER A 62 15.74 -17.68 -18.97
N GLU A 63 16.00 -16.85 -17.96
CA GLU A 63 16.03 -17.34 -16.59
C GLU A 63 14.64 -17.70 -16.10
N ALA A 64 13.63 -16.88 -16.43
CA ALA A 64 12.24 -17.19 -16.12
C ALA A 64 11.80 -18.50 -16.74
N HIS A 65 12.06 -18.68 -18.05
CA HIS A 65 11.68 -19.93 -18.71
C HIS A 65 12.37 -21.13 -18.05
N GLN A 66 13.68 -21.03 -17.84
CA GLN A 66 14.41 -22.13 -17.24
C GLN A 66 13.86 -22.48 -15.86
N ALA A 67 13.63 -21.46 -15.03
CA ALA A 67 13.08 -21.72 -13.70
C ALA A 67 11.71 -22.38 -13.78
N TYR A 68 10.83 -21.92 -14.67
CA TYR A 68 9.47 -22.45 -14.68
C TYR A 68 9.42 -23.86 -15.29
N PHE A 69 10.04 -24.06 -16.45
CA PHE A 69 10.07 -25.38 -17.07
C PHE A 69 10.73 -26.43 -16.17
N THR A 70 11.87 -26.10 -15.55
CA THR A 70 12.56 -27.11 -14.73
C THR A 70 11.80 -27.37 -13.44
N LEU A 71 11.21 -26.34 -12.84
CA LEU A 71 10.29 -26.53 -11.73
C LEU A 71 9.31 -27.68 -11.99
N LEU A 72 8.78 -27.77 -13.20
CA LEU A 72 7.66 -28.65 -13.50
C LEU A 72 8.08 -29.86 -14.33
N GLY A 73 9.38 -30.17 -14.36
CA GLY A 73 9.91 -31.40 -14.92
C GLY A 73 10.14 -31.39 -16.41
N GLN A 74 9.98 -30.24 -17.08
CA GLN A 74 10.04 -30.15 -18.53
C GLN A 74 11.46 -29.83 -18.99
N HIS A 75 12.39 -30.71 -18.63
CA HIS A 75 13.82 -30.42 -18.82
C HIS A 75 14.20 -30.37 -20.30
N GLY A 76 13.46 -31.05 -21.15
CA GLY A 76 13.80 -31.04 -22.56
C GLY A 76 13.24 -29.89 -23.37
N TYR A 77 12.68 -28.86 -22.72
CA TYR A 77 12.12 -27.73 -23.48
C TYR A 77 13.23 -27.10 -24.34
N PRO A 78 12.89 -26.52 -25.49
CA PRO A 78 13.95 -25.93 -26.35
C PRO A 78 14.38 -24.56 -25.84
N ALA A 79 15.63 -24.49 -25.37
CA ALA A 79 16.11 -23.34 -24.60
C ALA A 79 16.81 -22.30 -25.45
N GLU A 80 16.95 -22.53 -26.75
CA GLU A 80 17.51 -21.52 -27.64
C GLU A 80 16.61 -20.28 -27.67
N PRO A 81 17.15 -19.07 -27.56
CA PRO A 81 16.31 -17.87 -27.68
C PRO A 81 15.46 -17.90 -28.94
N GLY A 82 14.19 -17.54 -28.80
CA GLY A 82 13.24 -17.52 -29.90
C GLY A 82 12.38 -18.76 -30.02
N ARG A 83 12.77 -19.85 -29.36
CA ARG A 83 11.91 -21.03 -29.46
C ARG A 83 10.69 -20.96 -28.55
N VAL A 84 10.83 -20.35 -27.36
CA VAL A 84 9.71 -20.14 -26.46
C VAL A 84 9.28 -18.68 -26.61
N LEU A 85 8.08 -18.45 -27.11
CA LEU A 85 7.56 -17.09 -27.32
C LEU A 85 6.70 -16.68 -26.13
N SER A 86 7.17 -15.69 -25.37
CA SER A 86 6.44 -15.20 -24.21
C SER A 86 5.28 -14.31 -24.64
N CYS A 87 4.08 -14.64 -24.19
CA CYS A 87 2.87 -13.87 -24.49
C CYS A 87 2.23 -13.30 -23.23
N TYR A 88 1.40 -12.26 -23.41
CA TYR A 88 0.72 -11.62 -22.29
C TYR A 88 -0.14 -12.59 -21.51
N SER A 89 -0.67 -13.62 -22.18
CA SER A 89 -1.50 -14.61 -21.53
C SER A 89 -1.55 -15.85 -22.40
N SER A 90 -2.05 -16.93 -21.82
CA SER A 90 -2.29 -18.17 -22.57
C SER A 90 -3.35 -17.99 -23.64
N SER A 91 -4.37 -17.15 -23.39
CA SER A 91 -5.38 -16.92 -24.40
C SER A 91 -4.84 -16.09 -25.55
N VAL A 92 -3.88 -15.18 -25.30
CA VAL A 92 -3.22 -14.50 -26.42
C VAL A 92 -2.42 -15.50 -27.25
N SER A 93 -1.68 -16.42 -26.59
CA SER A 93 -1.01 -17.50 -27.31
C SER A 93 -1.99 -18.31 -28.13
N MET A 94 -3.16 -18.57 -27.56
CA MET A 94 -4.16 -19.38 -28.24
C MET A 94 -4.73 -18.63 -29.44
N GLU A 95 -4.90 -17.30 -29.34
CA GLU A 95 -5.31 -16.51 -30.49
C GLU A 95 -4.31 -16.60 -31.61
N ILE A 96 -3.01 -16.51 -31.26
CA ILE A 96 -1.95 -16.64 -32.24
C ILE A 96 -2.02 -18.00 -32.92
N LEU A 97 -2.13 -19.05 -32.12
CA LEU A 97 -2.17 -20.40 -32.65
C LEU A 97 -3.40 -20.62 -33.52
N ALA A 98 -4.55 -20.11 -33.06
CA ALA A 98 -5.78 -20.34 -33.82
C ALA A 98 -5.73 -19.62 -35.16
N ARG A 99 -5.25 -18.37 -35.16
CA ARG A 99 -5.16 -17.67 -36.43
C ARG A 99 -4.12 -18.32 -37.32
N SER A 100 -3.05 -18.85 -36.74
CA SER A 100 -2.04 -19.55 -37.53
C SER A 100 -2.63 -20.82 -38.15
N LEU A 101 -3.38 -21.60 -37.36
CA LEU A 101 -3.97 -22.83 -37.86
C LEU A 101 -4.85 -22.54 -39.06
N SER A 102 -5.60 -21.43 -39.03
CA SER A 102 -6.54 -21.08 -40.08
C SER A 102 -5.84 -20.85 -41.42
N ALA A 103 -4.52 -20.69 -41.47
CA ALA A 103 -3.82 -20.59 -42.75
C ALA A 103 -3.86 -21.91 -43.54
N SER A 104 -3.92 -23.06 -42.87
CA SER A 104 -3.77 -24.31 -43.60
C SER A 104 -4.66 -25.43 -43.10
N VAL A 105 -5.53 -25.19 -42.13
CA VAL A 105 -6.33 -26.21 -41.47
C VAL A 105 -7.78 -25.75 -41.49
N ASP A 106 -8.68 -26.66 -41.79
CA ASP A 106 -10.12 -26.40 -41.78
C ASP A 106 -10.81 -26.90 -40.53
N ARG A 107 -10.35 -28.01 -39.98
CA ARG A 107 -11.06 -28.69 -38.90
C ARG A 107 -10.04 -29.13 -37.85
N VAL A 108 -10.44 -29.00 -36.59
CA VAL A 108 -9.62 -29.32 -35.42
C VAL A 108 -10.38 -30.28 -34.52
N ALA A 109 -9.74 -31.38 -34.12
CA ALA A 109 -10.26 -32.25 -33.06
C ALA A 109 -9.90 -31.65 -31.69
N LEU A 110 -10.91 -31.48 -30.82
CA LEU A 110 -10.72 -30.78 -29.55
C LEU A 110 -11.34 -31.59 -28.42
N VAL A 111 -10.60 -31.74 -27.32
CA VAL A 111 -11.14 -32.50 -26.20
C VAL A 111 -12.42 -31.84 -25.69
N HIS A 112 -13.36 -32.67 -25.28
CA HIS A 112 -14.68 -32.27 -24.83
C HIS A 112 -14.97 -33.02 -23.53
N PRO A 113 -15.36 -32.32 -22.45
CA PRO A 113 -15.41 -30.88 -22.27
C PRO A 113 -14.02 -30.29 -22.17
N THR A 114 -13.91 -28.98 -22.30
CA THR A 114 -12.66 -28.31 -21.96
C THR A 114 -12.97 -26.83 -21.71
N PHE A 115 -11.91 -26.08 -21.42
CA PHE A 115 -11.97 -24.63 -21.25
C PHE A 115 -12.56 -24.01 -22.51
N ASP A 116 -13.70 -23.34 -22.39
CA ASP A 116 -14.51 -23.03 -23.58
C ASP A 116 -13.88 -21.94 -24.44
N ASN A 117 -13.06 -21.06 -23.86
CA ASN A 117 -12.37 -20.05 -24.66
C ASN A 117 -11.60 -20.67 -25.79
N ILE A 118 -11.07 -21.88 -25.60
CA ILE A 118 -10.30 -22.52 -26.66
C ILE A 118 -11.19 -22.76 -27.87
N ALA A 119 -12.38 -23.33 -27.63
CA ALA A 119 -13.35 -23.50 -28.71
C ALA A 119 -13.74 -22.16 -29.31
N ASP A 120 -13.96 -21.14 -28.47
CA ASP A 120 -14.38 -19.85 -29.00
C ASP A 120 -13.30 -19.23 -29.88
N LEU A 121 -12.02 -19.34 -29.47
CA LEU A 121 -10.95 -18.78 -30.28
C LEU A 121 -10.73 -19.56 -31.58
N LEU A 122 -10.81 -20.89 -31.54
CA LEU A 122 -10.72 -21.68 -32.76
C LEU A 122 -11.87 -21.37 -33.72
N ARG A 123 -13.11 -21.40 -33.22
N ARG A 123 -13.12 -21.43 -33.22
CA ARG A 123 -14.26 -21.14 -34.08
CA ARG A 123 -14.28 -21.13 -34.05
C ARG A 123 -14.23 -19.71 -34.62
C ARG A 123 -14.21 -19.72 -34.61
N GLY A 124 -13.81 -18.75 -33.79
CA GLY A 124 -13.77 -17.36 -34.23
C GLY A 124 -12.75 -17.10 -35.32
N ASN A 125 -11.72 -17.94 -35.41
CA ASN A 125 -10.74 -17.84 -36.46
C ASN A 125 -11.06 -18.76 -37.63
N GLY A 126 -12.27 -19.29 -37.68
CA GLY A 126 -12.73 -20.00 -38.86
C GLY A 126 -12.56 -21.50 -38.85
N LEU A 127 -12.14 -22.10 -37.74
CA LEU A 127 -11.98 -23.54 -37.70
C LEU A 127 -13.30 -24.23 -37.36
N ASP A 128 -13.61 -25.31 -38.06
CA ASP A 128 -14.66 -26.24 -37.65
C ASP A 128 -14.14 -27.15 -36.53
N LEU A 129 -15.00 -27.52 -35.57
CA LEU A 129 -14.55 -28.25 -34.39
C LEU A 129 -15.19 -29.65 -34.37
N VAL A 130 -14.39 -30.64 -34.02
CA VAL A 130 -14.84 -32.03 -33.85
C VAL A 130 -14.56 -32.44 -32.41
N PRO A 131 -15.57 -32.73 -31.59
CA PRO A 131 -15.29 -33.07 -30.18
C PRO A 131 -14.68 -34.46 -30.06
N VAL A 132 -13.73 -34.60 -29.14
CA VAL A 132 -13.23 -35.92 -28.74
C VAL A 132 -13.49 -36.05 -27.25
N GLU A 133 -14.34 -37.00 -26.88
CA GLU A 133 -14.65 -37.21 -25.47
C GLU A 133 -13.41 -37.75 -24.78
N GLU A 134 -13.36 -37.53 -23.47
CA GLU A 134 -12.18 -37.91 -22.71
C GLU A 134 -11.92 -39.41 -22.75
N ASP A 135 -12.97 -40.25 -22.69
CA ASP A 135 -12.72 -41.68 -22.70
C ASP A 135 -12.07 -42.11 -24.02
N ALA A 136 -12.50 -41.53 -25.14
CA ALA A 136 -11.86 -41.86 -26.41
C ALA A 136 -10.41 -41.40 -26.41
N LEU A 137 -10.15 -40.20 -25.88
CA LEU A 137 -8.83 -39.61 -25.97
C LEU A 137 -7.82 -40.37 -25.12
N HIS A 138 -8.19 -40.73 -23.90
CA HIS A 138 -7.25 -41.41 -23.02
C HIS A 138 -7.20 -42.91 -23.26
N GLY A 139 -8.30 -43.51 -23.67
CA GLY A 139 -8.45 -44.95 -23.64
C GLY A 139 -8.01 -45.70 -24.88
N ALA A 140 -7.94 -45.03 -26.04
CA ALA A 140 -7.68 -45.74 -27.29
C ALA A 140 -6.99 -44.82 -28.28
N ASP A 141 -6.33 -45.43 -29.27
CA ASP A 141 -5.84 -44.66 -30.42
C ASP A 141 -7.00 -43.87 -31.02
N LEU A 142 -6.73 -42.66 -31.51
CA LEU A 142 -7.74 -41.98 -32.32
C LEU A 142 -7.95 -42.73 -33.64
N SER A 143 -9.19 -42.76 -34.11
CA SER A 143 -9.47 -43.49 -35.31
C SER A 143 -8.86 -42.80 -36.53
N ALA A 144 -8.59 -43.60 -37.55
CA ALA A 144 -8.09 -43.07 -38.80
C ALA A 144 -9.10 -42.15 -39.45
N GLU A 145 -10.38 -42.45 -39.30
CA GLU A 145 -11.41 -41.56 -39.85
C GLU A 145 -11.36 -40.19 -39.20
N LEU A 146 -11.22 -40.14 -37.88
CA LEU A 146 -11.08 -38.84 -37.23
C LEU A 146 -9.82 -38.13 -37.69
N LEU A 147 -8.66 -38.78 -37.60
CA LEU A 147 -7.41 -38.07 -37.91
C LEU A 147 -7.37 -37.64 -39.37
N SER A 148 -8.00 -38.40 -40.26
CA SER A 148 -8.00 -38.04 -41.67
C SER A 148 -8.89 -36.85 -41.99
N SER A 149 -9.67 -36.39 -41.02
CA SER A 149 -10.64 -35.31 -41.24
C SER A 149 -10.26 -34.02 -40.53
N VAL A 150 -9.13 -33.99 -39.80
CA VAL A 150 -8.71 -32.81 -39.06
C VAL A 150 -7.23 -32.55 -39.34
N GLY A 151 -6.80 -31.29 -39.23
CA GLY A 151 -5.40 -30.90 -39.35
C GLY A 151 -4.70 -30.68 -38.02
N CYS A 152 -5.41 -30.81 -36.90
CA CYS A 152 -4.88 -30.54 -35.58
C CYS A 152 -5.72 -31.30 -34.56
N VAL A 153 -5.02 -31.89 -33.58
CA VAL A 153 -5.63 -32.48 -32.39
C VAL A 153 -5.20 -31.62 -31.22
N PHE A 154 -6.17 -31.14 -30.43
CA PHE A 154 -5.93 -30.18 -29.34
C PHE A 154 -6.35 -30.81 -28.02
N VAL A 155 -5.39 -30.95 -27.10
CA VAL A 155 -5.63 -31.55 -25.79
C VAL A 155 -5.22 -30.57 -24.68
N THR A 156 -6.15 -30.34 -23.77
CA THR A 156 -5.88 -29.63 -22.53
C THR A 156 -5.49 -30.64 -21.45
N THR A 157 -4.29 -30.51 -20.91
CA THR A 157 -3.82 -31.46 -19.90
C THR A 157 -2.87 -30.81 -18.89
N PRO A 158 -3.18 -30.92 -17.58
CA PRO A 158 -4.42 -31.49 -16.99
C PRO A 158 -5.65 -30.75 -17.52
N ASN A 159 -6.76 -31.43 -17.73
CA ASN A 159 -7.88 -30.78 -18.39
C ASN A 159 -8.60 -29.84 -17.42
N ASN A 160 -9.16 -28.78 -17.95
CA ASN A 160 -10.05 -27.87 -17.22
C ASN A 160 -11.37 -28.06 -17.94
N PRO A 161 -12.40 -28.56 -17.24
CA PRO A 161 -12.58 -28.59 -15.79
C PRO A 161 -12.35 -29.91 -15.05
N THR A 162 -11.91 -30.95 -15.73
CA THR A 162 -12.00 -32.28 -15.13
C THR A 162 -10.75 -32.69 -14.33
N GLY A 163 -9.62 -32.05 -14.57
CA GLY A 163 -8.37 -32.45 -13.96
C GLY A 163 -7.69 -33.66 -14.57
N ARG A 164 -8.28 -34.25 -15.59
CA ARG A 164 -7.74 -35.48 -16.17
C ARG A 164 -6.40 -35.21 -16.83
N VAL A 165 -5.41 -36.04 -16.53
CA VAL A 165 -4.04 -35.89 -17.01
C VAL A 165 -3.79 -36.89 -18.14
N LEU A 166 -3.28 -36.40 -19.24
CA LEU A 166 -2.84 -37.25 -20.35
C LEU A 166 -1.56 -37.98 -19.92
N ALA A 167 -1.66 -39.29 -19.74
CA ALA A 167 -0.51 -40.08 -19.29
C ALA A 167 0.57 -40.13 -20.38
N GLU A 168 1.81 -40.40 -19.95
CA GLU A 168 2.95 -40.37 -20.86
C GLU A 168 2.79 -41.39 -21.98
N GLU A 169 2.33 -42.59 -21.66
CA GLU A 169 2.14 -43.64 -22.66
C GLU A 169 1.13 -43.21 -23.72
N ARG A 170 0.09 -42.48 -23.33
CA ARG A 170 -0.91 -42.03 -24.30
C ARG A 170 -0.42 -40.82 -25.09
N LEU A 171 0.29 -39.90 -24.44
CA LEU A 171 0.89 -38.79 -25.19
C LEU A 171 1.81 -39.32 -26.27
N ARG A 172 2.64 -40.31 -25.94
CA ARG A 172 3.57 -40.89 -26.90
C ARG A 172 2.83 -41.52 -28.09
N ARG A 173 1.79 -42.31 -27.81
CA ARG A 173 1.02 -42.91 -28.89
C ARG A 173 0.32 -41.83 -29.72
N LEU A 174 -0.19 -40.79 -29.07
CA LEU A 174 -0.90 -39.74 -29.78
C LEU A 174 0.06 -38.91 -30.65
N ALA A 175 1.25 -38.63 -30.14
CA ALA A 175 2.26 -37.91 -30.91
C ALA A 175 2.73 -38.76 -32.10
N GLU A 176 2.88 -40.07 -31.89
CA GLU A 176 3.24 -40.97 -32.98
C GLU A 176 2.14 -41.00 -34.05
N GLN A 177 0.86 -41.05 -33.62
CA GLN A 177 -0.23 -41.05 -34.58
C GLN A 177 -0.23 -39.75 -35.37
N CYS A 178 -0.02 -38.62 -34.68
CA CYS A 178 -0.04 -37.35 -35.38
C CYS A 178 1.11 -37.27 -36.37
N ALA A 179 2.26 -37.83 -36.02
CA ALA A 179 3.40 -37.85 -36.95
C ALA A 179 3.09 -38.66 -38.21
N GLU A 180 2.49 -39.85 -38.06
CA GLU A 180 2.10 -40.67 -39.23
C GLU A 180 1.07 -39.97 -40.12
N HIS A 181 0.13 -39.26 -39.53
CA HIS A 181 -0.98 -38.63 -40.23
C HIS A 181 -0.70 -37.21 -40.69
N GLY A 182 0.47 -36.66 -40.37
CA GLY A 182 0.78 -35.28 -40.76
C GLY A 182 -0.01 -34.22 -40.01
N THR A 183 -0.55 -34.55 -38.84
CA THR A 183 -1.42 -33.69 -38.03
C THR A 183 -0.62 -32.91 -37.00
N VAL A 184 -1.07 -31.70 -36.71
CA VAL A 184 -0.48 -30.93 -35.61
C VAL A 184 -1.06 -31.43 -34.28
N LEU A 185 -0.19 -31.71 -33.31
CA LEU A 185 -0.61 -32.00 -31.94
C LEU A 185 -0.38 -30.76 -31.07
N ALA A 186 -1.45 -30.21 -30.51
CA ALA A 186 -1.37 -29.00 -29.68
C ALA A 186 -1.83 -29.30 -28.27
N LEU A 187 -1.04 -28.87 -27.29
CA LEU A 187 -1.35 -29.06 -25.87
C LEU A 187 -1.48 -27.73 -25.14
N ASP A 188 -2.51 -27.62 -24.32
CA ASP A 188 -2.68 -26.51 -23.37
C ASP A 188 -2.44 -27.04 -21.96
N THR A 189 -1.34 -26.59 -21.34
CA THR A 189 -0.86 -27.16 -20.08
C THR A 189 -0.89 -26.17 -18.93
N SER A 190 -1.88 -25.27 -18.97
CA SER A 190 -2.08 -24.26 -17.93
C SER A 190 -2.15 -24.86 -16.53
N PHE A 191 -2.77 -26.02 -16.36
CA PHE A 191 -2.92 -26.62 -15.03
C PHE A 191 -1.74 -27.51 -14.61
N ARG A 192 -0.66 -27.52 -15.39
CA ARG A 192 0.45 -28.44 -15.15
C ARG A 192 0.96 -28.39 -13.71
N GLY A 193 1.18 -27.17 -13.19
CA GLY A 193 1.77 -27.01 -11.86
C GLY A 193 1.02 -27.71 -10.74
N PHE A 194 -0.27 -27.92 -10.89
CA PHE A 194 -1.09 -28.50 -9.83
C PHE A 194 -0.97 -30.01 -9.67
N ASP A 195 -0.52 -30.74 -10.70
CA ASP A 195 -0.62 -32.21 -10.71
C ASP A 195 0.73 -32.81 -11.08
N ALA A 196 1.39 -33.44 -10.10
CA ALA A 196 2.67 -34.08 -10.31
C ALA A 196 2.62 -35.13 -11.44
N ALA A 197 1.45 -35.72 -11.69
CA ALA A 197 1.36 -36.69 -12.78
C ALA A 197 1.59 -36.05 -14.15
N ALA A 198 1.47 -34.73 -14.25
CA ALA A 198 1.77 -34.00 -15.47
C ALA A 198 3.21 -33.47 -15.51
N HIS A 199 4.08 -33.94 -14.61
CA HIS A 199 5.43 -33.42 -14.51
C HIS A 199 6.46 -34.33 -15.18
N TYR A 200 6.04 -35.41 -15.83
CA TYR A 200 6.98 -36.08 -16.72
C TYR A 200 7.26 -35.16 -17.90
N ASP A 201 8.38 -35.38 -18.56
CA ASP A 201 8.89 -34.42 -19.54
C ASP A 201 8.12 -34.57 -20.85
N HIS A 202 7.19 -33.65 -21.11
CA HIS A 202 6.40 -33.71 -22.33
C HIS A 202 7.22 -33.40 -23.57
N TYR A 203 8.19 -32.50 -23.47
CA TYR A 203 9.01 -32.15 -24.62
C TYR A 203 9.86 -33.32 -25.07
N ALA A 204 10.38 -34.12 -24.14
CA ALA A 204 11.13 -35.31 -24.55
C ALA A 204 10.25 -36.24 -25.39
N VAL A 205 9.00 -36.45 -24.98
CA VAL A 205 8.08 -37.31 -25.75
C VAL A 205 7.84 -36.73 -27.14
N LEU A 206 7.49 -35.45 -27.20
CA LEU A 206 7.09 -34.83 -28.46
C LEU A 206 8.24 -34.81 -29.46
N GLN A 207 9.46 -34.51 -28.98
CA GLN A 207 10.63 -34.45 -29.85
C GLN A 207 11.05 -35.83 -30.33
N GLU A 208 10.89 -36.86 -29.50
CA GLU A 208 11.23 -38.20 -29.97
C GLU A 208 10.20 -38.71 -30.98
N ALA A 209 8.93 -38.33 -30.85
CA ALA A 209 7.94 -38.79 -31.83
C ALA A 209 8.10 -38.11 -33.17
N GLY A 210 8.61 -36.88 -33.20
CA GLY A 210 8.78 -36.17 -34.45
C GLY A 210 7.50 -35.65 -35.09
N CYS A 211 6.43 -35.47 -34.32
CA CYS A 211 5.26 -34.89 -34.93
C CYS A 211 5.40 -33.37 -34.99
N ARG A 212 4.54 -32.73 -35.76
CA ARG A 212 4.41 -31.27 -35.64
C ARG A 212 3.70 -30.96 -34.33
N TRP A 213 4.30 -30.13 -33.48
CA TRP A 213 3.69 -29.95 -32.16
C TRP A 213 3.80 -28.51 -31.68
N VAL A 214 2.85 -28.15 -30.83
CA VAL A 214 2.80 -26.85 -30.18
C VAL A 214 2.32 -27.08 -28.75
N VAL A 215 2.95 -26.40 -27.79
CA VAL A 215 2.51 -26.43 -26.40
C VAL A 215 2.31 -25.00 -25.92
N ILE A 216 1.18 -24.75 -25.26
CA ILE A 216 0.98 -23.46 -24.64
C ILE A 216 1.03 -23.66 -23.13
N GLU A 217 2.13 -23.23 -22.50
CA GLU A 217 2.27 -23.19 -21.06
C GLU A 217 1.66 -21.91 -20.54
N ASP A 218 1.36 -21.90 -19.24
CA ASP A 218 0.70 -20.73 -18.64
C ASP A 218 1.12 -20.64 -17.17
N THR A 219 1.54 -19.45 -16.74
CA THR A 219 1.85 -19.25 -15.33
C THR A 219 0.65 -18.71 -14.56
N GLY A 220 -0.44 -18.37 -15.25
CA GLY A 220 -1.46 -17.54 -14.65
C GLY A 220 -2.42 -18.17 -13.64
N LEU A 222 -1.57 -20.60 -11.36
CA LEU A 222 -0.86 -21.21 -10.21
C LEU A 222 -0.83 -20.42 -8.94
N TRP A 223 -0.47 -19.16 -9.09
CA TRP A 223 -0.14 -18.30 -7.99
C TRP A 223 -1.03 -17.06 -7.98
N PRO A 224 -1.28 -16.50 -6.85
CA PRO A 224 -2.08 -15.25 -6.78
C PRO A 224 -1.25 -14.02 -7.11
N THR A 225 -1.01 -13.78 -8.40
CA THR A 225 -0.14 -12.70 -8.86
C THR A 225 -0.92 -11.56 -9.49
N LEU A 226 -2.20 -11.42 -9.15
CA LEU A 226 -3.03 -10.33 -9.64
C LEU A 226 -3.03 -10.30 -11.18
N ASP A 227 -3.08 -11.47 -11.77
CA ASP A 227 -3.07 -11.65 -13.24
C ASP A 227 -1.81 -11.15 -13.92
N LEU A 228 -0.73 -10.98 -13.17
CA LEU A 228 0.58 -10.78 -13.76
C LEU A 228 1.11 -12.17 -14.12
N LYS A 229 1.33 -12.41 -15.41
CA LYS A 229 1.45 -13.77 -15.94
C LYS A 229 2.03 -13.71 -17.35
N ALA A 230 2.38 -14.89 -17.85
CA ALA A 230 2.73 -15.06 -19.25
C ALA A 230 2.14 -16.36 -19.77
N GLY A 231 1.70 -16.35 -21.02
CA GLY A 231 1.52 -17.58 -21.78
C GLY A 231 2.83 -17.87 -22.51
N LEU A 232 3.20 -19.13 -22.58
CA LEU A 232 4.47 -19.51 -23.20
C LEU A 232 4.17 -20.45 -24.36
N LEU A 233 4.39 -19.96 -25.56
CA LEU A 233 4.06 -20.64 -26.80
C LEU A 233 5.32 -21.34 -27.31
N VAL A 234 5.30 -22.65 -27.33
CA VAL A 234 6.45 -23.46 -27.73
C VAL A 234 6.04 -24.37 -28.88
N PHE A 235 6.90 -24.49 -29.90
CA PHE A 235 6.52 -25.26 -31.08
C PHE A 235 7.72 -25.95 -31.71
N SER A 236 7.45 -27.05 -32.41
CA SER A 236 8.48 -27.74 -33.17
C SER A 236 8.98 -26.89 -34.32
N GLU A 237 10.23 -27.12 -34.69
CA GLU A 237 10.84 -26.37 -35.79
C GLU A 237 10.17 -26.66 -37.11
N ASP A 238 9.53 -27.82 -37.26
CA ASP A 238 8.79 -28.13 -38.47
C ASP A 238 7.29 -27.88 -38.31
N ILE A 239 6.88 -27.02 -37.37
CA ILE A 239 5.46 -26.82 -37.10
C ILE A 239 4.69 -26.50 -38.39
N GLY A 240 5.28 -25.70 -39.28
CA GLY A 240 4.63 -25.44 -40.55
C GLY A 240 3.37 -24.60 -40.47
N LEU A 241 3.29 -23.70 -39.49
CA LEU A 241 2.24 -22.71 -39.29
C LEU A 241 2.94 -21.38 -39.05
N PRO A 242 2.32 -20.25 -39.43
CA PRO A 242 2.98 -18.94 -39.29
C PRO A 242 2.92 -18.35 -37.88
N VAL A 243 3.22 -19.18 -36.85
CA VAL A 243 3.06 -18.74 -35.46
C VAL A 243 4.02 -17.59 -35.14
N GLU A 244 5.25 -17.64 -35.65
CA GLU A 244 6.20 -16.59 -35.30
C GLU A 244 5.83 -15.27 -35.94
N LYS A 245 5.41 -15.30 -37.20
CA LYS A 245 5.01 -14.07 -37.86
C LYS A 245 3.78 -13.45 -37.17
N ILE A 246 2.77 -14.26 -36.85
CA ILE A 246 1.58 -13.70 -36.23
C ILE A 246 1.87 -13.25 -34.79
N TYR A 247 2.68 -14.02 -34.06
CA TYR A 247 3.15 -13.54 -32.75
C TYR A 247 3.68 -12.14 -32.84
N SER A 248 4.57 -11.90 -33.81
CA SER A 248 5.24 -10.62 -33.93
C SER A 248 4.31 -9.50 -34.34
N ASP A 249 3.19 -9.81 -34.99
CA ASP A 249 2.19 -8.77 -35.28
C ASP A 249 1.44 -8.34 -34.02
N ILE A 250 1.35 -9.18 -33.00
CA ILE A 250 0.61 -8.86 -31.78
C ILE A 250 1.51 -8.24 -30.69
N LEU A 251 2.75 -8.71 -30.51
CA LEU A 251 3.66 -8.16 -29.49
C LEU A 251 5.12 -8.48 -29.81
N LEU A 252 6.01 -7.68 -29.21
CA LEU A 252 7.44 -7.89 -29.20
C LEU A 252 7.90 -8.78 -28.06
N GLY A 253 7.14 -8.82 -26.98
CA GLY A 253 7.50 -9.56 -25.79
C GLY A 253 6.69 -9.05 -24.61
N VAL A 254 6.91 -9.65 -23.46
CA VAL A 254 6.25 -9.25 -22.22
C VAL A 254 7.21 -8.47 -21.33
N SER A 255 6.65 -7.73 -20.37
CA SER A 255 7.42 -6.92 -19.45
C SER A 255 8.52 -7.76 -18.79
N PRO A 256 9.75 -7.29 -18.77
CA PRO A 256 10.79 -7.96 -17.98
C PRO A 256 10.46 -8.02 -16.51
N LEU A 257 9.65 -7.09 -15.99
CA LEU A 257 9.22 -7.20 -14.60
C LEU A 257 8.34 -8.42 -14.38
N ILE A 258 7.45 -8.70 -15.31
CA ILE A 258 6.63 -9.90 -15.17
C ILE A 258 7.47 -11.16 -15.30
N LEU A 259 8.42 -11.17 -16.25
CA LEU A 259 9.33 -12.31 -16.36
C LEU A 259 10.14 -12.49 -15.07
N ALA A 260 10.62 -11.39 -14.47
CA ALA A 260 11.38 -11.49 -13.24
C ALA A 260 10.51 -12.03 -12.12
N LEU A 261 9.25 -11.62 -12.07
CA LEU A 261 8.30 -12.14 -11.10
C LEU A 261 8.07 -13.64 -11.29
N ILE A 262 7.91 -14.09 -12.55
CA ILE A 262 7.74 -15.52 -12.82
C ILE A 262 8.97 -16.28 -12.35
N ARG A 263 10.16 -15.77 -12.66
CA ARG A 263 11.39 -16.38 -12.20
C ARG A 263 11.39 -16.55 -10.68
N GLU A 264 11.02 -15.50 -9.95
CA GLU A 264 11.11 -15.55 -8.49
C GLU A 264 10.03 -16.44 -7.89
N PHE A 265 8.81 -16.41 -8.44
CA PHE A 265 7.75 -17.28 -7.92
C PHE A 265 8.09 -18.75 -8.18
N SER A 266 8.71 -19.04 -9.32
CA SER A 266 9.13 -20.40 -9.66
C SER A 266 10.21 -20.89 -8.71
N ARG A 267 11.14 -19.99 -8.34
CA ARG A 267 12.18 -20.36 -7.41
C ARG A 267 11.62 -20.58 -6.02
N ASP A 268 10.69 -19.73 -5.58
CA ASP A 268 10.02 -20.00 -4.31
C ASP A 268 9.29 -21.34 -4.37
N ALA A 269 8.69 -21.63 -5.54
CA ALA A 269 7.96 -22.88 -5.72
C ALA A 269 8.88 -24.07 -5.61
N ALA A 270 10.06 -23.99 -6.23
CA ALA A 270 11.01 -25.09 -6.19
C ALA A 270 11.53 -25.31 -4.79
N ASP A 271 11.58 -24.25 -3.98
CA ASP A 271 12.10 -24.35 -2.63
C ASP A 271 10.98 -24.56 -1.63
N GLY A 272 10.01 -25.42 -1.95
CA GLY A 272 8.97 -25.79 -1.02
C GLY A 272 7.60 -25.23 -1.33
N GLY A 273 7.52 -24.12 -2.07
CA GLY A 273 6.23 -23.50 -2.30
C GLY A 273 5.25 -24.40 -3.06
N LEU A 274 5.77 -25.22 -3.98
CA LEU A 274 4.86 -25.98 -4.81
C LEU A 274 4.22 -27.10 -4.01
N ALA A 275 5.00 -27.77 -3.15
CA ALA A 275 4.42 -28.77 -2.26
C ALA A 275 3.38 -28.15 -1.34
N ASP A 276 3.64 -26.95 -0.82
CA ASP A 276 2.65 -26.25 0.01
C ASP A 276 1.39 -25.92 -0.80
N LEU A 277 1.56 -25.48 -2.05
CA LEU A 277 0.40 -25.26 -2.91
C LEU A 277 -0.44 -26.54 -3.06
N HIS A 278 0.20 -27.66 -3.40
CA HIS A 278 -0.53 -28.92 -3.52
C HIS A 278 -1.28 -29.28 -2.24
N ALA A 279 -0.64 -29.08 -1.08
CA ALA A 279 -1.32 -29.37 0.19
C ALA A 279 -2.50 -28.44 0.40
N PHE A 280 -2.37 -27.17 0.00
CA PHE A 280 -3.45 -26.20 0.13
C PHE A 280 -4.65 -26.58 -0.73
N ILE A 281 -4.40 -26.88 -2.01
CA ILE A 281 -5.49 -27.27 -2.91
C ILE A 281 -6.16 -28.54 -2.41
N LEU A 282 -5.36 -29.53 -1.99
CA LEU A 282 -5.91 -30.75 -1.42
C LEU A 282 -6.76 -30.46 -0.18
N HIS A 283 -6.31 -29.54 0.67
CA HIS A 283 -7.10 -29.18 1.84
C HIS A 283 -8.44 -28.59 1.43
N ASN A 284 -8.44 -27.67 0.46
CA ASN A 284 -9.68 -27.03 0.04
C ASN A 284 -10.60 -28.01 -0.67
N ARG A 285 -10.02 -28.89 -1.50
CA ARG A 285 -10.84 -29.92 -2.12
C ARG A 285 -11.54 -30.77 -1.06
N SER A 286 -10.84 -31.13 0.01
CA SER A 286 -11.43 -31.94 1.07
C SER A 286 -12.52 -31.19 1.83
N VAL A 287 -12.33 -29.89 2.01
CA VAL A 287 -13.37 -29.05 2.63
C VAL A 287 -14.66 -29.13 1.83
N VAL A 288 -14.55 -29.02 0.51
CA VAL A 288 -15.71 -29.08 -0.37
C VAL A 288 -16.37 -30.45 -0.28
N ARG A 289 -15.57 -31.51 -0.39
CA ARG A 289 -16.15 -32.85 -0.39
C ARG A 289 -16.74 -33.20 0.97
N ARG A 290 -16.11 -32.73 2.06
CA ARG A 290 -16.65 -32.99 3.39
C ARG A 290 -18.01 -32.32 3.56
N ALA A 291 -18.17 -31.12 3.03
CA ALA A 291 -19.41 -30.38 3.24
C ALA A 291 -20.55 -30.95 2.42
N LEU A 292 -20.27 -31.56 1.26
CA LEU A 292 -21.32 -31.94 0.32
C LEU A 292 -21.54 -33.45 0.19
N ALA A 293 -20.66 -34.29 0.73
CA ALA A 293 -20.72 -35.71 0.40
C ALA A 293 -21.91 -36.42 1.04
N GLY A 294 -22.47 -35.86 2.12
CA GLY A 294 -23.62 -36.50 2.76
C GLY A 294 -24.95 -36.30 2.05
N VAL A 295 -25.03 -35.39 1.09
CA VAL A 295 -26.27 -35.11 0.37
C VAL A 295 -26.52 -36.22 -0.63
N GLU A 296 -27.69 -36.87 -0.53
CA GLU A 296 -28.06 -37.92 -1.49
C GLU A 296 -28.06 -37.38 -2.90
N GLY A 297 -27.51 -38.17 -3.83
CA GLY A 297 -27.47 -37.78 -5.22
C GLY A 297 -26.37 -36.80 -5.58
N VAL A 298 -25.63 -36.28 -4.61
CA VAL A 298 -24.46 -35.44 -4.87
C VAL A 298 -23.24 -36.34 -5.01
N SER A 299 -22.46 -36.13 -6.06
CA SER A 299 -21.24 -36.89 -6.26
C SER A 299 -20.18 -36.00 -6.89
N PHE A 300 -18.96 -36.52 -6.92
CA PHE A 300 -17.79 -35.80 -7.39
C PHE A 300 -17.27 -36.51 -8.63
N PRO A 301 -17.57 -35.99 -9.82
CA PRO A 301 -17.22 -36.67 -11.08
C PRO A 301 -15.73 -36.96 -11.26
N ASP A 302 -14.83 -36.21 -10.64
CA ASP A 302 -13.40 -36.37 -10.87
C ASP A 302 -12.69 -36.76 -9.56
N PRO A 303 -12.84 -38.01 -9.13
CA PRO A 303 -12.31 -38.38 -7.80
C PRO A 303 -10.83 -38.10 -7.64
N GLU A 304 -10.05 -38.22 -8.71
CA GLU A 304 -8.61 -38.14 -8.61
C GLU A 304 -8.04 -36.80 -9.06
N SER A 305 -8.87 -35.82 -9.41
CA SER A 305 -8.35 -34.53 -9.83
C SER A 305 -7.48 -33.90 -8.74
N ARG A 306 -6.40 -33.26 -9.16
CA ARG A 306 -5.65 -32.36 -8.29
C ARG A 306 -5.68 -30.92 -8.77
N SER A 307 -6.54 -30.59 -9.72
CA SER A 307 -6.58 -29.22 -10.20
C SER A 307 -7.25 -28.26 -9.21
N SER A 308 -7.16 -26.97 -9.51
CA SER A 308 -7.67 -25.94 -8.63
C SER A 308 -9.14 -25.60 -8.86
N VAL A 309 -9.84 -26.41 -9.61
CA VAL A 309 -11.28 -26.30 -9.78
C VAL A 309 -11.88 -27.69 -9.54
N GLU A 310 -13.13 -27.71 -9.11
CA GLU A 310 -13.75 -28.95 -8.64
C GLU A 310 -15.16 -29.02 -9.18
N ARG A 311 -15.49 -30.10 -9.86
CA ARG A 311 -16.85 -30.34 -10.33
C ARG A 311 -17.68 -31.03 -9.26
N VAL A 312 -18.93 -30.63 -9.15
CA VAL A 312 -19.92 -31.27 -8.28
C VAL A 312 -21.15 -31.61 -9.10
N ALA A 313 -21.59 -32.85 -9.02
CA ALA A 313 -22.79 -33.33 -9.69
C ALA A 313 -23.92 -33.49 -8.68
N PHE A 314 -25.16 -33.36 -9.16
CA PHE A 314 -26.36 -33.48 -8.33
C PHE A 314 -27.51 -33.96 -9.21
N ALA A 315 -28.56 -34.43 -8.57
CA ALA A 315 -29.76 -34.87 -9.26
C ALA A 315 -30.92 -33.91 -9.03
N GLY A 316 -31.90 -33.97 -9.91
CA GLY A 316 -33.16 -33.28 -9.70
C GLY A 316 -33.21 -31.82 -10.12
N ARG A 317 -32.08 -31.24 -10.49
CA ARG A 317 -32.06 -29.83 -10.87
C ARG A 317 -30.83 -29.59 -11.75
N THR A 318 -30.85 -28.48 -12.49
CA THR A 318 -29.75 -28.14 -13.39
C THR A 318 -28.73 -27.24 -12.71
N GLY A 319 -27.49 -27.28 -13.21
CA GLY A 319 -26.48 -26.35 -12.74
C GLY A 319 -26.86 -24.89 -12.95
N THR A 320 -27.65 -24.60 -14.00
CA THR A 320 -28.18 -23.25 -14.19
C THR A 320 -29.12 -22.86 -13.05
N GLU A 321 -30.00 -23.77 -12.64
CA GLU A 321 -30.91 -23.48 -11.53
C GLU A 321 -30.14 -23.32 -10.22
N VAL A 322 -29.13 -24.16 -10.01
CA VAL A 322 -28.28 -24.04 -8.82
C VAL A 322 -27.54 -22.72 -8.85
N TRP A 323 -27.00 -22.36 -10.01
CA TRP A 323 -26.33 -21.06 -10.18
C TRP A 323 -27.27 -19.92 -9.85
N GLU A 324 -28.51 -19.97 -10.36
CA GLU A 324 -29.46 -18.91 -10.08
C GLU A 324 -29.75 -18.80 -8.59
N GLU A 325 -29.87 -19.94 -7.90
CA GLU A 325 -30.25 -19.92 -6.48
C GLU A 325 -29.10 -19.42 -5.63
N LEU A 326 -27.87 -19.88 -5.95
CA LEU A 326 -26.68 -19.44 -5.24
C LEU A 326 -26.52 -17.93 -5.32
N GLN A 327 -26.78 -17.36 -6.50
CA GLN A 327 -26.63 -15.93 -6.66
C GLN A 327 -27.54 -15.15 -5.74
N ARG A 328 -28.74 -15.68 -5.48
CA ARG A 328 -29.65 -15.01 -4.55
C ARG A 328 -29.03 -14.90 -3.17
N HIS A 329 -28.13 -15.82 -2.83
CA HIS A 329 -27.40 -15.78 -1.57
C HIS A 329 -26.01 -15.18 -1.72
N HIS A 330 -25.75 -14.47 -2.83
CA HIS A 330 -24.47 -13.78 -3.04
C HIS A 330 -23.28 -14.74 -3.14
N VAL A 331 -23.52 -15.94 -3.67
CA VAL A 331 -22.46 -16.90 -3.96
C VAL A 331 -22.41 -17.12 -5.46
N PHE A 332 -21.22 -17.04 -6.04
CA PHE A 332 -21.07 -17.05 -7.49
C PHE A 332 -20.18 -18.23 -7.87
N ALA A 333 -20.81 -19.28 -8.39
CA ALA A 333 -20.18 -20.46 -8.95
C ALA A 333 -20.48 -20.53 -10.45
N LEU A 334 -20.04 -21.61 -11.12
CA LEU A 334 -20.24 -21.74 -12.55
C LEU A 334 -21.06 -22.97 -12.90
N PRO A 335 -22.13 -22.83 -13.66
CA PRO A 335 -22.72 -24.00 -14.28
C PRO A 335 -21.72 -24.63 -15.24
N CYS A 336 -21.86 -25.94 -15.47
CA CYS A 336 -20.91 -26.64 -16.30
C CYS A 336 -21.26 -26.63 -17.79
N ARG A 337 -22.48 -26.20 -18.18
CA ARG A 337 -22.88 -26.21 -19.59
C ARG A 337 -21.78 -25.69 -20.50
N GLN A 338 -21.17 -24.55 -20.13
CA GLN A 338 -20.28 -23.87 -21.06
C GLN A 338 -19.05 -24.69 -21.40
N PHE A 339 -18.60 -25.59 -20.50
CA PHE A 339 -17.42 -26.40 -20.79
C PHE A 339 -17.72 -27.54 -21.76
N HIS A 340 -18.99 -27.93 -21.89
CA HIS A 340 -19.40 -28.92 -22.88
C HIS A 340 -19.77 -28.16 -24.16
N TRP A 341 -18.72 -27.66 -24.81
CA TRP A 341 -18.84 -26.70 -25.89
C TRP A 341 -19.52 -27.30 -27.11
N ALA A 342 -19.58 -28.62 -27.21
CA ALA A 342 -20.22 -29.26 -28.37
C ALA A 342 -21.62 -29.73 -28.05
N GLU A 343 -21.90 -30.05 -26.79
CA GLU A 343 -23.20 -30.62 -26.40
C GLU A 343 -23.49 -30.14 -24.97
N PRO A 344 -23.99 -28.90 -24.83
CA PRO A 344 -24.01 -28.26 -23.50
C PRO A 344 -24.83 -29.02 -22.47
N SER A 345 -25.86 -29.73 -22.91
CA SER A 345 -26.69 -30.46 -21.97
C SER A 345 -25.91 -31.56 -21.27
N ASP A 346 -24.75 -31.96 -21.79
CA ASP A 346 -23.90 -32.90 -21.05
C ASP A 346 -23.51 -32.34 -19.67
N GLY A 347 -23.42 -31.02 -19.54
CA GLY A 347 -23.01 -30.39 -18.30
C GLY A 347 -24.16 -29.92 -17.43
N ASP A 348 -25.39 -30.32 -17.74
CA ASP A 348 -26.59 -29.75 -17.12
C ASP A 348 -26.72 -30.10 -15.65
N HIS A 349 -26.08 -31.16 -15.18
CA HIS A 349 -26.28 -31.55 -13.78
C HIS A 349 -25.02 -31.41 -12.95
N MET A 350 -24.15 -30.46 -13.31
CA MET A 350 -22.91 -30.20 -12.59
C MET A 350 -22.70 -28.71 -12.48
N VAL A 351 -22.01 -28.29 -11.41
CA VAL A 351 -21.45 -26.96 -11.30
C VAL A 351 -19.96 -27.11 -11.03
N ARG A 352 -19.22 -26.03 -11.27
CA ARG A 352 -17.77 -26.00 -11.03
C ARG A 352 -17.45 -25.00 -9.93
N ILE A 353 -16.58 -25.40 -8.99
CA ILE A 353 -16.18 -24.58 -7.84
C ILE A 353 -14.70 -24.29 -7.91
N ALA A 354 -14.32 -23.02 -7.74
CA ALA A 354 -12.91 -22.63 -7.73
C ALA A 354 -12.29 -22.85 -6.35
N LEU A 355 -11.13 -23.51 -6.33
CA LEU A 355 -10.46 -23.86 -5.08
C LEU A 355 -9.31 -22.93 -4.71
N SER A 356 -8.79 -22.13 -5.65
CA SER A 356 -7.70 -21.19 -5.38
C SER A 356 -8.31 -19.97 -4.70
N ARG A 357 -8.71 -20.20 -3.45
CA ARG A 357 -9.43 -19.24 -2.64
C ARG A 357 -9.01 -19.46 -1.20
N SER A 358 -9.07 -18.39 -0.40
CA SER A 358 -8.90 -18.55 1.04
C SER A 358 -9.94 -19.51 1.57
N THR A 359 -9.52 -20.32 2.54
CA THR A 359 -10.34 -21.45 2.96
C THR A 359 -11.62 -21.01 3.67
N GLU A 360 -11.57 -19.92 4.46
CA GLU A 360 -12.78 -19.51 5.17
C GLU A 360 -13.91 -19.07 4.24
N PRO A 361 -13.70 -18.15 3.29
CA PRO A 361 -14.76 -17.84 2.32
C PRO A 361 -15.21 -19.05 1.50
N LEU A 362 -14.29 -19.94 1.16
CA LEU A 362 -14.67 -21.12 0.40
C LEU A 362 -15.63 -22.00 1.20
N GLU A 363 -15.28 -22.25 2.47
CA GLU A 363 -16.14 -23.10 3.30
C GLU A 363 -17.53 -22.48 3.49
N LYS A 364 -17.60 -21.17 3.73
CA LYS A 364 -18.90 -20.53 3.82
C LYS A 364 -19.70 -20.70 2.53
N SER A 365 -19.04 -20.59 1.37
CA SER A 365 -19.72 -20.74 0.09
C SER A 365 -20.31 -22.13 -0.08
N VAL A 366 -19.56 -23.18 0.29
CA VAL A 366 -20.08 -24.52 0.09
C VAL A 366 -21.13 -24.89 1.12
N GLN A 367 -21.15 -24.25 2.29
CA GLN A 367 -22.26 -24.50 3.19
C GLN A 367 -23.54 -23.88 2.66
N VAL A 368 -23.44 -22.77 1.93
CA VAL A 368 -24.59 -22.25 1.20
C VAL A 368 -25.01 -23.22 0.10
N LEU A 369 -24.04 -23.69 -0.68
CA LEU A 369 -24.36 -24.68 -1.71
C LEU A 369 -25.01 -25.92 -1.10
N ARG A 370 -24.50 -26.37 0.06
CA ARG A 370 -25.09 -27.54 0.71
C ARG A 370 -26.58 -27.34 0.96
N THR A 371 -26.97 -26.16 1.47
CA THR A 371 -28.40 -25.97 1.76
C THR A 371 -29.20 -26.00 0.46
N VAL A 372 -28.70 -25.35 -0.59
CA VAL A 372 -29.38 -25.33 -1.87
C VAL A 372 -29.69 -26.75 -2.33
N LEU A 373 -28.67 -27.60 -2.40
CA LEU A 373 -28.77 -28.92 -3.01
C LEU A 373 -29.62 -29.91 -2.20
N LEU B 23 23.32 1.00 -29.05
CA LEU B 23 22.55 2.24 -29.06
C LEU B 23 21.27 2.01 -29.88
N ASN B 24 20.12 1.87 -29.22
CA ASN B 24 18.87 1.62 -29.91
C ASN B 24 18.07 2.92 -30.00
N ILE B 25 17.87 3.42 -31.21
CA ILE B 25 16.96 4.53 -31.45
C ILE B 25 15.89 4.09 -32.45
N ALA B 26 15.47 2.84 -32.35
CA ALA B 26 14.51 2.30 -33.30
C ALA B 26 13.11 2.26 -32.68
N ASP B 27 12.92 1.39 -31.72
CA ASP B 27 11.59 1.10 -31.17
C ASP B 27 11.04 2.30 -30.42
N GLY B 28 9.75 2.60 -30.64
CA GLY B 28 9.15 3.81 -30.09
C GLY B 28 8.92 3.81 -28.59
N HIS B 29 8.91 2.63 -27.94
CA HIS B 29 8.62 2.57 -26.51
C HIS B 29 9.65 3.35 -25.69
N ALA B 30 9.22 3.85 -24.53
CA ALA B 30 10.05 4.74 -23.72
C ALA B 30 11.08 3.99 -22.88
N ARG B 31 12.31 4.47 -22.97
CA ARG B 31 13.46 3.89 -22.28
C ARG B 31 14.24 4.91 -21.47
N GLN B 32 13.80 6.16 -21.40
CA GLN B 32 14.48 7.13 -20.56
C GLN B 32 14.31 6.75 -19.10
N ALA B 33 15.10 7.38 -18.24
CA ALA B 33 14.97 7.19 -16.81
C ALA B 33 13.64 7.73 -16.31
N LEU B 34 13.17 7.13 -15.21
CA LEU B 34 12.04 7.64 -14.46
C LEU B 34 12.31 9.04 -13.93
N SER B 35 11.28 9.89 -13.91
CA SER B 35 11.36 11.13 -13.17
C SER B 35 11.22 10.86 -11.68
N PRO B 36 11.51 11.86 -10.83
CA PRO B 36 11.31 11.67 -9.39
C PRO B 36 9.88 11.32 -9.01
N GLY B 37 8.88 11.95 -9.64
CA GLY B 37 7.49 11.59 -9.34
C GLY B 37 7.16 10.16 -9.72
N GLN B 38 7.64 9.71 -10.89
CA GLN B 38 7.40 8.33 -11.33
C GLN B 38 8.17 7.34 -10.47
N GLN B 39 9.39 7.68 -10.12
CA GLN B 39 10.20 6.78 -9.31
C GLN B 39 9.61 6.58 -7.92
N LYS B 40 9.00 7.62 -7.36
CA LYS B 40 8.24 7.46 -6.12
C LYS B 40 7.14 6.41 -6.25
N ILE B 41 6.45 6.39 -7.38
CA ILE B 41 5.40 5.39 -7.60
C ILE B 41 6.00 3.98 -7.62
N VAL B 42 7.12 3.82 -8.34
CA VAL B 42 7.74 2.51 -8.47
C VAL B 42 8.18 2.00 -7.11
N ASN B 43 8.74 2.87 -6.30
CA ASN B 43 9.19 2.40 -5.00
C ASN B 43 8.03 2.09 -4.06
N GLU B 44 6.80 2.46 -4.42
CA GLU B 44 5.61 2.10 -3.68
C GLU B 44 4.83 0.97 -4.34
N LEU B 45 5.46 0.24 -5.26
CA LEU B 45 4.77 -0.87 -5.92
C LEU B 45 4.21 -1.90 -4.94
N PRO B 46 4.90 -2.31 -3.87
CA PRO B 46 4.24 -3.21 -2.89
C PRO B 46 2.95 -2.64 -2.31
N VAL B 47 2.83 -1.30 -2.25
CA VAL B 47 1.59 -0.70 -1.72
C VAL B 47 0.48 -0.80 -2.74
N LEU B 48 0.80 -0.58 -4.02
CA LEU B 48 -0.20 -0.78 -5.06
C LEU B 48 -0.63 -2.23 -5.09
N TRP B 49 0.30 -3.16 -4.83
CA TRP B 49 -0.08 -4.56 -4.72
C TRP B 49 -1.10 -4.76 -3.61
N ALA B 50 -0.81 -4.20 -2.44
CA ALA B 50 -1.72 -4.36 -1.30
C ALA B 50 -3.08 -3.77 -1.63
N GLU B 51 -3.11 -2.61 -2.27
CA GLU B 51 -4.39 -2.04 -2.66
C GLU B 51 -5.13 -2.96 -3.63
N SER B 52 -4.39 -3.52 -4.61
CA SER B 52 -4.99 -4.41 -5.61
C SER B 52 -5.56 -5.68 -5.00
N GLU B 53 -4.93 -6.20 -3.94
CA GLU B 53 -5.50 -7.33 -3.21
C GLU B 53 -6.79 -6.97 -2.49
N GLN B 54 -6.91 -5.72 -2.02
CA GLN B 54 -8.00 -5.35 -1.14
C GLN B 54 -9.21 -4.78 -1.87
N ARG B 55 -9.03 -4.08 -3.00
CA ARG B 55 -10.16 -3.39 -3.59
C ARG B 55 -10.65 -4.13 -4.85
N PRO B 56 -11.92 -3.97 -5.22
CA PRO B 56 -12.41 -4.55 -6.47
C PRO B 56 -11.70 -3.96 -7.67
N VAL B 57 -11.34 -4.83 -8.62
CA VAL B 57 -10.59 -4.37 -9.79
C VAL B 57 -11.41 -3.34 -10.54
N GLN B 58 -12.73 -3.49 -10.55
CA GLN B 58 -13.57 -2.55 -11.29
C GLN B 58 -13.42 -1.13 -10.75
N GLN B 59 -13.24 -0.98 -9.44
CA GLN B 59 -13.08 0.37 -8.91
C GLN B 59 -11.72 0.94 -9.30
N ILE B 60 -10.66 0.14 -9.18
CA ILE B 60 -9.34 0.63 -9.58
C ILE B 60 -9.33 0.93 -11.06
N GLU B 61 -9.99 0.10 -11.86
CA GLU B 61 -10.04 0.32 -13.30
C GLU B 61 -10.71 1.65 -13.63
N SER B 62 -11.87 1.92 -13.02
CA SER B 62 -12.58 3.16 -13.26
C SER B 62 -11.74 4.37 -12.87
N GLU B 63 -10.98 4.27 -11.79
CA GLU B 63 -10.11 5.36 -11.40
C GLU B 63 -8.98 5.53 -12.41
N ALA B 64 -8.43 4.43 -12.92
CA ALA B 64 -7.35 4.51 -13.89
C ALA B 64 -7.85 5.15 -15.19
N HIS B 65 -9.01 4.71 -15.67
CA HIS B 65 -9.59 5.33 -16.88
C HIS B 65 -9.86 6.80 -16.66
N GLN B 66 -10.48 7.14 -15.55
CA GLN B 66 -10.79 8.53 -15.30
C GLN B 66 -9.53 9.38 -15.30
N ALA B 67 -8.47 8.93 -14.62
CA ALA B 67 -7.25 9.73 -14.58
C ALA B 67 -6.64 9.91 -15.97
N TYR B 68 -6.57 8.84 -16.77
CA TYR B 68 -5.92 8.92 -18.08
C TYR B 68 -6.73 9.77 -19.06
N PHE B 69 -8.05 9.50 -19.17
CA PHE B 69 -8.86 10.25 -20.13
C PHE B 69 -8.91 11.74 -19.78
N THR B 70 -9.12 12.09 -18.50
CA THR B 70 -9.23 13.51 -18.15
C THR B 70 -7.87 14.21 -18.29
N LEU B 71 -6.79 13.51 -17.96
CA LEU B 71 -5.45 14.05 -18.22
C LEU B 71 -5.32 14.59 -19.64
N LEU B 72 -5.82 13.87 -20.64
CA LEU B 72 -5.63 14.21 -22.04
C LEU B 72 -6.87 14.86 -22.66
N GLY B 73 -7.74 15.41 -21.83
CA GLY B 73 -8.85 16.23 -22.30
C GLY B 73 -10.04 15.46 -22.82
N GLN B 74 -10.10 14.14 -22.61
CA GLN B 74 -11.16 13.32 -23.19
C GLN B 74 -12.30 13.19 -22.20
N HIS B 75 -12.87 14.34 -21.83
CA HIS B 75 -13.85 14.37 -20.74
C HIS B 75 -15.14 13.63 -21.10
N GLY B 76 -15.47 13.54 -22.37
CA GLY B 76 -16.70 12.89 -22.77
C GLY B 76 -16.61 11.40 -22.94
N TYR B 77 -15.52 10.75 -22.53
CA TYR B 77 -15.41 9.31 -22.70
C TYR B 77 -16.55 8.61 -21.98
N PRO B 78 -17.02 7.45 -22.49
CA PRO B 78 -18.10 6.74 -21.81
C PRO B 78 -17.63 6.08 -20.53
N ALA B 79 -18.09 6.58 -19.38
CA ALA B 79 -17.55 6.22 -18.08
C ALA B 79 -18.34 5.14 -17.38
N GLU B 80 -19.46 4.71 -17.95
CA GLU B 80 -20.20 3.61 -17.38
C GLU B 80 -19.33 2.35 -17.37
N PRO B 81 -19.29 1.60 -16.26
CA PRO B 81 -18.44 0.39 -16.21
C PRO B 81 -18.75 -0.54 -17.36
N GLY B 82 -17.68 -1.03 -18.02
CA GLY B 82 -17.80 -1.94 -19.15
C GLY B 82 -17.83 -1.31 -20.53
N ARG B 83 -17.85 0.03 -20.65
CA ARG B 83 -17.80 0.64 -21.97
C ARG B 83 -16.37 0.82 -22.48
N VAL B 84 -15.41 0.98 -21.57
CA VAL B 84 -14.00 1.01 -21.91
C VAL B 84 -13.43 -0.35 -21.56
N LEU B 85 -12.94 -1.06 -22.56
CA LEU B 85 -12.40 -2.41 -22.34
C LEU B 85 -10.88 -2.36 -22.23
N SER B 86 -10.36 -2.76 -21.08
CA SER B 86 -8.92 -2.71 -20.86
C SER B 86 -8.25 -3.95 -21.43
N CYS B 87 -7.23 -3.77 -22.26
CA CYS B 87 -6.53 -4.86 -22.93
C CYS B 87 -5.05 -4.83 -22.57
N TYR B 88 -4.37 -5.99 -22.74
CA TYR B 88 -2.94 -6.09 -22.39
C TYR B 88 -2.10 -5.08 -23.15
N SER B 89 -2.50 -4.74 -24.36
CA SER B 89 -1.79 -3.77 -25.15
C SER B 89 -2.75 -3.21 -26.20
N SER B 90 -2.29 -2.17 -26.86
CA SER B 90 -3.03 -1.60 -27.99
C SER B 90 -3.03 -2.54 -29.17
N SER B 91 -1.99 -3.37 -29.34
CA SER B 91 -2.00 -4.35 -30.44
C SER B 91 -2.98 -5.49 -30.20
N VAL B 92 -3.20 -5.88 -28.93
CA VAL B 92 -4.29 -6.83 -28.64
C VAL B 92 -5.65 -6.19 -28.93
N SER B 93 -5.84 -4.92 -28.53
CA SER B 93 -7.04 -4.18 -28.92
C SER B 93 -7.23 -4.21 -30.43
N MET B 94 -6.14 -4.03 -31.17
CA MET B 94 -6.21 -3.97 -32.62
C MET B 94 -6.52 -5.34 -33.22
N GLU B 95 -5.97 -6.41 -32.63
CA GLU B 95 -6.34 -7.76 -33.05
C GLU B 95 -7.83 -8.01 -32.84
N ILE B 96 -8.36 -7.59 -31.70
CA ILE B 96 -9.78 -7.72 -31.41
C ILE B 96 -10.59 -6.93 -32.43
N LEU B 97 -10.17 -5.70 -32.71
CA LEU B 97 -10.89 -4.89 -33.65
C LEU B 97 -10.82 -5.48 -35.07
N ALA B 98 -9.63 -5.89 -35.48
CA ALA B 98 -9.45 -6.43 -36.83
C ALA B 98 -10.31 -7.68 -37.04
N ARG B 99 -10.27 -8.61 -36.10
CA ARG B 99 -11.07 -9.81 -36.26
C ARG B 99 -12.55 -9.48 -36.20
N SER B 100 -12.92 -8.51 -35.34
CA SER B 100 -14.31 -8.07 -35.25
C SER B 100 -14.78 -7.49 -36.58
N LEU B 101 -13.99 -6.62 -37.19
CA LEU B 101 -14.33 -6.07 -38.50
C LEU B 101 -14.58 -7.17 -39.52
N SER B 102 -13.76 -8.22 -39.51
CA SER B 102 -13.87 -9.24 -40.57
C SER B 102 -15.19 -9.98 -40.54
N ALA B 103 -16.00 -9.84 -39.49
CA ALA B 103 -17.31 -10.46 -39.48
C ALA B 103 -18.17 -9.93 -40.63
N SER B 104 -18.04 -8.64 -40.96
CA SER B 104 -18.97 -8.00 -41.89
C SER B 104 -18.32 -6.98 -42.81
N VAL B 105 -17.01 -6.75 -42.72
CA VAL B 105 -16.32 -5.76 -43.54
C VAL B 105 -15.30 -6.50 -44.38
N ASP B 106 -15.17 -6.13 -45.65
CA ASP B 106 -14.14 -6.73 -46.47
C ASP B 106 -12.95 -5.80 -46.75
N ARG B 107 -13.17 -4.51 -46.74
CA ARG B 107 -12.15 -3.55 -47.11
C ARG B 107 -12.10 -2.43 -46.08
N VAL B 108 -10.90 -1.93 -45.81
CA VAL B 108 -10.66 -0.85 -44.86
C VAL B 108 -9.81 0.21 -45.54
N ALA B 109 -10.22 1.46 -45.41
CA ALA B 109 -9.39 2.59 -45.81
C ALA B 109 -8.49 2.95 -44.64
N LEU B 110 -7.18 3.00 -44.90
CA LEU B 110 -6.16 3.18 -43.85
C LEU B 110 -5.19 4.29 -44.25
N VAL B 111 -4.88 5.16 -43.28
CA VAL B 111 -3.98 6.28 -43.54
C VAL B 111 -2.61 5.72 -43.95
N HIS B 112 -1.95 6.44 -44.83
CA HIS B 112 -0.70 5.98 -45.43
C HIS B 112 0.23 7.22 -45.50
N PRO B 113 1.42 7.15 -44.91
CA PRO B 113 2.00 6.06 -44.12
C PRO B 113 1.36 5.90 -42.77
N THR B 114 1.62 4.77 -42.12
CA THR B 114 1.32 4.67 -40.70
C THR B 114 2.10 3.49 -40.09
N PHE B 115 1.87 3.27 -38.81
CA PHE B 115 2.36 2.15 -38.02
C PHE B 115 1.98 0.87 -38.74
N ASP B 116 2.94 0.18 -39.34
CA ASP B 116 2.59 -0.84 -40.34
C ASP B 116 2.09 -2.14 -39.73
N ASN B 117 2.22 -2.29 -38.41
CA ASN B 117 1.59 -3.41 -37.73
C ASN B 117 0.09 -3.39 -37.92
N ILE B 118 -0.49 -2.19 -38.04
CA ILE B 118 -1.94 -2.09 -38.24
C ILE B 118 -2.32 -2.76 -39.54
N ALA B 119 -1.55 -2.50 -40.61
CA ALA B 119 -1.79 -3.16 -41.88
C ALA B 119 -1.67 -4.68 -41.73
N ASP B 120 -0.66 -5.16 -41.00
CA ASP B 120 -0.44 -6.61 -40.88
C ASP B 120 -1.58 -7.27 -40.11
N LEU B 121 -2.07 -6.61 -39.05
CA LEU B 121 -3.18 -7.17 -38.28
C LEU B 121 -4.47 -7.18 -39.10
N LEU B 122 -4.74 -6.11 -39.84
CA LEU B 122 -5.93 -6.07 -40.70
C LEU B 122 -5.84 -7.10 -41.83
N ARG B 123 -4.71 -7.15 -42.55
CA ARG B 123 -4.55 -8.13 -43.62
C ARG B 123 -4.58 -9.54 -43.07
N GLY B 124 -3.94 -9.79 -41.93
CA GLY B 124 -3.93 -11.12 -41.36
C GLY B 124 -5.32 -11.61 -40.99
N ASN B 125 -6.24 -10.71 -40.72
CA ASN B 125 -7.61 -11.07 -40.42
C ASN B 125 -8.52 -10.99 -41.65
N GLY B 126 -7.96 -10.91 -42.83
CA GLY B 126 -8.75 -11.03 -44.05
C GLY B 126 -9.27 -9.74 -44.64
N LEU B 127 -8.81 -8.58 -44.18
CA LEU B 127 -9.29 -7.32 -44.73
C LEU B 127 -8.38 -6.89 -45.86
N ASP B 128 -8.98 -6.38 -46.94
CA ASP B 128 -8.24 -5.75 -48.02
C ASP B 128 -8.13 -4.25 -47.71
N LEU B 129 -6.99 -3.65 -48.02
CA LEU B 129 -6.72 -2.27 -47.60
C LEU B 129 -6.71 -1.30 -48.77
N VAL B 130 -7.21 -0.09 -48.54
CA VAL B 130 -7.15 1.02 -49.48
C VAL B 130 -6.37 2.13 -48.81
N PRO B 131 -5.23 2.57 -49.36
CA PRO B 131 -4.47 3.64 -48.69
C PRO B 131 -5.14 4.99 -48.89
N VAL B 132 -5.09 5.82 -47.85
CA VAL B 132 -5.45 7.25 -47.96
C VAL B 132 -4.23 8.07 -47.57
N GLU B 133 -3.68 8.83 -48.52
CA GLU B 133 -2.56 9.70 -48.22
C GLU B 133 -2.98 10.79 -47.24
N GLU B 134 -2.01 11.29 -46.46
CA GLU B 134 -2.33 12.22 -45.38
C GLU B 134 -2.93 13.51 -45.89
N ASP B 135 -2.37 14.09 -46.96
CA ASP B 135 -2.87 15.37 -47.44
C ASP B 135 -4.31 15.24 -47.87
N ALA B 136 -4.68 14.12 -48.46
CA ALA B 136 -6.07 13.88 -48.85
C ALA B 136 -6.96 13.70 -47.61
N LEU B 137 -6.50 12.94 -46.62
CA LEU B 137 -7.32 12.70 -45.42
C LEU B 137 -7.57 13.99 -44.64
N HIS B 138 -6.55 14.81 -44.46
CA HIS B 138 -6.65 16.02 -43.65
C HIS B 138 -7.17 17.22 -44.44
N GLY B 139 -6.97 17.23 -45.75
CA GLY B 139 -7.21 18.42 -46.55
C GLY B 139 -8.53 18.44 -47.31
N ALA B 140 -9.27 17.35 -47.37
CA ALA B 140 -10.48 17.36 -48.18
C ALA B 140 -11.39 16.23 -47.73
N ASP B 141 -12.69 16.37 -48.02
CA ASP B 141 -13.61 15.28 -47.78
C ASP B 141 -13.13 14.01 -48.49
N LEU B 142 -13.54 12.87 -47.95
CA LEU B 142 -13.36 11.62 -48.67
C LEU B 142 -14.44 11.52 -49.75
N SER B 143 -14.11 10.89 -50.88
CA SER B 143 -15.13 10.75 -51.93
C SER B 143 -16.17 9.71 -51.55
N ALA B 144 -17.36 9.88 -52.08
CA ALA B 144 -18.42 8.91 -51.90
C ALA B 144 -18.02 7.56 -52.49
N GLU B 145 -17.19 7.55 -53.52
CA GLU B 145 -16.80 6.29 -54.11
C GLU B 145 -15.91 5.48 -53.17
N LEU B 146 -15.10 6.15 -52.35
CA LEU B 146 -14.33 5.43 -51.32
C LEU B 146 -15.25 4.87 -50.26
N LEU B 147 -16.22 5.66 -49.81
CA LEU B 147 -17.05 5.25 -48.70
C LEU B 147 -18.03 4.14 -49.06
N SER B 148 -18.37 3.99 -50.33
CA SER B 148 -19.14 2.83 -50.75
C SER B 148 -18.25 1.62 -51.04
N SER B 149 -16.93 1.80 -51.02
CA SER B 149 -16.01 0.69 -51.24
C SER B 149 -15.37 0.15 -49.96
N VAL B 150 -15.55 0.78 -48.80
CA VAL B 150 -14.93 0.30 -47.56
C VAL B 150 -15.95 0.28 -46.44
N GLY B 151 -15.78 -0.62 -45.49
CA GLY B 151 -16.67 -0.63 -44.35
C GLY B 151 -16.11 0.06 -43.12
N CYS B 152 -14.88 0.52 -43.20
CA CYS B 152 -14.18 1.18 -42.10
C CYS B 152 -13.15 2.15 -42.64
N VAL B 153 -13.02 3.30 -41.98
CA VAL B 153 -11.93 4.27 -42.20
C VAL B 153 -11.06 4.30 -40.94
N PHE B 154 -9.76 4.07 -41.09
CA PHE B 154 -8.88 3.92 -39.93
C PHE B 154 -7.80 5.00 -39.95
N VAL B 155 -7.76 5.82 -38.89
CA VAL B 155 -6.86 6.96 -38.78
C VAL B 155 -6.03 6.86 -37.50
N THR B 156 -4.71 6.86 -37.65
CA THR B 156 -3.78 6.99 -36.52
C THR B 156 -3.54 8.47 -36.27
N THR B 157 -3.89 8.96 -35.07
CA THR B 157 -3.73 10.41 -34.77
C THR B 157 -3.42 10.61 -33.29
N PRO B 158 -2.30 11.32 -32.98
CA PRO B 158 -1.25 11.75 -33.92
C PRO B 158 -0.66 10.56 -34.69
N ASN B 159 -0.33 10.76 -35.95
CA ASN B 159 0.12 9.64 -36.74
C ASN B 159 1.54 9.23 -36.36
N ASN B 160 1.79 7.93 -36.47
CA ASN B 160 3.12 7.36 -36.35
C ASN B 160 3.42 6.84 -37.75
N PRO B 161 4.45 7.35 -38.43
CA PRO B 161 5.62 8.11 -37.93
C PRO B 161 5.64 9.66 -38.10
N THR B 162 4.60 10.27 -38.67
CA THR B 162 4.71 11.65 -39.10
C THR B 162 4.40 12.67 -38.00
N GLY B 163 3.68 12.26 -36.95
CA GLY B 163 3.23 13.15 -35.91
C GLY B 163 2.04 14.00 -36.28
N ARG B 164 1.48 13.80 -37.48
CA ARG B 164 0.41 14.65 -37.94
C ARG B 164 -0.85 14.43 -37.12
N VAL B 165 -1.50 15.50 -36.70
CA VAL B 165 -2.66 15.44 -35.81
C VAL B 165 -3.92 15.72 -36.61
N LEU B 166 -4.92 14.86 -36.47
CA LEU B 166 -6.21 15.12 -37.06
C LEU B 166 -6.92 16.24 -36.28
N ALA B 167 -7.06 17.40 -36.92
CA ALA B 167 -7.73 18.54 -36.30
C ALA B 167 -9.23 18.26 -36.08
N GLU B 168 -9.79 19.02 -35.13
CA GLU B 168 -11.16 18.77 -34.68
C GLU B 168 -12.18 18.94 -35.82
N GLU B 169 -11.98 19.95 -36.67
CA GLU B 169 -12.92 20.20 -37.76
C GLU B 169 -12.89 19.07 -38.78
N ARG B 170 -11.71 18.47 -39.03
CA ARG B 170 -11.69 17.35 -39.97
C ARG B 170 -12.20 16.07 -39.33
N LEU B 171 -11.96 15.84 -38.03
CA LEU B 171 -12.57 14.69 -37.37
C LEU B 171 -14.09 14.76 -37.43
N ARG B 172 -14.65 15.93 -37.18
CA ARG B 172 -16.10 16.08 -37.24
C ARG B 172 -16.66 15.77 -38.64
N ARG B 173 -16.03 16.33 -39.69
CA ARG B 173 -16.49 16.04 -41.06
C ARG B 173 -16.30 14.57 -41.42
N LEU B 174 -15.19 13.97 -40.96
CA LEU B 174 -14.98 12.54 -41.21
C LEU B 174 -16.06 11.72 -40.53
N ALA B 175 -16.35 12.03 -39.27
CA ALA B 175 -17.39 11.30 -38.55
C ALA B 175 -18.75 11.50 -39.19
N GLU B 176 -19.05 12.71 -39.67
CA GLU B 176 -20.31 12.94 -40.38
C GLU B 176 -20.38 12.15 -41.69
N GLN B 177 -19.29 12.12 -42.47
CA GLN B 177 -19.28 11.30 -43.68
C GLN B 177 -19.49 9.83 -43.34
N CYS B 178 -18.79 9.34 -42.30
CA CYS B 178 -18.96 7.94 -41.91
C CYS B 178 -20.40 7.66 -41.46
N ALA B 179 -21.02 8.60 -40.75
CA ALA B 179 -22.43 8.43 -40.38
C ALA B 179 -23.34 8.34 -41.60
N GLU B 180 -23.08 9.18 -42.62
CA GLU B 180 -23.93 9.17 -43.81
C GLU B 180 -23.88 7.84 -44.53
N HIS B 181 -22.75 7.15 -44.44
CA HIS B 181 -22.52 5.94 -45.23
C HIS B 181 -22.54 4.64 -44.43
N GLY B 182 -22.81 4.68 -43.12
CA GLY B 182 -22.81 3.48 -42.30
C GLY B 182 -21.44 2.88 -42.07
N THR B 183 -20.39 3.67 -42.25
CA THR B 183 -19.00 3.28 -42.10
C THR B 183 -18.53 3.39 -40.67
N VAL B 184 -17.71 2.44 -40.26
CA VAL B 184 -17.01 2.52 -38.97
C VAL B 184 -15.85 3.50 -39.11
N LEU B 185 -15.77 4.47 -38.18
CA LEU B 185 -14.60 5.32 -38.01
C LEU B 185 -13.77 4.83 -36.83
N ALA B 186 -12.54 4.41 -37.11
CA ALA B 186 -11.60 3.86 -36.13
C ALA B 186 -10.40 4.79 -35.97
N LEU B 187 -10.06 5.11 -34.72
CA LEU B 187 -8.91 5.93 -34.42
C LEU B 187 -7.94 5.19 -33.50
N ASP B 188 -6.65 5.25 -33.84
CA ASP B 188 -5.58 4.77 -32.97
C ASP B 188 -4.86 5.98 -32.41
N THR B 189 -5.01 6.21 -31.10
CA THR B 189 -4.57 7.45 -30.45
C THR B 189 -3.42 7.21 -29.47
N SER B 190 -2.56 6.24 -29.79
CA SER B 190 -1.42 5.91 -28.95
C SER B 190 -0.56 7.13 -28.61
N PHE B 191 -0.31 8.02 -29.59
CA PHE B 191 0.57 9.16 -29.40
C PHE B 191 -0.14 10.39 -28.80
N ARG B 192 -1.40 10.25 -28.40
CA ARG B 192 -2.19 11.39 -27.93
C ARG B 192 -1.46 12.21 -26.87
N GLY B 193 -0.87 11.54 -25.88
CA GLY B 193 -0.31 12.23 -24.74
C GLY B 193 0.79 13.21 -25.09
N PHE B 194 1.43 13.02 -26.24
CA PHE B 194 2.58 13.82 -26.63
C PHE B 194 2.20 15.17 -27.21
N ASP B 195 1.00 15.30 -27.77
CA ASP B 195 0.67 16.48 -28.57
C ASP B 195 -0.62 17.11 -28.08
N ALA B 196 -0.50 18.28 -27.47
CA ALA B 196 -1.66 19.01 -26.97
C ALA B 196 -2.68 19.31 -28.05
N ALA B 197 -2.28 19.34 -29.33
CA ALA B 197 -3.29 19.56 -30.37
C ALA B 197 -4.28 18.40 -30.46
N ALA B 198 -3.93 17.24 -29.91
CA ALA B 198 -4.83 16.10 -29.86
C ALA B 198 -5.61 15.99 -28.55
N HIS B 199 -5.66 17.06 -27.74
CA HIS B 199 -6.34 17.00 -26.45
C HIS B 199 -7.70 17.69 -26.45
N TYR B 200 -8.18 18.15 -27.60
CA TYR B 200 -9.60 18.42 -27.71
C TYR B 200 -10.37 17.11 -27.56
N ASP B 201 -11.61 17.23 -27.13
CA ASP B 201 -12.40 16.08 -26.71
C ASP B 201 -12.90 15.33 -27.95
N HIS B 202 -12.23 14.22 -28.28
CA HIS B 202 -12.62 13.41 -29.43
C HIS B 202 -13.95 12.70 -29.21
N TYR B 203 -14.27 12.30 -27.98
CA TYR B 203 -15.49 11.54 -27.74
C TYR B 203 -16.72 12.42 -27.91
N ALA B 204 -16.64 13.69 -27.48
CA ALA B 204 -17.71 14.64 -27.77
C ALA B 204 -17.98 14.76 -29.26
N VAL B 205 -16.92 14.83 -30.08
CA VAL B 205 -17.11 14.96 -31.51
C VAL B 205 -17.77 13.71 -32.06
N LEU B 206 -17.22 12.53 -31.74
CA LEU B 206 -17.72 11.26 -32.26
C LEU B 206 -19.18 11.03 -31.86
N GLN B 207 -19.49 11.28 -30.59
CA GLN B 207 -20.84 11.08 -30.09
C GLN B 207 -21.83 12.06 -30.68
N GLU B 208 -21.42 13.29 -30.97
CA GLU B 208 -22.36 14.20 -31.59
C GLU B 208 -22.58 13.87 -33.06
N ALA B 209 -21.54 13.42 -33.76
CA ALA B 209 -21.69 13.04 -35.17
C ALA B 209 -22.54 11.79 -35.32
N GLY B 210 -22.52 10.90 -34.34
CA GLY B 210 -23.39 9.75 -34.39
C GLY B 210 -23.00 8.69 -35.39
N CYS B 211 -21.72 8.62 -35.79
CA CYS B 211 -21.25 7.51 -36.61
C CYS B 211 -21.00 6.28 -35.71
N ARG B 212 -20.84 5.13 -36.36
CA ARG B 212 -20.26 4.00 -35.65
C ARG B 212 -18.78 4.30 -35.42
N TRP B 213 -18.30 4.18 -34.19
CA TRP B 213 -16.90 4.58 -33.95
C TRP B 213 -16.22 3.64 -32.96
N VAL B 214 -14.90 3.60 -33.09
CA VAL B 214 -14.05 2.87 -32.18
C VAL B 214 -12.75 3.66 -32.00
N VAL B 215 -12.29 3.76 -30.77
CA VAL B 215 -11.01 4.41 -30.46
C VAL B 215 -10.18 3.42 -29.66
N ILE B 216 -8.92 3.28 -30.04
CA ILE B 216 -7.95 2.52 -29.26
C ILE B 216 -6.97 3.51 -28.65
N GLU B 217 -7.13 3.77 -27.35
CA GLU B 217 -6.13 4.51 -26.58
C GLU B 217 -5.03 3.56 -26.14
N ASP B 218 -3.90 4.11 -25.74
CA ASP B 218 -2.73 3.32 -25.39
C ASP B 218 -1.91 4.11 -24.39
N THR B 219 -1.55 3.47 -23.26
CA THR B 219 -0.67 4.11 -22.31
C THR B 219 0.80 3.77 -22.55
N GLY B 220 1.08 2.81 -23.42
CA GLY B 220 2.40 2.23 -23.49
C GLY B 220 3.54 3.04 -24.09
N LEU B 222 3.97 6.46 -23.55
CA LEU B 222 4.23 7.71 -22.82
C LEU B 222 5.37 7.65 -21.81
N TRP B 223 5.42 6.55 -21.09
CA TRP B 223 6.20 6.46 -19.87
C TRP B 223 7.10 5.24 -19.88
N PRO B 224 8.25 5.32 -19.22
CA PRO B 224 9.17 4.17 -19.14
C PRO B 224 8.72 3.17 -18.07
N THR B 225 7.69 2.39 -18.42
CA THR B 225 7.08 1.47 -17.45
C THR B 225 7.41 0.01 -17.74
N LEU B 226 8.50 -0.26 -18.45
CA LEU B 226 8.93 -1.63 -18.70
C LEU B 226 7.83 -2.43 -19.40
N ASP B 227 7.12 -1.77 -20.33
CA ASP B 227 6.00 -2.37 -21.07
C ASP B 227 4.80 -2.74 -20.17
N LEU B 228 4.71 -2.22 -18.96
CA LEU B 228 3.51 -2.38 -18.16
C LEU B 228 2.53 -1.32 -18.62
N LYS B 229 1.43 -1.73 -19.27
CA LYS B 229 0.63 -0.81 -20.05
C LYS B 229 -0.76 -1.39 -20.25
N ALA B 230 -1.61 -0.60 -20.90
CA ALA B 230 -2.91 -1.08 -21.34
C ALA B 230 -3.30 -0.40 -22.63
N GLY B 231 -3.92 -1.19 -23.53
CA GLY B 231 -4.73 -0.62 -24.57
C GLY B 231 -6.13 -0.45 -24.03
N LEU B 232 -6.75 0.66 -24.36
CA LEU B 232 -8.14 0.93 -23.97
C LEU B 232 -9.00 0.95 -25.23
N LEU B 233 -9.83 -0.05 -25.35
CA LEU B 233 -10.72 -0.19 -26.50
C LEU B 233 -12.07 0.39 -26.13
N VAL B 234 -12.45 1.45 -26.84
CA VAL B 234 -13.67 2.21 -26.61
C VAL B 234 -14.48 2.22 -27.90
N PHE B 235 -15.78 2.00 -27.79
CA PHE B 235 -16.58 1.94 -29.01
C PHE B 235 -18.01 2.40 -28.76
N SER B 236 -18.66 2.83 -29.83
CA SER B 236 -20.03 3.31 -29.74
C SER B 236 -20.99 2.15 -29.47
N GLU B 237 -22.14 2.49 -28.91
CA GLU B 237 -23.14 1.47 -28.58
C GLU B 237 -23.80 0.89 -29.80
N ASP B 238 -23.64 1.50 -30.97
CA ASP B 238 -24.14 1.00 -32.24
C ASP B 238 -23.01 0.48 -33.13
N ILE B 239 -21.89 0.07 -32.53
CA ILE B 239 -20.71 -0.31 -33.30
C ILE B 239 -21.05 -1.39 -34.35
N GLY B 240 -21.93 -2.31 -34.01
CA GLY B 240 -22.39 -3.31 -34.97
C GLY B 240 -21.35 -4.35 -35.35
N LEU B 241 -20.38 -4.59 -34.49
CA LEU B 241 -19.30 -5.54 -34.66
C LEU B 241 -19.26 -6.37 -33.38
N PRO B 242 -18.84 -7.65 -33.45
CA PRO B 242 -18.79 -8.47 -32.22
C PRO B 242 -17.56 -8.23 -31.34
N VAL B 243 -17.24 -6.96 -31.09
CA VAL B 243 -16.03 -6.61 -30.34
C VAL B 243 -16.13 -7.07 -28.89
N GLU B 244 -17.29 -6.94 -28.24
CA GLU B 244 -17.35 -7.36 -26.84
C GLU B 244 -17.14 -8.87 -26.71
N LYS B 245 -17.75 -9.63 -27.61
CA LYS B 245 -17.58 -11.08 -27.59
C LYS B 245 -16.13 -11.47 -27.79
N ILE B 246 -15.49 -10.88 -28.80
CA ILE B 246 -14.12 -11.29 -29.10
C ILE B 246 -13.16 -10.83 -28.01
N TYR B 247 -13.37 -9.62 -27.47
CA TYR B 247 -12.61 -9.20 -26.29
C TYR B 247 -12.69 -10.25 -25.20
N SER B 248 -13.91 -10.66 -24.85
CA SER B 248 -14.09 -11.60 -23.77
C SER B 248 -13.60 -13.01 -24.10
N ASP B 249 -13.50 -13.37 -25.39
CA ASP B 249 -12.84 -14.63 -25.74
C ASP B 249 -11.34 -14.56 -25.48
N ILE B 250 -10.76 -13.38 -25.56
CA ILE B 250 -9.31 -13.26 -25.35
C ILE B 250 -8.96 -12.94 -23.90
N LEU B 251 -9.73 -12.11 -23.15
CA LEU B 251 -9.30 -11.84 -21.78
C LEU B 251 -10.48 -11.38 -20.92
N LEU B 252 -10.31 -11.55 -19.62
CA LEU B 252 -11.27 -11.04 -18.66
C LEU B 252 -10.97 -9.61 -18.24
N GLY B 253 -9.73 -9.19 -18.39
CA GLY B 253 -9.32 -7.86 -17.99
C GLY B 253 -7.83 -7.86 -17.74
N VAL B 254 -7.35 -6.70 -17.33
CA VAL B 254 -5.96 -6.45 -17.07
C VAL B 254 -5.69 -6.44 -15.56
N SER B 255 -4.44 -6.71 -15.19
CA SER B 255 -4.03 -6.78 -13.80
C SER B 255 -4.44 -5.50 -13.07
N PRO B 256 -5.05 -5.59 -11.89
CA PRO B 256 -5.27 -4.37 -11.09
C PRO B 256 -3.99 -3.64 -10.75
N LEU B 257 -2.85 -4.34 -10.68
CA LEU B 257 -1.60 -3.64 -10.39
C LEU B 257 -1.22 -2.70 -11.53
N ILE B 258 -1.45 -3.12 -12.78
CA ILE B 258 -1.12 -2.30 -13.95
C ILE B 258 -2.09 -1.12 -14.04
N LEU B 259 -3.37 -1.36 -13.76
CA LEU B 259 -4.33 -0.26 -13.72
C LEU B 259 -3.97 0.76 -12.64
N ALA B 260 -3.54 0.29 -11.46
CA ALA B 260 -3.15 1.22 -10.38
C ALA B 260 -1.92 2.01 -10.78
N LEU B 261 -0.96 1.34 -11.42
CA LEU B 261 0.19 2.04 -11.97
C LEU B 261 -0.24 3.11 -12.99
N ILE B 262 -1.16 2.78 -13.89
CA ILE B 262 -1.60 3.77 -14.88
C ILE B 262 -2.28 4.94 -14.17
N ARG B 263 -3.13 4.66 -13.20
CA ARG B 263 -3.75 5.73 -12.44
C ARG B 263 -2.69 6.63 -11.80
N GLU B 264 -1.68 6.04 -11.17
CA GLU B 264 -0.68 6.85 -10.48
C GLU B 264 0.18 7.63 -11.47
N PHE B 265 0.58 7.01 -12.60
CA PHE B 265 1.36 7.75 -13.57
C PHE B 265 0.54 8.87 -14.18
N SER B 266 -0.77 8.65 -14.39
CA SER B 266 -1.62 9.69 -14.91
C SER B 266 -1.76 10.86 -13.93
N ARG B 267 -1.90 10.56 -12.63
CA ARG B 267 -1.98 11.63 -11.64
C ARG B 267 -0.67 12.40 -11.52
N ASP B 268 0.47 11.71 -11.54
CA ASP B 268 1.74 12.42 -11.60
C ASP B 268 1.83 13.30 -12.86
N ALA B 269 1.41 12.76 -14.01
CA ALA B 269 1.47 13.57 -15.24
C ALA B 269 0.57 14.79 -15.12
N ALA B 270 -0.57 14.66 -14.42
CA ALA B 270 -1.46 15.80 -14.26
C ALA B 270 -0.83 16.83 -13.35
N ASP B 271 0.08 16.39 -12.48
CA ASP B 271 0.72 17.26 -11.50
C ASP B 271 2.07 17.75 -12.01
N GLY B 272 2.16 18.12 -13.28
CA GLY B 272 3.37 18.67 -13.85
C GLY B 272 4.16 17.68 -14.68
N GLY B 273 3.91 16.38 -14.50
CA GLY B 273 4.68 15.38 -15.22
C GLY B 273 4.51 15.46 -16.74
N LEU B 274 3.28 15.76 -17.20
CA LEU B 274 3.05 15.83 -18.64
C LEU B 274 3.76 17.03 -19.25
N ALA B 275 3.77 18.17 -18.53
CA ALA B 275 4.52 19.31 -19.03
C ALA B 275 6.01 18.97 -19.10
N ASP B 276 6.52 18.27 -18.09
CA ASP B 276 7.93 17.87 -18.14
C ASP B 276 8.20 16.91 -19.29
N LEU B 277 7.24 16.03 -19.60
CA LEU B 277 7.46 15.09 -20.69
C LEU B 277 7.55 15.82 -22.03
N HIS B 278 6.62 16.74 -22.28
CA HIS B 278 6.67 17.53 -23.50
C HIS B 278 7.98 18.31 -23.61
N ALA B 279 8.49 18.85 -22.50
CA ALA B 279 9.75 19.60 -22.57
C ALA B 279 10.92 18.67 -22.85
N PHE B 280 10.86 17.46 -22.28
CA PHE B 280 11.90 16.47 -22.53
C PHE B 280 11.92 16.04 -24.01
N ILE B 281 10.74 15.77 -24.58
CA ILE B 281 10.67 15.36 -25.98
C ILE B 281 11.13 16.50 -26.88
N LEU B 282 10.68 17.73 -26.58
CA LEU B 282 11.11 18.88 -27.35
C LEU B 282 12.62 19.04 -27.29
N HIS B 283 13.19 18.86 -26.10
CA HIS B 283 14.64 18.91 -25.96
C HIS B 283 15.33 17.88 -26.84
N ASN B 284 14.87 16.61 -26.79
CA ASN B 284 15.52 15.57 -27.59
C ASN B 284 15.32 15.78 -29.09
N ARG B 285 14.14 16.25 -29.49
CA ARG B 285 13.93 16.62 -30.87
C ARG B 285 14.93 17.72 -31.29
N SER B 286 15.17 18.68 -30.40
CA SER B 286 16.12 19.76 -30.72
C SER B 286 17.55 19.24 -30.82
N VAL B 287 17.91 18.30 -29.95
CA VAL B 287 19.20 17.62 -30.08
C VAL B 287 19.36 17.05 -31.49
N VAL B 288 18.38 16.27 -31.94
CA VAL B 288 18.46 15.65 -33.26
C VAL B 288 18.59 16.72 -34.35
N ARG B 289 17.77 17.77 -34.26
CA ARG B 289 17.71 18.68 -35.38
C ARG B 289 18.96 19.56 -35.45
N ARG B 290 19.46 20.01 -34.30
CA ARG B 290 20.67 20.84 -34.31
C ARG B 290 21.89 20.03 -34.72
N ALA B 291 21.94 18.75 -34.36
CA ALA B 291 23.07 17.91 -34.76
C ALA B 291 23.12 17.65 -36.27
N LEU B 292 21.98 17.71 -36.97
CA LEU B 292 21.95 17.33 -38.37
C LEU B 292 21.57 18.44 -39.34
N ALA B 293 21.11 19.59 -38.84
CA ALA B 293 20.54 20.59 -39.74
C ALA B 293 21.58 21.17 -40.70
N GLY B 294 22.84 21.26 -40.28
CA GLY B 294 23.87 21.76 -41.16
C GLY B 294 24.36 20.80 -42.22
N VAL B 295 23.89 19.58 -42.24
CA VAL B 295 24.44 18.53 -43.11
C VAL B 295 23.79 18.63 -44.48
N GLU B 296 24.62 18.62 -45.53
CA GLU B 296 24.09 18.76 -46.88
C GLU B 296 23.06 17.68 -47.20
N GLY B 297 21.92 18.09 -47.71
CA GLY B 297 20.90 17.18 -48.14
C GLY B 297 19.93 16.72 -47.07
N VAL B 298 20.13 17.12 -45.81
CA VAL B 298 19.23 16.71 -44.74
C VAL B 298 18.06 17.67 -44.64
N SER B 299 16.87 17.13 -44.37
CA SER B 299 15.73 17.96 -44.01
C SER B 299 14.82 17.20 -43.07
N PHE B 300 13.89 17.92 -42.47
CA PHE B 300 12.96 17.33 -41.49
C PHE B 300 11.54 17.49 -42.03
N PRO B 301 10.93 16.42 -42.52
CA PRO B 301 9.63 16.55 -43.20
C PRO B 301 8.48 17.00 -42.30
N ASP B 302 8.59 16.81 -40.99
CA ASP B 302 7.48 17.09 -40.07
C ASP B 302 7.90 18.16 -39.08
N PRO B 303 8.08 19.39 -39.54
CA PRO B 303 8.56 20.44 -38.62
C PRO B 303 7.72 20.62 -37.35
N GLU B 304 6.40 20.48 -37.42
CA GLU B 304 5.52 20.72 -36.28
C GLU B 304 5.24 19.47 -35.43
N SER B 305 5.89 18.35 -35.71
CA SER B 305 5.60 17.14 -34.94
C SER B 305 6.08 17.30 -33.51
N ARG B 306 5.24 16.87 -32.57
CA ARG B 306 5.63 16.77 -31.17
C ARG B 306 5.60 15.32 -30.68
N SER B 307 5.62 14.36 -31.59
CA SER B 307 5.58 12.96 -31.19
C SER B 307 6.99 12.48 -30.79
N SER B 308 7.04 11.31 -30.14
CA SER B 308 8.30 10.78 -29.63
C SER B 308 9.13 10.07 -30.67
N VAL B 309 8.76 10.13 -31.94
CA VAL B 309 9.61 9.64 -33.02
C VAL B 309 9.79 10.78 -34.03
N GLU B 310 10.92 10.74 -34.77
CA GLU B 310 11.33 11.85 -35.64
C GLU B 310 11.80 11.30 -36.99
N ARG B 311 11.23 11.80 -38.08
CA ARG B 311 11.65 11.44 -39.43
C ARG B 311 12.74 12.37 -39.90
N VAL B 312 13.76 11.82 -40.55
CA VAL B 312 14.85 12.59 -41.16
C VAL B 312 15.00 12.18 -42.63
N ALA B 313 14.95 13.15 -43.53
CA ALA B 313 15.09 12.91 -44.97
C ALA B 313 16.47 13.26 -45.47
N PHE B 314 16.90 12.57 -46.53
CA PHE B 314 18.13 12.93 -47.24
C PHE B 314 17.91 12.81 -48.73
N ALA B 315 18.64 13.62 -49.48
CA ALA B 315 18.53 13.57 -50.93
C ALA B 315 19.53 12.59 -51.53
N GLY B 316 20.70 12.45 -50.91
CA GLY B 316 21.80 11.77 -51.57
C GLY B 316 21.80 10.26 -51.47
N ARG B 317 20.99 9.67 -50.61
CA ARG B 317 21.09 8.23 -50.42
C ARG B 317 19.77 7.68 -49.90
N THR B 318 19.77 6.37 -49.71
CA THR B 318 18.59 5.59 -49.39
C THR B 318 18.51 5.37 -47.88
N GLY B 319 17.30 5.41 -47.34
CA GLY B 319 17.12 5.12 -45.92
C GLY B 319 17.63 3.74 -45.55
N THR B 320 17.47 2.77 -46.44
CA THR B 320 18.02 1.44 -46.21
C THR B 320 19.54 1.49 -46.13
N GLU B 321 20.21 2.19 -47.05
CA GLU B 321 21.65 2.25 -47.02
C GLU B 321 22.15 2.95 -45.77
N VAL B 322 21.49 4.04 -45.38
CA VAL B 322 21.86 4.73 -44.13
C VAL B 322 21.69 3.79 -42.94
N TRP B 323 20.53 3.16 -42.87
CA TRP B 323 20.26 2.20 -41.81
C TRP B 323 21.34 1.12 -41.75
N GLU B 324 21.78 0.60 -42.91
CA GLU B 324 22.80 -0.45 -42.91
C GLU B 324 24.13 0.09 -42.37
N GLU B 325 24.53 1.28 -42.83
CA GLU B 325 25.80 1.85 -42.40
C GLU B 325 25.77 2.19 -40.90
N LEU B 326 24.65 2.69 -40.40
CA LEU B 326 24.48 2.90 -38.97
C LEU B 326 24.73 1.61 -38.19
N GLN B 327 24.25 0.49 -38.71
CA GLN B 327 24.39 -0.75 -37.96
C GLN B 327 25.84 -1.23 -37.90
N ARG B 328 26.64 -0.98 -38.94
CA ARG B 328 28.06 -1.27 -38.83
C ARG B 328 28.69 -0.54 -37.67
N HIS B 329 28.15 0.61 -37.30
CA HIS B 329 28.66 1.39 -36.17
C HIS B 329 27.81 1.24 -34.92
N HIS B 330 26.99 0.19 -34.85
CA HIS B 330 26.31 -0.20 -33.62
C HIS B 330 25.18 0.75 -33.24
N VAL B 331 24.61 1.45 -34.21
CA VAL B 331 23.44 2.29 -33.99
C VAL B 331 22.28 1.69 -34.76
N PHE B 332 21.15 1.52 -34.09
CA PHE B 332 20.00 0.83 -34.66
C PHE B 332 18.82 1.79 -34.71
N ALA B 333 18.55 2.30 -35.91
CA ALA B 333 17.40 3.15 -36.21
C ALA B 333 16.49 2.36 -37.15
N LEU B 334 15.55 3.04 -37.82
CA LEU B 334 14.62 2.36 -38.70
C LEU B 334 14.55 3.08 -40.04
N PRO B 335 14.67 2.37 -41.16
CA PRO B 335 14.31 2.99 -42.45
C PRO B 335 12.81 3.22 -42.51
N CYS B 336 12.38 4.15 -43.36
CA CYS B 336 10.98 4.50 -43.37
C CYS B 336 10.13 3.68 -44.35
N ARG B 337 10.77 2.90 -45.25
CA ARG B 337 10.02 2.13 -46.24
C ARG B 337 8.89 1.36 -45.60
N GLN B 338 9.13 0.76 -44.42
CA GLN B 338 8.14 -0.12 -43.82
C GLN B 338 6.85 0.61 -43.47
N PHE B 339 6.90 1.92 -43.23
CA PHE B 339 5.67 2.63 -42.83
C PHE B 339 4.79 2.95 -44.04
N HIS B 340 5.37 2.92 -45.24
CA HIS B 340 4.64 3.13 -46.46
C HIS B 340 4.19 1.76 -46.98
N TRP B 341 3.18 1.22 -46.27
CA TRP B 341 2.76 -0.16 -46.36
C TRP B 341 2.10 -0.48 -47.71
N ALA B 342 1.79 0.53 -48.50
CA ALA B 342 1.21 0.39 -49.83
C ALA B 342 2.16 0.80 -50.95
N GLU B 343 3.03 1.77 -50.70
CA GLU B 343 3.97 2.28 -51.70
C GLU B 343 5.31 2.50 -51.04
N PRO B 344 6.08 1.42 -50.80
CA PRO B 344 7.28 1.53 -49.95
C PRO B 344 8.32 2.50 -50.47
N SER B 345 8.41 2.71 -51.78
CA SER B 345 9.41 3.64 -52.29
C SER B 345 9.14 5.10 -51.87
N ASP B 346 7.91 5.44 -51.45
CA ASP B 346 7.66 6.78 -50.91
C ASP B 346 8.52 7.07 -49.68
N GLY B 347 8.91 6.05 -48.93
CA GLY B 347 9.79 6.24 -47.79
C GLY B 347 11.25 5.98 -48.04
N ASP B 348 11.67 5.90 -49.32
CA ASP B 348 13.01 5.43 -49.68
C ASP B 348 14.12 6.38 -49.23
N HIS B 349 13.82 7.62 -48.85
CA HIS B 349 14.85 8.60 -48.56
C HIS B 349 14.74 9.17 -47.15
N MET B 350 14.24 8.36 -46.21
CA MET B 350 14.01 8.80 -44.84
C MET B 350 14.36 7.67 -43.89
N VAL B 351 14.81 8.04 -42.67
CA VAL B 351 14.88 7.14 -41.53
C VAL B 351 14.04 7.73 -40.42
N ARG B 352 13.73 6.90 -39.43
CA ARG B 352 12.99 7.31 -38.24
C ARG B 352 13.85 7.11 -37.00
N ILE B 353 13.79 8.07 -36.09
CA ILE B 353 14.58 8.09 -34.86
C ILE B 353 13.62 8.15 -33.67
N ALA B 354 13.80 7.24 -32.71
CA ALA B 354 13.07 7.26 -31.45
C ALA B 354 13.64 8.28 -30.46
N LEU B 355 12.77 9.15 -29.93
CA LEU B 355 13.19 10.20 -29.02
C LEU B 355 12.94 9.87 -27.54
N SER B 356 12.13 8.86 -27.22
CA SER B 356 11.90 8.49 -25.82
C SER B 356 13.09 7.66 -25.33
N ARG B 357 14.20 8.39 -25.14
CA ARG B 357 15.52 7.85 -24.81
C ARG B 357 16.20 8.85 -23.89
N SER B 358 17.09 8.37 -23.03
CA SER B 358 17.96 9.27 -22.29
C SER B 358 18.76 10.13 -23.26
N THR B 359 18.92 11.40 -22.93
CA THR B 359 19.45 12.34 -23.91
C THR B 359 20.88 11.97 -24.31
N GLU B 360 21.68 11.48 -23.36
CA GLU B 360 23.08 11.17 -23.65
C GLU B 360 23.25 10.06 -24.68
N PRO B 361 22.62 8.89 -24.55
CA PRO B 361 22.70 7.89 -25.63
C PRO B 361 22.12 8.39 -26.95
N LEU B 362 21.04 9.15 -26.90
CA LEU B 362 20.48 9.67 -28.14
C LEU B 362 21.49 10.55 -28.86
N GLU B 363 22.20 11.39 -28.10
CA GLU B 363 23.19 12.28 -28.70
C GLU B 363 24.33 11.49 -29.32
N LYS B 364 24.83 10.46 -28.63
CA LYS B 364 25.80 9.56 -29.24
C LYS B 364 25.26 8.99 -30.56
N SER B 365 24.00 8.56 -30.56
CA SER B 365 23.43 7.95 -31.76
C SER B 365 23.43 8.92 -32.93
N VAL B 366 22.88 10.12 -32.72
CA VAL B 366 22.76 11.06 -33.82
C VAL B 366 24.12 11.60 -34.21
N GLN B 367 25.13 11.48 -33.35
CA GLN B 367 26.46 11.88 -33.79
C GLN B 367 27.05 10.88 -34.80
N VAL B 368 26.82 9.59 -34.60
CA VAL B 368 27.24 8.62 -35.62
C VAL B 368 26.51 8.91 -36.91
N LEU B 369 25.20 9.13 -36.83
CA LEU B 369 24.42 9.41 -38.03
C LEU B 369 24.96 10.62 -38.77
N ARG B 370 25.29 11.69 -38.02
CA ARG B 370 25.91 12.86 -38.65
C ARG B 370 27.19 12.47 -39.38
N THR B 371 28.05 11.68 -38.74
CA THR B 371 29.32 11.29 -39.35
C THR B 371 29.07 10.51 -40.64
N VAL B 372 28.09 9.60 -40.61
CA VAL B 372 27.76 8.78 -41.78
C VAL B 372 27.26 9.65 -42.93
N LEU B 373 26.34 10.57 -42.65
CA LEU B 373 25.81 11.44 -43.69
C LEU B 373 26.85 12.41 -44.24
N GLU B 374 27.88 12.74 -43.45
CA GLU B 374 28.95 13.65 -43.85
C GLU B 374 30.04 12.97 -44.67
N THR B 375 30.05 11.64 -44.71
CA THR B 375 31.08 10.89 -45.40
C THR B 375 30.85 10.92 -46.90
N LEU C 23 -25.63 9.05 27.67
CA LEU C 23 -25.59 10.26 26.84
C LEU C 23 -24.46 11.17 27.30
N ASN C 24 -23.28 11.00 26.72
CA ASN C 24 -22.09 11.74 27.12
C ASN C 24 -21.93 12.97 26.24
N ILE C 25 -22.03 14.15 26.85
CA ILE C 25 -21.74 15.43 26.19
C ILE C 25 -20.66 16.17 27.00
N ALA C 26 -19.70 15.43 27.54
CA ALA C 26 -18.68 16.03 28.39
C ALA C 26 -17.36 16.18 27.63
N ASP C 27 -16.70 15.07 27.34
CA ASP C 27 -15.38 15.06 26.71
C ASP C 27 -15.41 15.65 25.30
N GLY C 28 -14.44 16.49 24.98
CA GLY C 28 -14.41 17.20 23.73
C GLY C 28 -14.08 16.35 22.52
N HIS C 29 -13.51 15.16 22.70
CA HIS C 29 -13.11 14.35 21.57
C HIS C 29 -14.32 13.93 20.73
N ALA C 30 -14.07 13.70 19.44
CA ALA C 30 -15.14 13.46 18.47
C ALA C 30 -15.68 12.03 18.54
N ARG C 31 -17.01 11.94 18.65
CA ARG C 31 -17.73 10.68 18.67
C ARG C 31 -18.83 10.56 17.61
N GLN C 32 -19.00 11.54 16.73
CA GLN C 32 -19.99 11.37 15.66
C GLN C 32 -19.53 10.27 14.71
N ALA C 33 -20.42 9.89 13.80
CA ALA C 33 -20.10 8.85 12.83
C ALA C 33 -19.12 9.37 11.78
N LEU C 34 -18.37 8.44 11.19
CA LEU C 34 -17.52 8.79 10.04
C LEU C 34 -18.36 9.27 8.87
N SER C 35 -17.83 10.23 8.14
CA SER C 35 -18.38 10.56 6.84
C SER C 35 -18.08 9.44 5.85
N PRO C 36 -18.73 9.42 4.69
CA PRO C 36 -18.41 8.40 3.67
C PRO C 36 -16.96 8.46 3.21
N GLY C 37 -16.39 9.65 3.03
CA GLY C 37 -14.99 9.73 2.65
C GLY C 37 -14.07 9.20 3.72
N GLN C 38 -14.42 9.45 4.98
CA GLN C 38 -13.63 8.95 6.10
C GLN C 38 -13.76 7.44 6.25
N GLN C 39 -14.98 6.90 6.06
CA GLN C 39 -15.18 5.45 6.10
C GLN C 39 -14.38 4.76 5.01
N LYS C 40 -14.23 5.40 3.85
CA LYS C 40 -13.41 4.79 2.80
C LYS C 40 -11.96 4.65 3.27
N ILE C 41 -11.42 5.67 3.94
CA ILE C 41 -10.07 5.59 4.49
C ILE C 41 -9.96 4.42 5.45
N VAL C 42 -10.91 4.29 6.39
CA VAL C 42 -10.91 3.19 7.35
C VAL C 42 -10.96 1.85 6.62
N ASN C 43 -11.79 1.73 5.60
CA ASN C 43 -11.82 0.48 4.83
C ASN C 43 -10.48 0.17 4.18
N GLU C 44 -9.60 1.15 3.97
CA GLU C 44 -8.30 0.90 3.37
C GLU C 44 -7.18 0.83 4.37
N LEU C 45 -7.51 0.67 5.65
CA LEU C 45 -6.47 0.53 6.67
C LEU C 45 -5.46 -0.56 6.35
N PRO C 46 -5.83 -1.71 5.81
CA PRO C 46 -4.79 -2.70 5.44
C PRO C 46 -3.81 -2.16 4.42
N VAL C 47 -4.27 -1.29 3.53
CA VAL C 47 -3.36 -0.68 2.56
C VAL C 47 -2.44 0.32 3.23
N LEU C 48 -3.00 1.17 4.11
CA LEU C 48 -2.17 2.06 4.91
C LEU C 48 -1.16 1.29 5.73
N TRP C 49 -1.56 0.14 6.27
CA TRP C 49 -0.60 -0.70 6.97
C TRP C 49 0.55 -1.10 6.04
N ALA C 50 0.21 -1.61 4.85
CA ALA C 50 1.24 -2.01 3.90
C ALA C 50 2.17 -0.84 3.58
N GLU C 51 1.59 0.32 3.33
CA GLU C 51 2.41 1.50 3.09
C GLU C 51 3.34 1.77 4.27
N SER C 52 2.83 1.60 5.49
CA SER C 52 3.61 1.95 6.68
C SER C 52 4.74 0.97 6.90
N GLU C 53 4.57 -0.29 6.47
CA GLU C 53 5.66 -1.26 6.53
C GLU C 53 6.73 -1.00 5.48
N GLN C 54 6.35 -0.43 4.34
CA GLN C 54 7.24 -0.34 3.18
C GLN C 54 8.00 0.97 3.06
N ARG C 55 7.48 1.99 3.51
CA ARG C 55 8.08 3.29 3.30
C ARG C 55 8.81 3.77 4.55
N PRO C 56 9.85 4.60 4.40
CA PRO C 56 10.48 5.23 5.56
C PRO C 56 9.48 6.09 6.31
N VAL C 57 9.45 5.94 7.63
CA VAL C 57 8.48 6.68 8.43
C VAL C 57 8.65 8.19 8.25
N GLN C 58 9.88 8.66 8.03
CA GLN C 58 10.08 10.10 7.85
C GLN C 58 9.34 10.63 6.63
N GLN C 59 9.24 9.84 5.56
CA GLN C 59 8.50 10.31 4.38
C GLN C 59 7.02 10.42 4.69
N ILE C 60 6.46 9.40 5.33
CA ILE C 60 5.04 9.44 5.71
C ILE C 60 4.81 10.60 6.65
N GLU C 61 5.73 10.80 7.58
CA GLU C 61 5.57 11.87 8.55
C GLU C 61 5.55 13.24 7.87
N SER C 62 6.51 13.48 6.96
CA SER C 62 6.57 14.75 6.25
C SER C 62 5.30 15.01 5.46
N GLU C 63 4.74 13.97 4.84
CA GLU C 63 3.49 14.10 4.11
C GLU C 63 2.33 14.44 5.02
N ALA C 64 2.24 13.76 6.16
CA ALA C 64 1.18 14.05 7.13
C ALA C 64 1.25 15.48 7.60
N HIS C 65 2.44 15.95 8.00
CA HIS C 65 2.59 17.34 8.46
C HIS C 65 2.21 18.31 7.34
N GLN C 66 2.76 18.09 6.15
CA GLN C 66 2.44 18.99 5.05
C GLN C 66 0.93 19.02 4.80
N ALA C 67 0.29 17.85 4.82
CA ALA C 67 -1.14 17.83 4.56
C ALA C 67 -1.91 18.59 5.62
N TYR C 68 -1.57 18.38 6.89
CA TYR C 68 -2.32 18.98 7.99
C TYR C 68 -2.08 20.49 8.10
N PHE C 69 -0.81 20.92 8.08
CA PHE C 69 -0.50 22.35 8.17
C PHE C 69 -1.09 23.13 7.01
N THR C 70 -0.94 22.63 5.78
CA THR C 70 -1.46 23.36 4.62
C THR C 70 -2.98 23.41 4.63
N LEU C 71 -3.65 22.33 5.04
CA LEU C 71 -5.10 22.33 5.20
C LEU C 71 -5.58 23.55 6.00
N LEU C 72 -4.85 23.89 7.05
CA LEU C 72 -5.29 24.93 7.97
C LEU C 72 -4.52 26.24 7.79
N GLY C 73 -3.95 26.46 6.60
CA GLY C 73 -3.35 27.72 6.25
C GLY C 73 -1.99 28.00 6.87
N GLN C 74 -1.34 26.99 7.45
CA GLN C 74 -0.07 27.22 8.18
C GLN C 74 1.13 26.97 7.26
N HIS C 75 1.17 27.73 6.16
CA HIS C 75 2.10 27.43 5.08
C HIS C 75 3.56 27.67 5.48
N GLY C 76 3.79 28.53 6.46
CA GLY C 76 5.14 28.83 6.91
C GLY C 76 5.69 27.90 7.97
N TYR C 77 5.04 26.77 8.25
CA TYR C 77 5.55 25.86 9.25
C TYR C 77 6.94 25.38 8.85
N PRO C 78 7.83 25.11 9.82
CA PRO C 78 9.17 24.63 9.46
C PRO C 78 9.13 23.17 9.05
N ALA C 79 9.41 22.93 7.77
CA ALA C 79 9.27 21.61 7.15
C ALA C 79 10.55 20.77 7.17
N GLU C 80 11.67 21.34 7.60
CA GLU C 80 12.87 20.55 7.75
C GLU C 80 12.63 19.41 8.75
N PRO C 81 12.95 18.16 8.41
CA PRO C 81 12.77 17.07 9.37
C PRO C 81 13.38 17.39 10.74
N GLY C 82 12.63 17.09 11.79
CA GLY C 82 13.09 17.31 13.15
C GLY C 82 12.61 18.60 13.78
N ARG C 83 12.00 19.49 13.00
CA ARG C 83 11.46 20.73 13.57
C ARG C 83 10.06 20.55 14.13
N VAL C 84 9.26 19.68 13.51
CA VAL C 84 7.94 19.33 14.05
C VAL C 84 8.09 17.98 14.73
N LEU C 85 7.88 17.92 16.05
CA LEU C 85 7.99 16.67 16.79
C LEU C 85 6.60 16.04 16.98
N SER C 86 6.43 14.85 16.42
CA SER C 86 5.14 14.15 16.51
C SER C 86 5.05 13.39 17.83
N CYS C 87 4.01 13.65 18.60
CA CYS C 87 3.80 13.04 19.91
C CYS C 87 2.49 12.27 19.92
N TYR C 88 2.36 11.35 20.89
CA TYR C 88 1.14 10.54 20.99
C TYR C 88 -0.10 11.39 21.19
N SER C 89 0.04 12.55 21.81
CA SER C 89 -1.10 13.42 22.04
C SER C 89 -0.58 14.82 22.33
N SER C 90 -1.51 15.77 22.29
CA SER C 90 -1.20 17.14 22.67
C SER C 90 -0.84 17.23 24.15
N SER C 91 -1.46 16.42 25.02
CA SER C 91 -1.09 16.49 26.43
C SER C 91 0.30 15.90 26.68
N VAL C 92 0.74 14.94 25.86
CA VAL C 92 2.12 14.48 25.96
C VAL C 92 3.05 15.61 25.53
N SER C 93 2.69 16.32 24.46
CA SER C 93 3.47 17.51 24.08
C SER C 93 3.54 18.52 25.22
N MET C 94 2.41 18.72 25.91
CA MET C 94 2.34 19.69 27.00
C MET C 94 3.17 19.25 28.21
N GLU C 95 3.17 17.95 28.52
CA GLU C 95 4.08 17.45 29.54
C GLU C 95 5.53 17.71 29.16
N ILE C 96 5.88 17.50 27.89
CA ILE C 96 7.24 17.79 27.46
C ILE C 96 7.55 19.27 27.65
N LEU C 97 6.65 20.14 27.17
CA LEU C 97 6.85 21.59 27.32
C LEU C 97 6.92 22.02 28.79
N ALA C 98 5.97 21.54 29.62
CA ALA C 98 5.95 21.95 31.02
C ALA C 98 7.25 21.54 31.71
N ARG C 99 7.66 20.30 31.52
CA ARG C 99 8.92 19.92 32.13
C ARG C 99 10.10 20.68 31.52
N SER C 100 10.02 21.05 30.23
CA SER C 100 11.09 21.83 29.62
C SER C 100 11.19 23.23 30.22
N LEU C 101 10.05 23.83 30.54
CA LEU C 101 10.05 25.15 31.15
C LEU C 101 10.58 25.13 32.58
N SER C 102 10.41 24.02 33.31
CA SER C 102 10.56 24.08 34.77
C SER C 102 11.99 24.37 35.21
N ALA C 103 13.01 24.04 34.42
CA ALA C 103 14.37 24.37 34.87
C ALA C 103 14.60 25.88 34.96
N SER C 104 14.14 26.63 33.97
CA SER C 104 14.56 28.02 33.83
C SER C 104 13.45 29.02 34.08
N VAL C 105 12.22 28.57 34.19
CA VAL C 105 11.08 29.45 34.31
C VAL C 105 10.40 29.17 35.65
N ASP C 106 10.13 30.23 36.41
CA ASP C 106 9.34 30.11 37.63
C ASP C 106 7.85 30.36 37.40
N ARG C 107 7.50 31.29 36.52
CA ARG C 107 6.13 31.80 36.40
C ARG C 107 5.72 31.85 34.93
N VAL C 108 4.48 31.47 34.69
CA VAL C 108 3.87 31.43 33.38
C VAL C 108 2.59 32.24 33.45
N ALA C 109 2.44 33.20 32.55
CA ALA C 109 1.17 33.87 32.33
C ALA C 109 0.33 32.97 31.43
N LEU C 110 -0.86 32.63 31.89
CA LEU C 110 -1.72 31.69 31.22
C LEU C 110 -3.11 32.31 31.06
N VAL C 111 -3.69 32.15 29.88
CA VAL C 111 -5.04 32.66 29.65
C VAL C 111 -6.05 31.97 30.58
N HIS C 112 -6.99 32.76 31.06
CA HIS C 112 -7.95 32.30 32.04
C HIS C 112 -9.34 32.74 31.58
N PRO C 113 -10.31 31.81 31.44
CA PRO C 113 -10.24 30.36 31.65
C PRO C 113 -9.52 29.69 30.51
N THR C 114 -9.12 28.44 30.70
CA THR C 114 -8.67 27.60 29.61
C THR C 114 -8.82 26.13 30.03
N PHE C 115 -8.51 25.26 29.08
CA PHE C 115 -8.46 23.81 29.31
C PHE C 115 -7.64 23.50 30.57
N ASP C 116 -8.26 22.91 31.59
CA ASP C 116 -7.65 22.88 32.93
C ASP C 116 -6.41 21.98 33.00
N ASN C 117 -6.34 20.98 32.14
CA ASN C 117 -5.17 20.12 32.08
C ASN C 117 -3.88 20.91 31.87
N ILE C 118 -3.93 22.00 31.10
CA ILE C 118 -2.75 22.83 30.89
C ILE C 118 -2.25 23.37 32.23
N ALA C 119 -3.17 23.91 33.04
CA ALA C 119 -2.79 24.38 34.36
C ALA C 119 -2.26 23.24 35.23
N ASP C 120 -2.95 22.09 35.21
CA ASP C 120 -2.53 20.97 36.05
C ASP C 120 -1.14 20.45 35.65
N LEU C 121 -0.86 20.36 34.34
CA LEU C 121 0.48 19.93 33.90
C LEU C 121 1.57 20.95 34.24
N LEU C 122 1.28 22.25 34.06
CA LEU C 122 2.25 23.28 34.45
C LEU C 122 2.52 23.26 35.95
N ARG C 123 1.46 23.30 36.77
CA ARG C 123 1.67 23.30 38.21
C ARG C 123 2.31 22.02 38.69
N GLY C 124 1.90 20.89 38.12
CA GLY C 124 2.46 19.61 38.49
C GLY C 124 3.96 19.53 38.26
N ASN C 125 4.49 20.33 37.33
CA ASN C 125 5.90 20.37 37.04
C ASN C 125 6.61 21.53 37.72
N GLY C 126 5.92 22.23 38.62
CA GLY C 126 6.53 23.22 39.49
C GLY C 126 6.39 24.67 39.03
N LEU C 127 5.56 24.95 38.03
CA LEU C 127 5.42 26.33 37.59
C LEU C 127 4.30 27.01 38.38
N ASP C 128 4.53 28.26 38.75
CA ASP C 128 3.50 29.13 39.29
C ASP C 128 2.78 29.85 38.15
N LEU C 129 1.48 30.01 38.28
CA LEU C 129 0.66 30.50 37.19
C LEU C 129 0.11 31.89 37.51
N VAL C 130 0.07 32.73 36.49
CA VAL C 130 -0.45 34.09 36.60
C VAL C 130 -1.58 34.18 35.59
N PRO C 131 -2.84 34.36 36.01
CA PRO C 131 -3.93 34.36 35.03
C PRO C 131 -3.96 35.64 34.21
N VAL C 132 -4.28 35.51 32.92
CA VAL C 132 -4.56 36.67 32.10
C VAL C 132 -5.98 36.50 31.57
N GLU C 133 -6.88 37.40 31.96
CA GLU C 133 -8.25 37.29 31.50
C GLU C 133 -8.31 37.58 30.01
N GLU C 134 -9.36 37.06 29.36
CA GLU C 134 -9.41 37.12 27.91
C GLU C 134 -9.53 38.55 27.40
N ASP C 135 -10.34 39.37 28.05
CA ASP C 135 -10.50 40.74 27.54
C ASP C 135 -9.16 41.48 27.57
N ALA C 136 -8.35 41.25 28.60
CA ALA C 136 -7.03 41.89 28.65
C ALA C 136 -6.11 41.34 27.56
N LEU C 137 -6.13 40.02 27.37
CA LEU C 137 -5.24 39.38 26.41
C LEU C 137 -5.50 39.87 24.98
N HIS C 138 -6.76 39.97 24.59
CA HIS C 138 -7.12 40.33 23.23
C HIS C 138 -7.20 41.84 23.04
N GLY C 139 -7.58 42.57 24.08
CA GLY C 139 -7.95 43.97 23.93
C GLY C 139 -6.83 44.98 24.11
N ALA C 140 -5.69 44.58 24.63
CA ALA C 140 -4.63 45.56 24.86
C ALA C 140 -3.32 44.82 24.99
N ASP C 141 -2.22 45.53 24.73
CA ASP C 141 -0.91 44.98 25.02
C ASP C 141 -0.88 44.51 26.48
N LEU C 142 0.00 43.54 26.77
CA LEU C 142 0.27 43.14 28.16
C LEU C 142 1.21 44.14 28.81
N SER C 143 1.04 44.35 30.10
CA SER C 143 1.90 45.32 30.77
C SER C 143 3.36 44.85 30.84
N ALA C 144 4.29 45.81 30.78
CA ALA C 144 5.70 45.52 30.98
C ALA C 144 5.92 44.84 32.32
N GLU C 145 5.15 45.24 33.34
CA GLU C 145 5.31 44.67 34.67
C GLU C 145 5.02 43.17 34.65
N LEU C 146 3.93 42.78 33.99
CA LEU C 146 3.61 41.36 33.89
C LEU C 146 4.65 40.61 33.07
N LEU C 147 5.02 41.14 31.91
CA LEU C 147 5.90 40.40 31.02
C LEU C 147 7.28 40.24 31.63
N SER C 148 7.79 41.26 32.32
CA SER C 148 9.11 41.14 32.89
C SER C 148 9.11 40.23 34.11
N SER C 149 7.94 39.79 34.58
CA SER C 149 7.81 38.94 35.77
C SER C 149 7.46 37.49 35.46
N VAL C 150 7.36 37.12 34.19
CA VAL C 150 7.12 35.72 33.83
C VAL C 150 8.11 35.33 32.75
N GLY C 151 8.39 34.03 32.67
CA GLY C 151 9.33 33.49 31.68
C GLY C 151 8.62 32.91 30.46
N CYS C 152 7.30 32.83 30.52
CA CYS C 152 6.50 32.26 29.44
C CYS C 152 5.10 32.84 29.50
N VAL C 153 4.54 33.12 28.32
CA VAL C 153 3.14 33.48 28.12
C VAL C 153 2.52 32.37 27.29
N PHE C 154 1.41 31.80 27.77
CA PHE C 154 0.74 30.65 27.15
C PHE C 154 -0.69 31.02 26.79
N VAL C 155 -1.01 30.89 25.50
CA VAL C 155 -2.35 31.18 24.98
C VAL C 155 -2.91 29.96 24.24
N THR C 156 -4.12 29.57 24.60
CA THR C 156 -4.92 28.62 23.85
C THR C 156 -5.78 29.37 22.83
N THR C 157 -5.62 29.06 21.56
CA THR C 157 -6.35 29.75 20.49
C THR C 157 -6.62 28.84 19.30
N PRO C 158 -7.90 28.67 18.89
CA PRO C 158 -9.13 29.12 19.57
C PRO C 158 -9.19 28.58 20.98
N ASN C 159 -9.66 29.38 21.93
CA ASN C 159 -9.59 28.95 23.31
C ASN C 159 -10.61 27.85 23.57
N ASN C 160 -10.27 26.96 24.49
CA ASN C 160 -11.19 25.97 25.00
C ASN C 160 -11.34 26.39 26.45
N PRO C 161 -12.55 26.76 26.88
CA PRO C 161 -13.90 26.50 26.35
C PRO C 161 -14.62 27.65 25.61
N THR C 162 -13.99 28.80 25.40
CA THR C 162 -14.73 29.97 24.95
C THR C 162 -14.77 30.11 23.43
N GLY C 163 -13.87 29.44 22.72
CA GLY C 163 -13.74 29.59 21.29
C GLY C 163 -13.11 30.88 20.81
N ARG C 164 -12.66 31.75 21.69
CA ARG C 164 -12.12 33.04 21.30
C ARG C 164 -10.82 32.83 20.53
N VAL C 165 -10.68 33.55 19.42
CA VAL C 165 -9.55 33.40 18.51
C VAL C 165 -8.62 34.60 18.67
N LEU C 166 -7.33 34.31 18.90
CA LEU C 166 -6.30 35.34 18.90
C LEU C 166 -6.14 35.86 17.47
N ALA C 167 -6.51 37.10 17.23
CA ALA C 167 -6.42 37.70 15.91
C ALA C 167 -4.96 37.94 15.53
N GLU C 168 -4.72 38.07 14.22
CA GLU C 168 -3.36 38.15 13.70
C GLU C 168 -2.61 39.34 14.29
N GLU C 169 -3.25 40.50 14.35
CA GLU C 169 -2.56 41.71 14.81
C GLU C 169 -2.17 41.59 16.28
N ARG C 170 -3.01 40.93 17.09
CA ARG C 170 -2.71 40.73 18.51
C ARG C 170 -1.62 39.68 18.71
N LEU C 171 -1.64 38.61 17.91
CA LEU C 171 -0.56 37.63 17.99
C LEU C 171 0.77 38.29 17.63
N ARG C 172 0.76 39.13 16.60
CA ARG C 172 1.97 39.82 16.20
C ARG C 172 2.50 40.69 17.34
N ARG C 173 1.62 41.46 17.96
CA ARG C 173 2.02 42.36 19.04
C ARG C 173 2.52 41.57 20.23
N LEU C 174 1.81 40.47 20.55
CA LEU C 174 2.21 39.63 21.65
C LEU C 174 3.56 38.95 21.40
N ALA C 175 3.78 38.47 20.18
CA ALA C 175 5.07 37.89 19.85
C ALA C 175 6.18 38.95 19.93
N GLU C 176 5.89 40.17 19.46
CA GLU C 176 6.85 41.26 19.59
C GLU C 176 7.17 41.57 21.05
N GLN C 177 6.14 41.64 21.89
CA GLN C 177 6.36 41.95 23.31
C GLN C 177 7.18 40.86 23.99
N CYS C 178 6.89 39.59 23.66
CA CYS C 178 7.65 38.49 24.22
C CYS C 178 9.12 38.56 23.79
N ALA C 179 9.39 38.86 22.52
CA ALA C 179 10.77 39.03 22.08
C ALA C 179 11.48 40.12 22.87
N GLU C 180 10.80 41.25 23.10
CA GLU C 180 11.40 42.37 23.81
C GLU C 180 11.73 42.03 25.25
N HIS C 181 10.96 41.14 25.86
CA HIS C 181 11.17 40.81 27.25
C HIS C 181 11.91 39.49 27.48
N GLY C 182 12.37 38.84 26.41
CA GLY C 182 13.05 37.55 26.52
C GLY C 182 12.17 36.43 27.01
N THR C 183 10.88 36.52 26.76
CA THR C 183 9.85 35.61 27.26
C THR C 183 9.43 34.66 26.15
N VAL C 184 9.25 33.38 26.51
CA VAL C 184 8.73 32.37 25.59
C VAL C 184 7.25 32.59 25.35
N LEU C 185 6.84 32.62 24.08
CA LEU C 185 5.45 32.59 23.69
C LEU C 185 5.03 31.16 23.29
N ALA C 186 4.02 30.62 23.99
CA ALA C 186 3.55 29.26 23.75
C ALA C 186 2.08 29.29 23.36
N LEU C 187 1.73 28.60 22.28
CA LEU C 187 0.35 28.49 21.81
C LEU C 187 -0.09 27.02 21.80
N ASP C 188 -1.32 26.80 22.25
CA ASP C 188 -2.02 25.53 22.12
C ASP C 188 -3.14 25.73 21.09
N THR C 189 -3.01 25.07 19.92
CA THR C 189 -3.90 25.32 18.77
C THR C 189 -4.74 24.10 18.41
N SER C 190 -5.06 23.28 19.42
CA SER C 190 -5.90 22.11 19.23
C SER C 190 -7.20 22.39 18.46
N PHE C 191 -7.83 23.53 18.70
CA PHE C 191 -9.10 23.82 18.07
C PHE C 191 -8.98 24.53 16.72
N ARG C 192 -7.77 24.66 16.18
CA ARG C 192 -7.55 25.43 14.96
C ARG C 192 -8.47 25.00 13.83
N GLY C 193 -8.64 23.70 13.62
CA GLY C 193 -9.37 23.25 12.44
C GLY C 193 -10.82 23.67 12.42
N PHE C 194 -11.42 23.99 13.57
CA PHE C 194 -12.83 24.35 13.60
C PHE C 194 -13.12 25.78 13.14
N ASP C 195 -12.16 26.68 13.19
CA ASP C 195 -12.46 28.10 13.06
C ASP C 195 -11.55 28.74 12.01
N ALA C 196 -12.14 29.15 10.88
CA ALA C 196 -11.40 29.77 9.79
C ALA C 196 -10.67 31.04 10.24
N ALA C 197 -11.12 31.69 11.29
CA ALA C 197 -10.43 32.88 11.74
C ALA C 197 -9.05 32.55 12.28
N ALA C 198 -8.80 31.27 12.61
CA ALA C 198 -7.49 30.83 13.08
C ALA C 198 -6.66 30.20 11.96
N HIS C 199 -7.03 30.41 10.70
CA HIS C 199 -6.29 29.83 9.60
C HIS C 199 -5.38 30.82 8.89
N TYR C 200 -5.22 32.04 9.40
CA TYR C 200 -4.08 32.85 8.97
C TYR C 200 -2.78 32.19 9.47
N ASP C 201 -1.69 32.50 8.80
CA ASP C 201 -0.44 31.78 9.00
C ASP C 201 0.24 32.25 10.28
N HIS C 202 0.12 31.45 11.34
CA HIS C 202 0.69 31.81 12.63
C HIS C 202 2.22 31.74 12.61
N TYR C 203 2.78 30.80 11.83
CA TYR C 203 4.23 30.61 11.84
C TYR C 203 4.93 31.76 11.14
N ALA C 204 4.34 32.32 10.09
CA ALA C 204 4.91 33.53 9.49
C ALA C 204 5.03 34.63 10.54
N VAL C 205 3.98 34.85 11.33
CA VAL C 205 3.99 35.89 12.36
C VAL C 205 5.08 35.62 13.40
N LEU C 206 5.12 34.39 13.92
CA LEU C 206 6.09 34.06 14.95
C LEU C 206 7.52 34.23 14.46
N GLN C 207 7.80 33.79 13.24
CA GLN C 207 9.15 33.90 12.70
C GLN C 207 9.53 35.35 12.45
N GLU C 208 8.56 36.18 12.08
CA GLU C 208 8.87 37.57 11.80
C GLU C 208 9.12 38.37 13.07
N ALA C 209 8.46 38.00 14.16
CA ALA C 209 8.68 38.69 15.43
C ALA C 209 10.01 38.30 16.07
N GLY C 210 10.53 37.11 15.81
CA GLY C 210 11.82 36.74 16.36
C GLY C 210 11.79 36.39 17.83
N CYS C 211 10.62 36.12 18.38
CA CYS C 211 10.58 35.63 19.75
C CYS C 211 10.92 34.14 19.80
N ARG C 212 11.28 33.68 20.99
CA ARG C 212 11.34 32.25 21.25
C ARG C 212 9.91 31.72 21.38
N TRP C 213 9.56 30.73 20.59
CA TRP C 213 8.17 30.32 20.52
C TRP C 213 8.05 28.80 20.45
N VAL C 214 6.89 28.34 20.86
CA VAL C 214 6.51 26.94 20.72
C VAL C 214 5.03 26.90 20.42
N VAL C 215 4.63 26.06 19.48
CA VAL C 215 3.22 25.80 19.17
C VAL C 215 2.95 24.31 19.36
N ILE C 216 1.86 23.97 20.06
CA ILE C 216 1.39 22.59 20.11
C ILE C 216 0.13 22.49 19.27
N GLU C 217 0.27 21.89 18.10
CA GLU C 217 -0.88 21.52 17.27
C GLU C 217 -1.40 20.17 17.75
N ASP C 218 -2.63 19.86 17.37
CA ASP C 218 -3.31 18.64 17.80
C ASP C 218 -4.28 18.22 16.71
N THR C 219 -4.19 16.98 16.25
CA THR C 219 -5.19 16.44 15.34
C THR C 219 -6.38 15.81 16.07
N GLY C 220 -6.28 15.67 17.37
CA GLY C 220 -7.18 14.76 18.07
C GLY C 220 -8.61 15.23 18.30
N LEU C 222 -10.47 17.00 15.97
CA LEU C 222 -11.19 17.26 14.72
C LEU C 222 -12.07 16.13 14.22
N TRP C 223 -11.56 14.91 14.28
CA TRP C 223 -12.20 13.83 13.57
C TRP C 223 -12.44 12.64 14.50
N PRO C 224 -13.50 11.83 14.22
CA PRO C 224 -13.74 10.64 15.06
C PRO C 224 -12.83 9.47 14.67
N THR C 225 -11.59 9.51 15.18
CA THR C 225 -10.57 8.53 14.83
C THR C 225 -10.22 7.62 16.00
N LEU C 226 -11.15 7.44 16.94
CA LEU C 226 -10.97 6.53 18.07
C LEU C 226 -9.68 6.86 18.83
N ASP C 227 -9.37 8.15 18.94
CA ASP C 227 -8.19 8.66 19.64
C ASP C 227 -6.88 8.28 18.97
N LEU C 228 -6.91 7.87 17.70
CA LEU C 228 -5.70 7.80 16.90
C LEU C 228 -5.40 9.22 16.42
N LYS C 229 -4.33 9.78 16.95
CA LYS C 229 -4.09 11.23 16.83
C LYS C 229 -2.60 11.49 17.02
N ALA C 230 -2.22 12.75 16.88
CA ALA C 230 -0.88 13.20 17.21
C ALA C 230 -0.96 14.61 17.74
N GLY C 231 -0.13 14.87 18.75
CA GLY C 231 0.23 16.22 19.09
C GLY C 231 1.45 16.58 18.27
N LEU C 232 1.50 17.82 17.79
CA LEU C 232 2.64 18.26 16.98
C LEU C 232 3.32 19.41 17.73
N LEU C 233 4.52 19.14 18.22
CA LEU C 233 5.27 20.06 19.03
C LEU C 233 6.24 20.82 18.10
N VAL C 234 5.99 22.11 17.91
CA VAL C 234 6.76 22.93 16.97
C VAL C 234 7.43 24.07 17.75
N PHE C 235 8.69 24.34 17.44
CA PHE C 235 9.39 25.35 18.21
C PHE C 235 10.41 26.09 17.36
N SER C 236 10.71 27.33 17.78
CA SER C 236 11.76 28.11 17.16
C SER C 236 13.13 27.49 17.36
N GLU C 237 14.04 27.83 16.45
CA GLU C 237 15.39 27.29 16.50
C GLU C 237 16.19 27.77 17.69
N ASP C 238 15.83 28.92 18.26
CA ASP C 238 16.48 29.47 19.44
C ASP C 238 15.64 29.29 20.70
N ILE C 239 14.74 28.30 20.72
CA ILE C 239 13.82 28.15 21.85
C ILE C 239 14.57 28.15 23.17
N GLY C 240 15.74 27.51 23.23
CA GLY C 240 16.53 27.57 24.43
C GLY C 240 16.03 26.71 25.57
N LEU C 241 15.09 25.81 25.29
CA LEU C 241 14.46 24.88 26.22
C LEU C 241 14.78 23.46 25.79
N PRO C 242 14.88 22.48 26.74
CA PRO C 242 15.19 21.08 26.36
C PRO C 242 14.01 20.31 25.75
N VAL C 243 13.23 20.93 24.88
CA VAL C 243 12.07 20.19 24.34
C VAL C 243 12.51 19.00 23.49
N GLU C 244 13.58 19.13 22.72
CA GLU C 244 14.00 17.99 21.89
C GLU C 244 14.54 16.83 22.75
N LYS C 245 15.36 17.15 23.74
CA LYS C 245 15.93 16.14 24.64
C LYS C 245 14.84 15.42 25.44
N ILE C 246 13.91 16.18 26.01
CA ILE C 246 12.87 15.53 26.81
C ILE C 246 11.90 14.77 25.90
N TYR C 247 11.59 15.32 24.73
CA TYR C 247 10.84 14.55 23.74
C TYR C 247 11.49 13.19 23.51
N SER C 248 12.78 13.20 23.20
CA SER C 248 13.46 11.96 22.89
C SER C 248 13.62 11.06 24.13
N ASP C 249 13.56 11.60 25.35
CA ASP C 249 13.46 10.73 26.52
C ASP C 249 12.13 9.97 26.58
N ILE C 250 11.07 10.49 25.97
CA ILE C 250 9.74 9.92 26.09
C ILE C 250 9.34 9.07 24.87
N LEU C 251 9.81 9.43 23.68
CA LEU C 251 9.43 8.65 22.50
C LEU C 251 10.39 8.89 21.34
N LEU C 252 10.43 7.89 20.46
CA LEU C 252 11.14 7.96 19.18
C LEU C 252 10.30 8.57 18.07
N GLY C 253 8.98 8.46 18.17
CA GLY C 253 8.05 8.95 17.17
C GLY C 253 6.71 8.26 17.35
N VAL C 254 5.75 8.64 16.53
CA VAL C 254 4.43 8.01 16.57
C VAL C 254 4.33 7.00 15.42
N SER C 255 3.33 6.12 15.50
CA SER C 255 3.09 5.07 14.52
C SER C 255 2.99 5.65 13.12
N PRO C 256 3.71 5.11 12.14
CA PRO C 256 3.45 5.52 10.75
C PRO C 256 2.00 5.33 10.33
N LEU C 257 1.31 4.33 10.85
CA LEU C 257 -0.09 4.13 10.49
C LEU C 257 -0.94 5.32 10.92
N ILE C 258 -0.67 5.87 12.10
CA ILE C 258 -1.41 7.04 12.57
C ILE C 258 -1.06 8.25 11.74
N LEU C 259 0.21 8.43 11.40
CA LEU C 259 0.59 9.51 10.51
C LEU C 259 -0.07 9.37 9.13
N ALA C 260 -0.09 8.15 8.57
CA ALA C 260 -0.77 7.97 7.29
C ALA C 260 -2.25 8.29 7.41
N LEU C 261 -2.87 7.92 8.52
CA LEU C 261 -4.28 8.24 8.76
C LEU C 261 -4.49 9.75 8.81
N ILE C 262 -3.63 10.46 9.52
CA ILE C 262 -3.72 11.92 9.58
C ILE C 262 -3.59 12.50 8.17
N ARG C 263 -2.63 12.00 7.40
CA ARG C 263 -2.49 12.45 6.02
C ARG C 263 -3.81 12.25 5.24
N GLU C 264 -4.41 11.07 5.35
CA GLU C 264 -5.59 10.78 4.55
C GLU C 264 -6.79 11.58 5.02
N PHE C 265 -6.98 11.69 6.34
CA PHE C 265 -8.08 12.51 6.86
C PHE C 265 -7.90 13.98 6.50
N SER C 266 -6.65 14.46 6.44
CA SER C 266 -6.36 15.83 6.01
C SER C 266 -6.66 16.03 4.54
N ARG C 267 -6.32 15.04 3.70
CA ARG C 267 -6.62 15.15 2.28
C ARG C 267 -8.12 15.12 2.02
N ASP C 268 -8.84 14.27 2.76
CA ASP C 268 -10.31 14.29 2.67
C ASP C 268 -10.87 15.64 3.11
N ALA C 269 -10.31 16.19 4.20
CA ALA C 269 -10.78 17.49 4.68
C ALA C 269 -10.52 18.58 3.65
N ALA C 270 -9.38 18.53 2.97
CA ALA C 270 -9.08 19.53 1.94
C ALA C 270 -10.05 19.40 0.77
N ASP C 271 -10.58 18.22 0.53
CA ASP C 271 -11.46 17.97 -0.60
C ASP C 271 -12.95 18.13 -0.25
N GLY C 272 -13.27 19.02 0.68
CA GLY C 272 -14.64 19.26 1.08
C GLY C 272 -14.96 18.82 2.50
N GLY C 273 -14.16 17.89 3.06
CA GLY C 273 -14.46 17.39 4.38
C GLY C 273 -14.47 18.47 5.43
N LEU C 274 -13.61 19.49 5.31
CA LEU C 274 -13.52 20.48 6.37
C LEU C 274 -14.74 21.40 6.34
N ALA C 275 -15.20 21.76 5.15
CA ALA C 275 -16.44 22.54 5.04
C ALA C 275 -17.63 21.78 5.61
N ASP C 276 -17.70 20.46 5.36
CA ASP C 276 -18.78 19.67 5.92
C ASP C 276 -18.69 19.62 7.44
N LEU C 277 -17.47 19.54 7.97
CA LEU C 277 -17.31 19.53 9.43
C LEU C 277 -17.79 20.85 10.03
N HIS C 278 -17.36 21.98 9.45
CA HIS C 278 -17.85 23.26 9.92
C HIS C 278 -19.37 23.36 9.86
N ALA C 279 -19.98 22.85 8.79
CA ALA C 279 -21.44 22.84 8.70
C ALA C 279 -22.06 21.97 9.78
N PHE C 280 -21.46 20.80 10.04
CA PHE C 280 -21.95 19.89 11.06
C PHE C 280 -21.89 20.52 12.46
N ILE C 281 -20.75 21.09 12.81
CA ILE C 281 -20.61 21.73 14.11
C ILE C 281 -21.60 22.89 14.23
N LEU C 282 -21.78 23.65 13.13
CA LEU C 282 -22.71 24.77 13.15
C LEU C 282 -24.14 24.28 13.33
N HIS C 283 -24.49 23.16 12.68
CA HIS C 283 -25.80 22.57 12.88
C HIS C 283 -26.01 22.15 14.34
N ASN C 284 -25.01 21.49 14.94
CA ASN C 284 -25.17 21.02 16.32
C ASN C 284 -25.20 22.19 17.29
N ARG C 285 -24.36 23.19 17.06
CA ARG C 285 -24.45 24.41 17.85
C ARG C 285 -25.85 25.02 17.74
N SER C 286 -26.41 25.05 16.53
CA SER C 286 -27.75 25.60 16.34
C SER C 286 -28.80 24.76 17.07
N VAL C 287 -28.63 23.44 17.08
CA VAL C 287 -29.56 22.59 17.80
C VAL C 287 -29.58 22.98 19.28
N VAL C 288 -28.39 23.08 19.88
CA VAL C 288 -28.29 23.42 21.29
C VAL C 288 -28.98 24.75 21.55
N ARG C 289 -28.66 25.76 20.75
CA ARG C 289 -29.16 27.10 21.04
C ARG C 289 -30.67 27.18 20.84
N ARG C 290 -31.20 26.56 19.78
CA ARG C 290 -32.66 26.57 19.58
C ARG C 290 -33.38 25.89 20.72
N ALA C 291 -32.85 24.76 21.22
CA ALA C 291 -33.51 24.03 22.29
C ALA C 291 -33.57 24.85 23.57
N LEU C 292 -32.58 25.71 23.83
CA LEU C 292 -32.48 26.37 25.12
C LEU C 292 -32.77 27.87 25.09
N ALA C 293 -32.88 28.50 23.92
CA ALA C 293 -32.94 29.96 23.89
C ALA C 293 -34.15 30.51 24.66
N GLY C 294 -35.26 29.79 24.66
CA GLY C 294 -36.43 30.30 25.33
C GLY C 294 -36.44 30.16 26.84
N VAL C 295 -35.47 29.48 27.43
CA VAL C 295 -35.54 29.16 28.85
C VAL C 295 -35.15 30.38 29.67
N GLU C 296 -35.94 30.69 30.70
CA GLU C 296 -35.68 31.85 31.55
C GLU C 296 -34.31 31.77 32.19
N GLY C 297 -33.55 32.85 32.09
CA GLY C 297 -32.23 32.89 32.69
C GLY C 297 -31.10 32.26 31.89
N VAL C 298 -31.38 31.67 30.72
CA VAL C 298 -30.34 31.03 29.91
C VAL C 298 -29.74 32.04 28.95
N SER C 299 -28.41 32.00 28.81
CA SER C 299 -27.75 32.77 27.76
C SER C 299 -26.49 32.06 27.27
N PHE C 300 -25.96 32.54 26.16
CA PHE C 300 -24.81 31.92 25.51
C PHE C 300 -23.66 32.93 25.47
N PRO C 301 -22.66 32.76 26.33
CA PRO C 301 -21.63 33.80 26.48
C PRO C 301 -20.74 34.00 25.26
N ASP C 302 -20.67 33.04 24.34
CA ASP C 302 -19.75 33.10 23.20
C ASP C 302 -20.51 33.00 21.87
N PRO C 303 -21.24 34.04 21.48
CA PRO C 303 -22.10 33.94 20.28
C PRO C 303 -21.35 33.62 19.01
N GLU C 304 -20.09 34.03 18.90
CA GLU C 304 -19.32 33.88 17.67
C GLU C 304 -18.42 32.65 17.66
N SER C 305 -18.44 31.84 18.71
CA SER C 305 -17.58 30.66 18.75
C SER C 305 -17.98 29.66 17.67
N ARG C 306 -16.97 29.06 17.06
CA ARG C 306 -17.15 27.98 16.09
C ARG C 306 -16.47 26.70 16.54
N SER C 307 -16.10 26.65 17.82
CA SER C 307 -15.43 25.49 18.36
C SER C 307 -16.43 24.39 18.64
N SER C 308 -15.90 23.18 18.88
CA SER C 308 -16.75 22.01 19.08
C SER C 308 -17.27 21.86 20.50
N VAL C 309 -17.11 22.87 21.35
CA VAL C 309 -17.71 22.88 22.68
C VAL C 309 -18.47 24.19 22.83
N GLU C 310 -19.53 24.16 23.63
CA GLU C 310 -20.44 25.29 23.80
C GLU C 310 -20.68 25.56 25.28
N ARG C 311 -20.44 26.78 25.72
CA ARG C 311 -20.81 27.20 27.08
C ARG C 311 -22.27 27.70 27.10
N VAL C 312 -22.97 27.34 28.17
CA VAL C 312 -24.34 27.79 28.43
C VAL C 312 -24.37 28.37 29.83
N ALA C 313 -24.81 29.62 29.95
CA ALA C 313 -24.95 30.27 31.25
C ALA C 313 -26.41 30.25 31.67
N PHE C 314 -26.63 30.19 32.99
CA PHE C 314 -27.96 30.21 33.57
C PHE C 314 -27.85 30.96 34.88
N ALA C 315 -28.94 31.57 35.31
CA ALA C 315 -28.87 32.43 36.47
C ALA C 315 -29.42 31.76 37.73
N GLY C 316 -30.28 30.75 37.56
CA GLY C 316 -31.00 30.22 38.71
C GLY C 316 -30.17 29.36 39.65
N ARG C 317 -29.07 28.79 39.17
CA ARG C 317 -28.34 27.84 39.98
C ARG C 317 -26.90 27.75 39.49
N THR C 318 -26.12 26.93 40.16
CA THR C 318 -24.73 26.77 39.82
C THR C 318 -24.58 25.64 38.81
N GLY C 319 -23.52 25.74 38.01
CA GLY C 319 -23.22 24.68 37.06
C GLY C 319 -22.96 23.36 37.74
N THR C 320 -22.45 23.39 38.98
CA THR C 320 -22.28 22.15 39.73
C THR C 320 -23.62 21.49 40.03
N GLU C 321 -24.63 22.28 40.42
CA GLU C 321 -25.94 21.71 40.72
C GLU C 321 -26.63 21.23 39.45
N VAL C 322 -26.55 22.00 38.36
CA VAL C 322 -27.09 21.56 37.08
C VAL C 322 -26.44 20.24 36.67
N TRP C 323 -25.13 20.15 36.86
CA TRP C 323 -24.40 18.95 36.50
C TRP C 323 -24.83 17.76 37.35
N GLU C 324 -25.12 17.99 38.64
CA GLU C 324 -25.58 16.91 39.51
C GLU C 324 -26.94 16.41 39.06
N GLU C 325 -27.83 17.33 38.68
CA GLU C 325 -29.17 16.95 38.26
C GLU C 325 -29.14 16.18 36.95
N LEU C 326 -28.31 16.63 35.99
CA LEU C 326 -28.18 15.92 34.72
C LEU C 326 -27.73 14.48 34.94
N GLN C 327 -26.79 14.26 35.85
CA GLN C 327 -26.29 12.92 36.08
C GLN C 327 -27.38 11.99 36.57
N ARG C 328 -28.26 12.48 37.45
CA ARG C 328 -29.41 11.69 37.86
C ARG C 328 -30.23 11.24 36.66
N HIS C 329 -30.24 12.04 35.59
CA HIS C 329 -30.97 11.70 34.38
C HIS C 329 -30.06 11.10 33.30
N HIS C 330 -28.87 10.65 33.68
CA HIS C 330 -27.98 9.87 32.81
C HIS C 330 -27.42 10.69 31.67
N VAL C 331 -27.31 11.99 31.89
CA VAL C 331 -26.66 12.91 30.97
C VAL C 331 -25.43 13.46 31.67
N PHE C 332 -24.29 13.40 31.00
CA PHE C 332 -23.01 13.78 31.57
C PHE C 332 -22.43 14.94 30.78
N ALA C 333 -22.50 16.13 31.36
CA ALA C 333 -21.87 17.33 30.85
C ALA C 333 -20.77 17.77 31.84
N LEU C 334 -20.29 18.99 31.69
CA LEU C 334 -19.25 19.46 32.59
C LEU C 334 -19.66 20.79 33.22
N PRO C 335 -19.46 20.95 34.52
CA PRO C 335 -19.50 22.30 35.09
C PRO C 335 -18.29 23.09 34.65
N CYS C 336 -18.44 24.41 34.61
CA CYS C 336 -17.40 25.26 34.06
C CYS C 336 -16.34 25.64 35.07
N ARG C 337 -16.57 25.33 36.36
CA ARG C 337 -15.63 25.68 37.42
C ARG C 337 -14.20 25.30 37.08
N GLN C 338 -13.99 24.07 36.57
CA GLN C 338 -12.63 23.57 36.40
C GLN C 338 -11.83 24.42 35.40
N PHE C 339 -12.52 25.10 34.47
CA PHE C 339 -11.81 25.85 33.45
C PHE C 339 -11.30 27.19 33.97
N HIS C 340 -11.93 27.69 35.03
CA HIS C 340 -11.46 28.90 35.70
C HIS C 340 -10.45 28.49 36.77
N TRP C 341 -9.29 28.06 36.26
CA TRP C 341 -8.27 27.39 37.07
C TRP C 341 -7.69 28.30 38.14
N ALA C 342 -7.84 29.62 38.02
CA ALA C 342 -7.33 30.55 39.02
C ALA C 342 -8.40 31.02 39.98
N GLU C 343 -9.66 31.03 39.56
CA GLU C 343 -10.76 31.56 40.38
C GLU C 343 -12.01 30.78 40.01
N PRO C 344 -12.16 29.58 40.58
CA PRO C 344 -13.18 28.65 40.05
C PRO C 344 -14.59 29.20 40.10
N SER C 345 -14.89 30.07 41.06
CA SER C 345 -16.23 30.63 41.17
C SER C 345 -16.61 31.46 39.95
N ASP C 346 -15.64 31.92 39.15
CA ASP C 346 -15.97 32.63 37.91
C ASP C 346 -16.81 31.76 36.98
N GLY C 347 -16.67 30.44 37.03
CA GLY C 347 -17.43 29.53 36.19
C GLY C 347 -18.63 28.92 36.88
N ASP C 348 -19.07 29.51 37.99
CA ASP C 348 -20.09 28.89 38.82
C ASP C 348 -21.48 28.87 38.17
N HIS C 349 -21.73 29.62 37.10
CA HIS C 349 -23.07 29.70 36.53
C HIS C 349 -23.09 29.33 35.06
N MET C 350 -22.20 28.43 34.66
CA MET C 350 -22.09 27.96 33.29
C MET C 350 -21.81 26.47 33.31
N VAL C 351 -22.27 25.77 32.26
CA VAL C 351 -21.87 24.41 31.95
C VAL C 351 -21.31 24.42 30.53
N ARG C 352 -20.62 23.32 30.19
CA ARG C 352 -20.03 23.14 28.87
C ARG C 352 -20.64 21.90 28.24
N ILE C 353 -20.99 22.03 26.95
CA ILE C 353 -21.59 20.96 26.15
C ILE C 353 -20.64 20.62 25.01
N ALA C 354 -20.37 19.33 24.83
CA ALA C 354 -19.58 18.84 23.70
C ALA C 354 -20.46 18.66 22.47
N LEU C 355 -20.04 19.25 21.34
CA LEU C 355 -20.80 19.24 20.11
C LEU C 355 -20.33 18.19 19.11
N SER C 356 -19.13 17.62 19.26
CA SER C 356 -18.64 16.60 18.33
C SER C 356 -19.32 15.27 18.68
N ARG C 357 -20.60 15.20 18.31
CA ARG C 357 -21.48 14.12 18.71
C ARG C 357 -22.49 13.93 17.60
N SER C 358 -22.95 12.68 17.43
CA SER C 358 -24.08 12.48 16.54
C SER C 358 -25.23 13.37 17.00
N THR C 359 -25.97 13.89 16.03
CA THR C 359 -26.95 14.93 16.32
C THR C 359 -28.10 14.37 17.17
N GLU C 360 -28.54 13.15 16.89
CA GLU C 360 -29.64 12.55 17.65
C GLU C 360 -29.32 12.44 19.14
N PRO C 361 -28.23 11.79 19.57
CA PRO C 361 -27.88 11.80 21.01
C PRO C 361 -27.71 13.18 21.60
N LEU C 362 -27.02 14.08 20.89
CA LEU C 362 -26.89 15.45 21.36
C LEU C 362 -28.26 16.08 21.63
N GLU C 363 -29.20 15.93 20.70
CA GLU C 363 -30.55 16.45 20.88
C GLU C 363 -31.23 15.85 22.10
N LYS C 364 -31.15 14.53 22.26
CA LYS C 364 -31.71 13.92 23.47
C LYS C 364 -31.09 14.53 24.73
N SER C 365 -29.79 14.76 24.72
CA SER C 365 -29.10 15.30 25.88
C SER C 365 -29.56 16.71 26.22
N VAL C 366 -29.66 17.60 25.23
CA VAL C 366 -30.02 18.98 25.52
C VAL C 366 -31.50 19.10 25.87
N GLN C 367 -32.29 18.10 25.52
CA GLN C 367 -33.68 18.12 25.93
C GLN C 367 -33.83 17.84 27.42
N VAL C 368 -33.04 16.91 27.95
CA VAL C 368 -33.00 16.72 29.41
C VAL C 368 -32.56 18.00 30.09
N LEU C 369 -31.48 18.61 29.59
CA LEU C 369 -30.99 19.87 30.16
C LEU C 369 -32.08 20.92 30.16
N ARG C 370 -32.76 21.08 29.02
CA ARG C 370 -33.87 22.03 28.94
C ARG C 370 -34.90 21.72 30.00
N THR C 371 -35.19 20.44 30.23
CA THR C 371 -36.22 20.07 31.20
C THR C 371 -35.75 20.36 32.62
N VAL C 372 -34.49 20.06 32.91
CA VAL C 372 -33.91 20.38 34.22
C VAL C 372 -33.98 21.89 34.47
N LEU C 373 -33.57 22.69 33.49
CA LEU C 373 -33.51 24.14 33.66
C LEU C 373 -34.89 24.79 33.72
N GLU C 374 -35.93 24.11 33.28
CA GLU C 374 -37.30 24.60 33.37
C GLU C 374 -37.99 24.17 34.65
N THR C 375 -37.43 23.23 35.40
CA THR C 375 -38.02 22.79 36.66
C THR C 375 -37.77 23.83 37.74
N LEU D 11 17.58 9.72 -12.25
CA LEU D 11 18.16 8.52 -11.63
C LEU D 11 17.58 7.21 -12.18
N THR D 12 18.47 6.28 -12.51
CA THR D 12 18.05 4.90 -12.69
C THR D 12 17.53 4.36 -11.37
N GLN D 13 16.80 3.25 -11.46
CA GLN D 13 16.21 2.72 -10.23
C GLN D 13 17.30 2.10 -9.34
N TRP D 14 18.35 1.50 -9.92
CA TRP D 14 19.49 1.03 -9.13
C TRP D 14 20.14 2.20 -8.37
N GLU D 15 20.35 3.34 -9.04
CA GLU D 15 20.90 4.52 -8.38
C GLU D 15 20.00 4.99 -7.24
N TYR D 16 18.69 5.03 -7.47
CA TYR D 16 17.77 5.42 -6.40
C TYR D 16 17.94 4.52 -5.19
N LEU D 17 18.01 3.20 -5.40
CA LEU D 17 18.16 2.26 -4.28
C LEU D 17 19.50 2.45 -3.57
N ALA D 18 20.59 2.63 -4.33
CA ALA D 18 21.90 2.81 -3.71
C ALA D 18 21.93 4.05 -2.83
N LEU D 19 21.27 5.12 -3.27
CA LEU D 19 21.30 6.39 -2.57
C LEU D 19 20.34 6.41 -1.38
N ASN D 20 19.29 5.60 -1.38
CA ASN D 20 18.21 5.74 -0.42
C ASN D 20 18.00 4.54 0.49
N SER D 21 18.68 3.42 0.26
CA SER D 21 18.43 2.23 1.06
C SER D 21 19.29 2.26 2.31
N GLU D 22 18.69 1.88 3.43
CA GLU D 22 19.38 1.86 4.70
C GLU D 22 18.97 0.60 5.46
N LEU D 23 19.93 0.04 6.19
CA LEU D 23 19.74 -1.17 6.99
C LEU D 23 19.79 -0.78 8.47
N ASN D 24 18.64 -0.79 9.12
CA ASN D 24 18.50 -0.35 10.50
C ASN D 24 18.53 -1.58 11.41
N ILE D 25 19.55 -1.65 12.27
CA ILE D 25 19.61 -2.67 13.31
C ILE D 25 19.80 -1.95 14.65
N ALA D 26 19.16 -0.80 14.80
CA ALA D 26 19.35 0.05 15.97
C ALA D 26 18.11 -0.03 16.86
N ASP D 27 16.99 0.52 16.40
CA ASP D 27 15.75 0.57 17.18
C ASP D 27 15.27 -0.81 17.60
N GLY D 28 14.97 -0.97 18.89
CA GLY D 28 14.48 -2.25 19.41
C GLY D 28 13.13 -2.72 18.90
N HIS D 29 12.29 -1.82 18.41
N HIS D 29 12.26 -1.82 18.45
CA HIS D 29 10.92 -2.19 18.02
CA HIS D 29 10.93 -2.26 18.07
C HIS D 29 10.93 -3.15 16.83
C HIS D 29 10.98 -3.26 16.93
N ALA D 30 9.88 -3.97 16.73
CA ALA D 30 9.85 -5.07 15.76
C ALA D 30 9.51 -4.61 14.34
N ARG D 31 10.31 -5.05 13.38
CA ARG D 31 10.11 -4.72 11.98
C ARG D 31 10.12 -5.92 11.05
N GLN D 32 10.22 -7.15 11.55
CA GLN D 32 10.09 -8.31 10.66
C GLN D 32 8.68 -8.40 10.06
N ALA D 33 8.54 -9.25 9.05
CA ALA D 33 7.27 -9.46 8.39
C ALA D 33 6.26 -10.07 9.35
N LEU D 34 4.99 -9.74 9.13
CA LEU D 34 3.91 -10.38 9.85
C LEU D 34 3.82 -11.84 9.48
N SER D 35 3.45 -12.68 10.45
CA SER D 35 3.07 -14.05 10.16
C SER D 35 1.72 -14.07 9.44
N PRO D 36 1.34 -15.21 8.87
CA PRO D 36 0.01 -15.31 8.24
C PRO D 36 -1.14 -15.00 9.17
N GLY D 37 -1.08 -15.47 10.42
CA GLY D 37 -2.14 -15.18 11.37
C GLY D 37 -2.18 -13.70 11.76
N GLN D 38 -1.02 -13.06 11.83
CA GLN D 38 -1.03 -11.63 12.10
C GLN D 38 -1.55 -10.83 10.90
N GLN D 39 -1.23 -11.26 9.68
CA GLN D 39 -1.75 -10.56 8.50
C GLN D 39 -3.27 -10.64 8.46
N LYS D 40 -3.84 -11.78 8.88
CA LYS D 40 -5.29 -11.89 8.98
C LYS D 40 -5.86 -10.83 9.91
N ILE D 41 -5.17 -10.54 11.03
CA ILE D 41 -5.65 -9.50 11.94
C ILE D 41 -5.65 -8.15 11.22
N VAL D 42 -4.54 -7.81 10.59
CA VAL D 42 -4.48 -6.55 9.85
C VAL D 42 -5.58 -6.47 8.81
N ASN D 43 -5.88 -7.58 8.13
CA ASN D 43 -6.93 -7.55 7.11
C ASN D 43 -8.29 -7.24 7.70
N GLU D 44 -8.49 -7.49 8.98
CA GLU D 44 -9.77 -7.26 9.65
C GLU D 44 -9.82 -5.93 10.40
N LEU D 45 -8.88 -5.03 10.16
CA LEU D 45 -8.90 -3.74 10.87
C LEU D 45 -10.21 -2.97 10.71
N PRO D 46 -10.82 -2.90 9.52
CA PRO D 46 -12.14 -2.25 9.42
C PRO D 46 -13.20 -2.86 10.34
N VAL D 47 -13.19 -4.17 10.54
CA VAL D 47 -14.09 -4.81 11.49
C VAL D 47 -13.73 -4.42 12.92
N LEU D 48 -12.43 -4.42 13.24
CA LEU D 48 -12.04 -4.02 14.60
C LEU D 48 -12.38 -2.56 14.86
N TRP D 49 -12.27 -1.70 13.83
CA TRP D 49 -12.73 -0.32 13.95
C TRP D 49 -14.23 -0.25 14.29
N ALA D 50 -15.07 -0.95 13.51
CA ALA D 50 -16.50 -0.96 13.80
C ALA D 50 -16.78 -1.45 15.22
N GLU D 51 -16.12 -2.53 15.65
CA GLU D 51 -16.29 -3.00 17.04
C GLU D 51 -15.92 -1.91 18.04
N SER D 52 -14.81 -1.21 17.79
CA SER D 52 -14.35 -0.16 18.67
C SER D 52 -15.32 1.01 18.73
N GLU D 53 -16.06 1.25 17.64
CA GLU D 53 -17.08 2.28 17.66
C GLU D 53 -18.31 1.87 18.46
N GLN D 54 -18.56 0.56 18.61
CA GLN D 54 -19.83 0.08 19.13
C GLN D 54 -19.77 -0.44 20.56
N ARG D 55 -18.63 -0.87 21.04
CA ARG D 55 -18.58 -1.42 22.37
C ARG D 55 -17.95 -0.43 23.35
N PRO D 56 -18.26 -0.53 24.65
CA PRO D 56 -17.54 0.28 25.65
C PRO D 56 -16.05 -0.02 25.60
N VAL D 57 -15.24 1.04 25.60
CA VAL D 57 -13.79 0.87 25.59
C VAL D 57 -13.33 -0.01 26.76
N GLN D 58 -14.00 0.09 27.91
CA GLN D 58 -13.57 -0.64 29.09
C GLN D 58 -13.68 -2.15 28.88
N GLN D 59 -14.71 -2.59 28.17
CA GLN D 59 -14.84 -4.01 27.87
C GLN D 59 -13.72 -4.48 26.95
N ILE D 60 -13.43 -3.72 25.89
CA ILE D 60 -12.31 -4.04 25.00
C ILE D 60 -11.00 -4.05 25.78
N GLU D 61 -10.78 -3.00 26.58
CA GLU D 61 -9.60 -2.92 27.42
C GLU D 61 -9.46 -4.13 28.34
N SER D 62 -10.55 -4.54 29.01
CA SER D 62 -10.47 -5.68 29.93
C SER D 62 -10.07 -6.94 29.18
N GLU D 63 -10.59 -7.12 27.97
CA GLU D 63 -10.25 -8.29 27.17
C GLU D 63 -8.79 -8.26 26.73
N ALA D 64 -8.30 -7.09 26.29
CA ALA D 64 -6.91 -6.93 25.92
C ALA D 64 -5.97 -7.24 27.07
N HIS D 65 -6.23 -6.65 28.25
CA HIS D 65 -5.42 -6.98 29.43
C HIS D 65 -5.47 -8.49 29.74
N GLN D 66 -6.66 -9.06 29.81
CA GLN D 66 -6.75 -10.49 30.12
C GLN D 66 -5.94 -11.32 29.14
N ALA D 67 -6.04 -11.01 27.84
CA ALA D 67 -5.34 -11.81 26.85
C ALA D 67 -3.83 -11.65 26.97
N TYR D 68 -3.34 -10.42 27.18
CA TYR D 68 -1.89 -10.20 27.26
C TYR D 68 -1.30 -10.78 28.55
N PHE D 69 -1.89 -10.47 29.70
CA PHE D 69 -1.36 -11.01 30.96
C PHE D 69 -1.39 -12.54 31.00
N THR D 70 -2.49 -13.16 30.53
CA THR D 70 -2.58 -14.61 30.67
C THR D 70 -1.63 -15.29 29.69
N LEU D 71 -1.45 -14.68 28.52
CA LEU D 71 -0.48 -15.17 27.54
C LEU D 71 0.88 -15.38 28.18
N LEU D 72 1.29 -14.45 29.03
CA LEU D 72 2.64 -14.47 29.60
C LEU D 72 2.65 -14.91 31.06
N GLY D 73 1.65 -15.67 31.49
CA GLY D 73 1.67 -16.35 32.78
C GLY D 73 1.44 -15.47 33.98
N GLN D 74 1.00 -14.22 33.79
CA GLN D 74 0.76 -13.30 34.90
C GLN D 74 -0.70 -13.37 35.38
N HIS D 75 -1.09 -14.58 35.80
CA HIS D 75 -2.50 -14.85 36.11
C HIS D 75 -3.02 -14.07 37.32
N GLY D 76 -2.14 -13.65 38.21
CA GLY D 76 -2.54 -12.89 39.38
C GLY D 76 -2.64 -11.39 39.19
N TYR D 77 -2.53 -10.87 37.96
CA TYR D 77 -2.64 -9.43 37.78
C TYR D 77 -3.97 -8.93 38.34
N PRO D 78 -4.02 -7.70 38.84
CA PRO D 78 -5.28 -7.16 39.37
C PRO D 78 -6.23 -6.77 38.25
N ALA D 79 -7.34 -7.50 38.17
CA ALA D 79 -8.28 -7.37 37.05
C ALA D 79 -9.42 -6.40 37.32
N GLU D 80 -9.53 -5.86 38.52
CA GLU D 80 -10.55 -4.85 38.78
C GLU D 80 -10.28 -3.63 37.89
N PRO D 81 -11.31 -3.07 37.22
CA PRO D 81 -11.08 -1.90 36.36
C PRO D 81 -10.46 -0.74 37.13
N GLY D 82 -9.43 -0.13 36.54
CA GLY D 82 -8.71 0.96 37.17
C GLY D 82 -7.41 0.57 37.84
N ARG D 83 -7.14 -0.73 38.01
CA ARG D 83 -5.87 -1.12 38.61
C ARG D 83 -4.75 -1.20 37.57
N VAL D 84 -5.10 -1.44 36.31
CA VAL D 84 -4.16 -1.43 35.19
C VAL D 84 -4.47 -0.19 34.38
N LEU D 85 -3.53 0.75 34.32
CA LEU D 85 -3.74 1.99 33.61
C LEU D 85 -3.08 1.86 32.23
N SER D 86 -3.89 1.95 31.17
CA SER D 86 -3.38 1.82 29.80
C SER D 86 -2.82 3.16 29.31
N CYS D 87 -1.56 3.18 28.90
CA CYS D 87 -0.88 4.40 28.46
C CYS D 87 -0.42 4.26 27.01
N TYR D 88 -0.13 5.41 26.39
CA TYR D 88 0.29 5.38 24.99
C TYR D 88 1.56 4.58 24.78
N SER D 89 2.38 4.45 25.81
CA SER D 89 3.61 3.70 25.69
C SER D 89 4.15 3.45 27.08
N SER D 90 5.13 2.54 27.16
CA SER D 90 5.82 2.27 28.41
C SER D 90 6.59 3.49 28.91
N SER D 91 7.15 4.30 27.99
CA SER D 91 7.88 5.47 28.44
C SER D 91 6.94 6.57 28.96
N VAL D 92 5.71 6.65 28.43
CA VAL D 92 4.71 7.53 29.04
C VAL D 92 4.37 7.05 30.46
N SER D 93 4.15 5.74 30.63
CA SER D 93 3.99 5.17 31.97
C SER D 93 5.16 5.54 32.85
N MET D 94 6.37 5.49 32.29
CA MET D 94 7.57 5.76 33.07
C MET D 94 7.63 7.23 33.48
N GLU D 95 7.23 8.12 32.60
CA GLU D 95 7.14 9.54 32.96
C GLU D 95 6.13 9.77 34.09
N ILE D 96 4.96 9.11 34.01
CA ILE D 96 3.98 9.19 35.08
C ILE D 96 4.58 8.71 36.40
N LEU D 97 5.23 7.54 36.38
CA LEU D 97 5.79 6.97 37.58
C LEU D 97 6.91 7.85 38.14
N ALA D 98 7.77 8.35 37.26
CA ALA D 98 8.89 9.17 37.70
C ALA D 98 8.40 10.43 38.37
N ARG D 99 7.43 11.14 37.75
CA ARG D 99 6.90 12.33 38.39
C ARG D 99 6.12 11.99 39.67
N SER D 100 5.47 10.84 39.71
CA SER D 100 4.78 10.40 40.92
C SER D 100 5.77 10.10 42.05
N LEU D 101 6.87 9.41 41.74
CA LEU D 101 7.92 9.15 42.74
C LEU D 101 8.45 10.44 43.33
N SER D 102 8.64 11.48 42.51
CA SER D 102 9.25 12.70 43.01
C SER D 102 8.42 13.39 44.08
N ALA D 103 7.14 13.02 44.25
CA ALA D 103 6.33 13.56 45.32
C ALA D 103 6.80 13.14 46.71
N SER D 104 7.49 12.01 46.85
CA SER D 104 7.76 11.51 48.19
C SER D 104 9.05 10.72 48.28
N VAL D 105 9.84 10.64 47.21
CA VAL D 105 11.05 9.84 47.16
C VAL D 105 12.17 10.76 46.68
N ASP D 106 13.34 10.66 47.30
CA ASP D 106 14.55 11.39 46.89
C ASP D 106 15.51 10.56 46.06
N ARG D 107 15.65 9.26 46.35
CA ARG D 107 16.68 8.45 45.73
C ARG D 107 16.08 7.14 45.26
N VAL D 108 16.52 6.69 44.08
CA VAL D 108 16.10 5.43 43.48
C VAL D 108 17.34 4.59 43.19
N ALA D 109 17.32 3.35 43.66
CA ALA D 109 18.30 2.36 43.22
C ALA D 109 17.83 1.78 41.89
N LEU D 110 18.69 1.82 40.88
CA LEU D 110 18.35 1.46 39.51
C LEU D 110 19.38 0.50 38.93
N VAL D 111 18.92 -0.58 38.31
CA VAL D 111 19.83 -1.53 37.70
C VAL D 111 20.65 -0.83 36.61
N HIS D 112 21.94 -1.18 36.55
CA HIS D 112 22.92 -0.62 35.63
C HIS D 112 23.73 -1.77 34.98
N PRO D 113 23.80 -1.83 33.64
CA PRO D 113 23.16 -0.92 32.67
C PRO D 113 21.67 -1.16 32.58
N THR D 114 20.92 -0.25 31.95
CA THR D 114 19.55 -0.56 31.55
C THR D 114 19.15 0.41 30.45
N PHE D 115 17.88 0.30 30.03
CA PHE D 115 17.31 1.15 29.00
C PHE D 115 17.43 2.60 29.45
N ASP D 116 18.09 3.45 28.67
CA ASP D 116 18.55 4.73 29.22
C ASP D 116 17.43 5.74 29.45
N ASN D 117 16.31 5.61 28.73
CA ASN D 117 15.18 6.51 29.00
C ASN D 117 14.80 6.46 30.47
N ILE D 118 14.97 5.31 31.11
CA ILE D 118 14.52 5.16 32.49
C ILE D 118 15.31 6.08 33.40
N ALA D 119 16.64 6.04 33.29
CA ALA D 119 17.51 6.94 34.01
C ALA D 119 17.21 8.41 33.65
N ASP D 120 17.06 8.70 32.35
CA ASP D 120 16.84 10.09 31.93
C ASP D 120 15.50 10.63 32.43
N LEU D 121 14.45 9.81 32.44
CA LEU D 121 13.16 10.25 32.98
C LEU D 121 13.21 10.42 34.50
N LEU D 122 13.88 9.50 35.19
CA LEU D 122 13.98 9.63 36.64
C LEU D 122 14.78 10.86 37.02
N ARG D 123 15.96 11.04 36.39
CA ARG D 123 16.77 12.21 36.71
C ARG D 123 16.07 13.50 36.30
N GLY D 124 15.37 13.48 35.16
CA GLY D 124 14.64 14.67 34.71
C GLY D 124 13.57 15.11 35.68
N ASN D 125 13.02 14.18 36.44
CA ASN D 125 12.06 14.50 37.46
C ASN D 125 12.68 14.69 38.85
N GLY D 126 14.00 14.80 38.96
CA GLY D 126 14.61 15.15 40.23
C GLY D 126 14.97 13.97 41.11
N LEU D 127 14.97 12.74 40.60
CA LEU D 127 15.34 11.62 41.45
C LEU D 127 16.84 11.43 41.39
N ASP D 128 17.47 11.28 42.56
CA ASP D 128 18.88 10.91 42.63
C ASP D 128 19.02 9.40 42.42
N LEU D 129 19.96 9.00 41.57
CA LEU D 129 20.03 7.61 41.11
C LEU D 129 21.24 6.91 41.72
N VAL D 130 21.02 5.72 42.25
CA VAL D 130 22.08 4.90 42.82
C VAL D 130 22.21 3.67 41.94
N PRO D 131 23.28 3.52 41.17
CA PRO D 131 23.38 2.35 40.28
C PRO D 131 23.57 1.04 41.07
N VAL D 132 22.91 -0.01 40.60
CA VAL D 132 23.10 -1.35 41.15
C VAL D 132 23.52 -2.23 40.00
N GLU D 133 24.78 -2.68 40.03
CA GLU D 133 25.23 -3.54 38.95
C GLU D 133 24.44 -4.86 38.98
N GLU D 134 24.37 -5.50 37.82
CA GLU D 134 23.52 -6.68 37.67
C GLU D 134 23.93 -7.82 38.60
N ASP D 135 25.23 -8.05 38.77
CA ASP D 135 25.65 -9.13 39.65
C ASP D 135 25.21 -8.90 41.09
N ALA D 136 25.36 -7.67 41.59
CA ALA D 136 24.87 -7.35 42.93
C ALA D 136 23.38 -7.59 43.03
N LEU D 137 22.62 -7.17 42.00
CA LEU D 137 21.17 -7.21 42.05
C LEU D 137 20.66 -8.64 42.06
N HIS D 138 21.23 -9.48 41.21
CA HIS D 138 20.79 -10.87 41.09
C HIS D 138 21.40 -11.77 42.13
N GLY D 139 22.62 -11.49 42.57
CA GLY D 139 23.40 -12.47 43.32
C GLY D 139 23.32 -12.38 44.83
N ALA D 140 22.91 -11.22 45.37
CA ALA D 140 22.93 -11.03 46.80
C ALA D 140 21.77 -10.14 47.24
N ASP D 141 21.41 -10.25 48.51
CA ASP D 141 20.45 -9.30 49.08
C ASP D 141 20.99 -7.89 48.92
N LEU D 142 20.10 -6.94 48.68
CA LEU D 142 20.51 -5.55 48.77
C LEU D 142 20.92 -5.23 50.20
N SER D 143 21.90 -4.35 50.31
CA SER D 143 22.44 -4.08 51.63
C SER D 143 21.46 -3.25 52.43
N ALA D 144 21.54 -3.36 53.75
CA ALA D 144 20.71 -2.54 54.63
C ALA D 144 21.01 -1.05 54.43
N GLU D 145 22.28 -0.73 54.17
CA GLU D 145 22.66 0.66 53.95
C GLU D 145 21.98 1.21 52.71
N LEU D 146 21.94 0.42 51.64
CA LEU D 146 21.27 0.89 50.45
C LEU D 146 19.79 1.08 50.71
N LEU D 147 19.16 0.11 51.39
CA LEU D 147 17.73 0.21 51.60
C LEU D 147 17.38 1.26 52.64
N SER D 148 18.34 1.67 53.48
CA SER D 148 18.04 2.82 54.32
C SER D 148 18.09 4.14 53.55
N SER D 149 18.66 4.15 52.33
CA SER D 149 18.86 5.41 51.63
C SER D 149 18.00 5.61 50.39
N VAL D 150 17.27 4.60 49.90
CA VAL D 150 16.44 4.80 48.71
C VAL D 150 14.97 4.59 49.07
N GLY D 151 14.10 5.24 48.31
CA GLY D 151 12.66 5.09 48.44
C GLY D 151 12.04 4.16 47.41
N CYS D 152 12.84 3.74 46.42
CA CYS D 152 12.38 2.85 45.37
C CYS D 152 13.56 2.07 44.80
N VAL D 153 13.34 0.78 44.55
CA VAL D 153 14.28 -0.05 43.81
C VAL D 153 13.62 -0.36 42.47
N PHE D 154 14.35 -0.09 41.38
CA PHE D 154 13.80 -0.23 40.02
C PHE D 154 14.60 -1.26 39.23
N VAL D 155 13.90 -2.27 38.73
CA VAL D 155 14.52 -3.38 38.01
C VAL D 155 13.82 -3.55 36.66
N THR D 156 14.62 -3.60 35.61
CA THR D 156 14.17 -3.95 34.26
C THR D 156 14.43 -5.44 34.08
N THR D 157 13.37 -6.20 33.81
CA THR D 157 13.49 -7.66 33.66
C THR D 157 12.47 -8.22 32.67
N PRO D 158 12.94 -8.96 31.62
CA PRO D 158 14.37 -9.16 31.25
C PRO D 158 15.04 -7.83 30.99
N ASN D 159 16.31 -7.68 31.35
CA ASN D 159 16.95 -6.38 31.21
C ASN D 159 17.22 -6.06 29.74
N ASN D 160 17.19 -4.79 29.43
CA ASN D 160 17.59 -4.27 28.14
C ASN D 160 18.78 -3.41 28.46
N PRO D 161 19.96 -3.70 27.92
CA PRO D 161 20.30 -4.55 26.77
C PRO D 161 20.81 -5.98 27.04
N THR D 162 20.85 -6.45 28.29
CA THR D 162 21.56 -7.67 28.59
C THR D 162 20.73 -8.94 28.46
N GLY D 163 19.41 -8.84 28.55
CA GLY D 163 18.54 -10.00 28.57
C GLY D 163 18.42 -10.69 29.92
N ARG D 164 19.16 -10.26 30.92
CA ARG D 164 19.19 -10.95 32.21
C ARG D 164 17.81 -10.93 32.87
N VAL D 165 17.38 -12.11 33.31
CA VAL D 165 16.05 -12.30 33.87
C VAL D 165 16.15 -12.37 35.38
N LEU D 166 15.33 -11.58 36.07
CA LEU D 166 15.24 -11.67 37.53
C LEU D 166 14.50 -12.96 37.88
N ALA D 167 15.19 -13.89 38.53
CA ALA D 167 14.60 -15.17 38.85
C ALA D 167 13.60 -15.02 40.01
N GLU D 168 12.67 -15.97 40.09
CA GLU D 168 11.55 -15.87 41.04
C GLU D 168 12.05 -15.78 42.48
N GLU D 169 13.05 -16.58 42.82
CA GLU D 169 13.59 -16.55 44.18
C GLU D 169 14.19 -15.18 44.52
N ARG D 170 14.80 -14.51 43.54
CA ARG D 170 15.35 -13.18 43.80
C ARG D 170 14.27 -12.09 43.81
N LEU D 171 13.30 -12.17 42.91
CA LEU D 171 12.15 -11.27 43.00
C LEU D 171 11.49 -11.38 44.37
N ARG D 172 11.31 -12.61 44.86
CA ARG D 172 10.67 -12.79 46.16
C ARG D 172 11.50 -12.14 47.26
N ARG D 173 12.81 -12.41 47.28
CA ARG D 173 13.63 -11.81 48.32
C ARG D 173 13.62 -10.29 48.22
N LEU D 174 13.68 -9.76 47.00
CA LEU D 174 13.66 -8.31 46.82
C LEU D 174 12.37 -7.73 47.34
N ALA D 175 11.24 -8.35 47.00
CA ALA D 175 9.96 -7.84 47.46
C ALA D 175 9.81 -7.95 48.97
N GLU D 176 10.39 -9.00 49.58
CA GLU D 176 10.35 -9.11 51.04
C GLU D 176 11.19 -8.03 51.70
N GLN D 177 12.40 -7.77 51.15
CA GLN D 177 13.25 -6.69 51.63
C GLN D 177 12.54 -5.35 51.50
N CYS D 178 11.92 -5.08 50.34
CA CYS D 178 11.23 -3.82 50.17
C CYS D 178 10.07 -3.68 51.15
N ALA D 179 9.31 -4.76 51.36
CA ALA D 179 8.24 -4.74 52.36
C ALA D 179 8.79 -4.47 53.76
N GLU D 180 9.90 -5.12 54.11
CA GLU D 180 10.50 -4.89 55.42
C GLU D 180 10.87 -3.42 55.61
N HIS D 181 11.23 -2.71 54.52
CA HIS D 181 11.77 -1.34 54.64
C HIS D 181 10.77 -0.26 54.25
N GLY D 182 9.58 -0.63 53.77
CA GLY D 182 8.64 0.37 53.27
C GLY D 182 8.98 0.90 51.89
N THR D 183 9.88 0.26 51.17
CA THR D 183 10.36 0.71 49.86
C THR D 183 9.42 0.28 48.73
N VAL D 184 9.31 1.13 47.71
CA VAL D 184 8.61 0.79 46.47
C VAL D 184 9.48 -0.12 45.61
N LEU D 185 8.96 -1.28 45.22
CA LEU D 185 9.58 -2.11 44.19
C LEU D 185 8.92 -1.85 42.83
N ALA D 186 9.72 -1.41 41.84
CA ALA D 186 9.24 -1.08 40.51
C ALA D 186 9.94 -1.95 39.47
N LEU D 187 9.15 -2.51 38.56
CA LEU D 187 9.65 -3.37 37.50
C LEU D 187 9.22 -2.85 36.13
N ASP D 188 10.14 -2.91 35.17
CA ASP D 188 9.88 -2.68 33.76
C ASP D 188 10.03 -4.03 33.05
N THR D 189 8.92 -4.54 32.52
CA THR D 189 8.87 -5.90 31.99
C THR D 189 8.58 -5.90 30.49
N SER D 190 9.05 -4.87 29.79
CA SER D 190 8.88 -4.75 28.34
C SER D 190 9.33 -6.00 27.59
N PHE D 191 10.45 -6.63 27.99
CA PHE D 191 10.95 -7.79 27.27
C PHE D 191 10.33 -9.13 27.73
N ARG D 192 9.30 -9.10 28.58
CA ARG D 192 8.78 -10.32 29.18
C ARG D 192 8.47 -11.39 28.16
N GLY D 193 7.78 -11.01 27.08
CA GLY D 193 7.27 -11.98 26.14
C GLY D 193 8.35 -12.81 25.46
N PHE D 194 9.58 -12.29 25.38
CA PHE D 194 10.65 -12.99 24.68
C PHE D 194 11.25 -14.15 25.46
N ASP D 195 11.11 -14.20 26.77
CA ASP D 195 11.88 -15.15 27.57
C ASP D 195 10.97 -15.89 28.53
N ALA D 196 10.80 -17.20 28.30
CA ALA D 196 9.91 -18.01 29.12
C ALA D 196 10.32 -18.01 30.59
N ALA D 197 11.60 -17.75 30.90
CA ALA D 197 12.02 -17.68 32.29
C ALA D 197 11.37 -16.53 33.04
N ALA D 198 10.85 -15.53 32.32
CA ALA D 198 10.12 -14.40 32.89
C ALA D 198 8.61 -14.63 32.91
N HIS D 199 8.14 -15.86 32.66
CA HIS D 199 6.70 -16.11 32.62
C HIS D 199 6.16 -16.77 33.90
N TYR D 200 6.97 -16.93 34.95
CA TYR D 200 6.38 -17.18 36.26
C TYR D 200 5.57 -15.95 36.68
N ASP D 201 4.55 -16.18 37.51
CA ASP D 201 3.60 -15.14 37.88
C ASP D 201 4.26 -14.15 38.84
N HIS D 202 4.65 -13.00 38.31
CA HIS D 202 5.28 -11.95 39.12
C HIS D 202 4.30 -11.33 40.11
N TYR D 203 3.02 -11.24 39.73
CA TYR D 203 2.05 -10.57 40.59
C TYR D 203 1.78 -11.40 41.82
N ALA D 204 1.78 -12.73 41.68
CA ALA D 204 1.59 -13.55 42.85
C ALA D 204 2.72 -13.35 43.85
N VAL D 205 3.95 -13.16 43.36
CA VAL D 205 5.10 -12.95 44.25
C VAL D 205 4.98 -11.62 44.97
N LEU D 206 4.67 -10.55 44.22
CA LEU D 206 4.58 -9.21 44.79
C LEU D 206 3.44 -9.13 45.79
N GLN D 207 2.32 -9.76 45.50
CA GLN D 207 1.22 -9.72 46.43
C GLN D 207 1.52 -10.55 47.69
N GLU D 208 2.23 -11.67 47.58
CA GLU D 208 2.49 -12.44 48.79
C GLU D 208 3.53 -11.76 49.67
N ALA D 209 4.44 -10.98 49.09
CA ALA D 209 5.41 -10.27 49.93
C ALA D 209 4.76 -9.09 50.64
N GLY D 210 3.69 -8.52 50.06
CA GLY D 210 3.04 -7.38 50.66
C GLY D 210 3.81 -6.08 50.56
N CYS D 211 4.72 -5.97 49.62
CA CYS D 211 5.44 -4.70 49.47
C CYS D 211 4.59 -3.73 48.64
N ARG D 212 4.95 -2.45 48.72
CA ARG D 212 4.49 -1.50 47.72
C ARG D 212 5.15 -1.82 46.38
N TRP D 213 4.36 -1.87 45.30
CA TRP D 213 4.95 -2.26 44.02
C TRP D 213 4.27 -1.59 42.84
N VAL D 214 5.02 -1.50 41.75
CA VAL D 214 4.56 -0.97 40.47
C VAL D 214 5.23 -1.82 39.40
N VAL D 215 4.48 -2.16 38.36
CA VAL D 215 5.03 -2.88 37.22
C VAL D 215 4.59 -2.12 35.97
N ILE D 216 5.52 -1.84 35.08
CA ILE D 216 5.17 -1.28 33.79
C ILE D 216 5.34 -2.39 32.77
N GLU D 217 4.23 -2.95 32.31
CA GLU D 217 4.29 -3.88 31.20
C GLU D 217 4.27 -3.06 29.91
N ASP D 218 4.61 -3.71 28.79
CA ASP D 218 4.66 -3.03 27.51
C ASP D 218 4.36 -4.04 26.41
N THR D 219 3.47 -3.67 25.49
CA THR D 219 3.20 -4.55 24.36
C THR D 219 4.07 -4.22 23.17
N GLY D 220 4.81 -3.13 23.20
CA GLY D 220 5.40 -2.59 22.01
C GLY D 220 6.63 -3.23 21.42
N LEU D 222 7.24 -6.71 21.26
CA LEU D 222 7.00 -8.10 20.87
C LEU D 222 6.69 -8.36 19.41
N TRP D 223 5.78 -7.58 18.87
CA TRP D 223 5.19 -7.86 17.57
C TRP D 223 5.40 -6.70 16.63
N PRO D 224 5.49 -6.94 15.35
CA PRO D 224 5.59 -5.83 14.38
C PRO D 224 4.24 -5.15 14.13
N THR D 225 3.87 -4.28 15.07
CA THR D 225 2.61 -3.55 14.99
C THR D 225 2.82 -2.06 14.69
N LEU D 226 3.92 -1.69 14.04
CA LEU D 226 4.10 -0.29 13.58
C LEU D 226 3.93 0.69 14.75
N ASP D 227 4.43 0.28 15.91
CA ASP D 227 4.39 1.07 17.14
C ASP D 227 3.00 1.35 17.64
N LEU D 228 2.04 0.54 17.22
CA LEU D 228 0.73 0.55 17.85
C LEU D 228 0.82 -0.35 19.08
N LYS D 229 0.66 0.25 20.26
CA LYS D 229 1.11 -0.41 21.46
C LYS D 229 0.44 0.25 22.64
N ALA D 230 0.60 -0.37 23.80
CA ALA D 230 0.26 0.26 25.06
C ALA D 230 1.33 -0.05 26.08
N GLY D 231 1.63 0.92 26.92
CA GLY D 231 2.26 0.66 28.22
C GLY D 231 1.16 0.39 29.23
N LEU D 232 1.39 -0.60 30.08
CA LEU D 232 0.41 -0.98 31.10
C LEU D 232 1.00 -0.72 32.47
N LEU D 233 0.46 0.28 33.16
CA LEU D 233 0.96 0.70 34.46
C LEU D 233 0.11 0.02 35.54
N VAL D 234 0.73 -0.89 36.29
CA VAL D 234 0.04 -1.68 37.31
C VAL D 234 0.67 -1.39 38.66
N PHE D 235 -0.16 -1.28 39.71
CA PHE D 235 0.40 -0.89 41.00
C PHE D 235 -0.42 -1.48 42.14
N SER D 236 0.26 -1.67 43.26
CA SER D 236 -0.41 -2.14 44.46
C SER D 236 -1.39 -1.10 44.98
N GLU D 237 -2.41 -1.57 45.69
CA GLU D 237 -3.41 -0.64 46.24
C GLU D 237 -2.83 0.30 47.29
N ASP D 238 -1.76 -0.10 47.97
CA ASP D 238 -1.10 0.78 48.92
C ASP D 238 0.11 1.49 48.30
N ILE D 239 0.11 1.73 46.99
CA ILE D 239 1.31 2.27 46.35
C ILE D 239 1.73 3.58 47.02
N GLY D 240 0.74 4.40 47.43
CA GLY D 240 1.02 5.64 48.14
C GLY D 240 1.73 6.71 47.33
N LEU D 241 1.64 6.66 46.02
CA LEU D 241 2.15 7.66 45.11
C LEU D 241 0.98 8.15 44.25
N PRO D 242 1.04 9.40 43.75
CA PRO D 242 -0.09 9.95 42.97
C PRO D 242 -0.14 9.53 41.50
N VAL D 243 0.08 8.24 41.22
CA VAL D 243 0.14 7.76 39.84
C VAL D 243 -1.21 7.96 39.13
N GLU D 244 -2.32 7.74 39.84
CA GLU D 244 -3.63 7.87 39.18
C GLU D 244 -3.94 9.32 38.82
N LYS D 245 -3.63 10.26 39.71
CA LYS D 245 -3.86 11.67 39.43
C LYS D 245 -2.97 12.14 38.27
N ILE D 246 -1.70 11.77 38.25
CA ILE D 246 -0.81 12.24 37.18
C ILE D 246 -1.16 11.56 35.85
N TYR D 247 -1.44 10.26 35.87
CA TYR D 247 -2.01 9.59 34.71
C TYR D 247 -3.14 10.41 34.11
N SER D 248 -4.07 10.84 34.95
CA SER D 248 -5.26 11.47 34.40
C SER D 248 -5.01 12.89 33.96
N ASP D 249 -3.92 13.53 34.39
CA ASP D 249 -3.50 14.79 33.81
C ASP D 249 -2.92 14.61 32.42
N ILE D 250 -2.43 13.43 32.09
CA ILE D 250 -1.80 13.22 30.79
C ILE D 250 -2.75 12.58 29.78
N LEU D 251 -3.63 11.65 30.20
CA LEU D 251 -4.54 11.03 29.23
C LEU D 251 -5.77 10.44 29.89
N LEU D 252 -6.81 10.29 29.07
CA LEU D 252 -8.04 9.57 29.43
C LEU D 252 -7.90 8.08 29.21
N GLY D 253 -7.04 7.67 28.30
CA GLY D 253 -6.93 6.28 27.91
C GLY D 253 -6.36 6.21 26.51
N VAL D 254 -6.22 4.97 26.04
CA VAL D 254 -5.66 4.69 24.72
C VAL D 254 -6.79 4.27 23.80
N SER D 255 -6.51 4.34 22.51
CA SER D 255 -7.46 4.01 21.47
C SER D 255 -8.03 2.61 21.68
N PRO D 256 -9.36 2.43 21.62
CA PRO D 256 -9.92 1.07 21.61
C PRO D 256 -9.42 0.22 20.45
N LEU D 257 -9.06 0.83 19.33
CA LEU D 257 -8.55 0.06 18.21
C LEU D 257 -7.20 -0.59 18.56
N ILE D 258 -6.34 0.15 19.26
CA ILE D 258 -5.07 -0.39 19.71
C ILE D 258 -5.29 -1.51 20.72
N LEU D 259 -6.25 -1.34 21.63
CA LEU D 259 -6.53 -2.38 22.61
C LEU D 259 -7.05 -3.63 21.92
N ALA D 260 -7.91 -3.46 20.92
CA ALA D 260 -8.43 -4.59 20.16
C ALA D 260 -7.30 -5.30 19.41
N LEU D 261 -6.34 -4.53 18.88
CA LEU D 261 -5.20 -5.15 18.21
C LEU D 261 -4.37 -5.96 19.17
N ILE D 262 -4.14 -5.42 20.38
CA ILE D 262 -3.41 -6.14 21.40
C ILE D 262 -4.11 -7.44 21.75
N ARG D 263 -5.42 -7.37 21.96
CA ARG D 263 -6.22 -8.57 22.21
C ARG D 263 -5.99 -9.63 21.13
N GLU D 264 -6.02 -9.21 19.85
CA GLU D 264 -5.95 -10.15 18.75
C GLU D 264 -4.54 -10.70 18.57
N PHE D 265 -3.51 -9.86 18.69
CA PHE D 265 -2.14 -10.35 18.57
C PHE D 265 -1.81 -11.31 19.71
N SER D 266 -2.35 -11.00 20.89
CA SER D 266 -2.14 -11.86 22.07
C SER D 266 -2.78 -13.22 21.86
N ARG D 267 -3.99 -13.24 21.31
CA ARG D 267 -4.65 -14.52 21.08
C ARG D 267 -3.94 -15.33 19.99
N ASP D 268 -3.46 -14.66 18.94
CA ASP D 268 -2.66 -15.35 17.93
C ASP D 268 -1.39 -15.90 18.55
N ALA D 269 -0.77 -15.11 19.44
CA ALA D 269 0.42 -15.54 20.16
C ALA D 269 0.13 -16.77 21.01
N ALA D 270 -1.04 -16.81 21.66
CA ALA D 270 -1.38 -17.96 22.50
C ALA D 270 -1.59 -19.20 21.66
N ASP D 271 -2.00 -19.01 20.42
CA ASP D 271 -2.28 -20.13 19.51
C ASP D 271 -1.07 -20.50 18.65
N GLY D 272 0.15 -20.43 19.18
CA GLY D 272 1.35 -20.82 18.46
C GLY D 272 2.26 -19.68 18.06
N GLY D 273 1.75 -18.45 17.96
CA GLY D 273 2.58 -17.34 17.51
C GLY D 273 3.79 -17.08 18.41
N LEU D 274 3.64 -17.30 19.72
CA LEU D 274 4.71 -16.93 20.65
C LEU D 274 5.88 -17.89 20.55
N ALA D 275 5.59 -19.20 20.45
CA ALA D 275 6.64 -20.17 20.20
C ALA D 275 7.36 -19.90 18.88
N ASP D 276 6.61 -19.55 17.83
CA ASP D 276 7.24 -19.17 16.56
C ASP D 276 8.12 -17.95 16.74
N LEU D 277 7.67 -16.99 17.55
CA LEU D 277 8.49 -15.80 17.80
C LEU D 277 9.80 -16.20 18.46
N HIS D 278 9.75 -17.03 19.49
CA HIS D 278 10.97 -17.44 20.19
C HIS D 278 11.92 -18.16 19.24
N ALA D 279 11.38 -19.01 18.37
CA ALA D 279 12.23 -19.71 17.40
C ALA D 279 12.84 -18.72 16.40
N PHE D 280 12.08 -17.71 16.00
CA PHE D 280 12.58 -16.71 15.07
C PHE D 280 13.71 -15.88 15.68
N ILE D 281 13.53 -15.43 16.91
CA ILE D 281 14.56 -14.65 17.57
C ILE D 281 15.81 -15.51 17.76
N LEU D 282 15.64 -16.76 18.17
CA LEU D 282 16.77 -17.67 18.30
C LEU D 282 17.49 -17.82 16.96
N HIS D 283 16.74 -17.98 15.88
CA HIS D 283 17.38 -18.12 14.57
C HIS D 283 18.23 -16.89 14.24
N ASN D 284 17.67 -15.68 14.46
CA ASN D 284 18.39 -14.45 14.14
C ASN D 284 19.58 -14.23 15.07
N ARG D 285 19.44 -14.54 16.36
CA ARG D 285 20.61 -14.55 17.24
C ARG D 285 21.72 -15.45 16.71
N SER D 286 21.37 -16.65 16.22
CA SER D 286 22.36 -17.59 15.69
C SER D 286 23.01 -17.04 14.42
N VAL D 287 22.21 -16.38 13.57
CA VAL D 287 22.75 -15.75 12.37
C VAL D 287 23.85 -14.75 12.76
N VAL D 288 23.60 -13.93 13.78
CA VAL D 288 24.58 -12.92 14.17
C VAL D 288 25.85 -13.57 14.70
N ARG D 289 25.71 -14.56 15.57
CA ARG D 289 26.88 -15.19 16.18
C ARG D 289 27.68 -16.00 15.16
N ARG D 290 27.00 -16.59 14.19
CA ARG D 290 27.67 -17.28 13.09
C ARG D 290 28.50 -16.30 12.26
N ALA D 291 27.91 -15.14 11.93
CA ALA D 291 28.59 -14.20 11.06
C ALA D 291 29.82 -13.58 11.71
N LEU D 292 29.87 -13.54 13.04
CA LEU D 292 30.89 -12.78 13.76
C LEU D 292 31.81 -13.65 14.60
N ALA D 293 31.58 -14.96 14.66
CA ALA D 293 32.39 -15.81 15.54
C ALA D 293 33.83 -15.92 15.07
N GLY D 294 34.05 -15.86 13.76
CA GLY D 294 35.40 -15.90 13.23
C GLY D 294 36.20 -14.60 13.34
N VAL D 295 35.64 -13.53 13.92
CA VAL D 295 36.27 -12.22 13.88
C VAL D 295 37.18 -12.07 15.11
N GLU D 296 38.44 -11.69 14.85
CA GLU D 296 39.43 -11.44 15.88
C GLU D 296 38.96 -10.37 16.86
N GLY D 297 39.03 -10.69 18.16
CA GLY D 297 38.63 -9.74 19.20
C GLY D 297 37.15 -9.66 19.51
N VAL D 298 36.31 -10.49 18.92
CA VAL D 298 34.87 -10.38 19.10
C VAL D 298 34.39 -11.40 20.13
N SER D 299 33.44 -10.99 20.98
CA SER D 299 32.80 -11.90 21.92
C SER D 299 31.36 -11.46 22.17
N PHE D 300 30.58 -12.35 22.77
CA PHE D 300 29.17 -12.09 23.03
C PHE D 300 28.92 -12.06 24.53
N PRO D 301 28.72 -10.88 25.10
CA PRO D 301 28.62 -10.75 26.57
C PRO D 301 27.43 -11.47 27.21
N ASP D 302 26.35 -11.76 26.50
CA ASP D 302 25.13 -12.31 27.10
C ASP D 302 24.81 -13.64 26.44
N PRO D 303 25.65 -14.64 26.66
CA PRO D 303 25.47 -15.93 25.97
C PRO D 303 24.07 -16.50 26.10
N GLU D 304 23.39 -16.28 27.22
CA GLU D 304 22.10 -16.93 27.45
C GLU D 304 20.89 -16.05 27.19
N SER D 305 21.09 -14.83 26.69
CA SER D 305 19.95 -13.95 26.46
C SER D 305 19.00 -14.53 25.41
N ARG D 306 17.70 -14.38 25.64
CA ARG D 306 16.69 -14.66 24.62
C ARG D 306 15.97 -13.40 24.17
N SER D 307 16.52 -12.23 24.49
CA SER D 307 15.82 -11.01 24.11
C SER D 307 16.07 -10.64 22.65
N SER D 308 15.33 -9.65 22.19
CA SER D 308 15.31 -9.25 20.79
C SER D 308 16.45 -8.28 20.44
N VAL D 309 17.42 -8.09 21.33
CA VAL D 309 18.59 -7.27 21.03
C VAL D 309 19.80 -8.07 21.47
N GLU D 310 20.94 -7.79 20.86
CA GLU D 310 22.15 -8.60 21.05
C GLU D 310 23.35 -7.68 21.17
N ARG D 311 24.09 -7.80 22.26
CA ARG D 311 25.32 -7.05 22.45
C ARG D 311 26.46 -7.80 21.79
N VAL D 312 27.35 -7.07 21.14
CA VAL D 312 28.59 -7.60 20.59
C VAL D 312 29.73 -6.77 21.15
N ALA D 313 30.71 -7.45 21.77
CA ALA D 313 31.92 -6.84 22.29
C ALA D 313 33.08 -7.01 21.31
N PHE D 314 33.99 -6.04 21.31
CA PHE D 314 35.12 -6.11 20.39
C PHE D 314 36.30 -5.40 21.03
N ALA D 315 37.49 -5.77 20.61
CA ALA D 315 38.71 -5.14 21.09
C ALA D 315 39.23 -4.22 20.00
N GLY D 316 40.10 -3.30 20.41
CA GLY D 316 40.84 -2.48 19.46
C GLY D 316 40.15 -1.23 18.98
N ARG D 317 38.88 -1.03 19.31
CA ARG D 317 38.19 0.21 18.94
C ARG D 317 36.95 0.37 19.81
N THR D 318 36.27 1.49 19.64
CA THR D 318 35.10 1.84 20.47
C THR D 318 33.81 1.63 19.68
N GLY D 319 32.74 1.36 20.40
CA GLY D 319 31.45 1.21 19.74
C GLY D 319 31.04 2.46 19.00
N THR D 320 31.48 3.63 19.47
CA THR D 320 31.20 4.87 18.77
C THR D 320 31.90 4.91 17.42
N GLU D 321 33.15 4.45 17.36
CA GLU D 321 33.88 4.40 16.09
C GLU D 321 33.28 3.37 15.14
N VAL D 322 32.97 2.18 15.65
CA VAL D 322 32.26 1.18 14.85
C VAL D 322 30.96 1.77 14.31
N TRP D 323 30.15 2.37 15.20
CA TRP D 323 28.88 2.97 14.78
C TRP D 323 29.08 3.96 13.63
N GLU D 324 30.11 4.81 13.72
CA GLU D 324 30.35 5.79 12.67
C GLU D 324 30.74 5.14 11.36
N GLU D 325 31.54 4.07 11.41
CA GLU D 325 31.98 3.43 10.18
C GLU D 325 30.83 2.65 9.53
N LEU D 326 30.05 1.91 10.31
CA LEU D 326 28.85 1.27 9.78
C LEU D 326 27.98 2.27 9.05
N GLN D 327 27.74 3.42 9.67
CA GLN D 327 26.86 4.43 9.10
C GLN D 327 27.30 4.84 7.71
N ARG D 328 28.60 4.99 7.50
CA ARG D 328 29.08 5.31 6.16
C ARG D 328 28.71 4.21 5.18
N HIS D 329 28.41 3.00 5.66
CA HIS D 329 27.89 1.94 4.81
C HIS D 329 26.38 1.83 4.85
N HIS D 330 25.70 2.83 5.42
CA HIS D 330 24.24 2.87 5.48
C HIS D 330 23.69 1.77 6.38
N VAL D 331 24.49 1.34 7.36
CA VAL D 331 24.08 0.39 8.38
C VAL D 331 24.04 1.14 9.70
N PHE D 332 22.91 1.08 10.38
CA PHE D 332 22.68 1.82 11.62
C PHE D 332 22.48 0.85 12.78
N ALA D 333 23.49 0.77 13.65
CA ALA D 333 23.39 0.06 14.92
C ALA D 333 23.48 1.09 16.05
N LEU D 334 23.60 0.62 17.29
CA LEU D 334 23.72 1.52 18.42
C LEU D 334 25.01 1.25 19.21
N PRO D 335 25.78 2.29 19.54
CA PRO D 335 26.81 2.09 20.57
C PRO D 335 26.14 1.81 21.93
N CYS D 336 26.87 1.12 22.79
CA CYS D 336 26.32 0.71 24.08
C CYS D 336 26.52 1.73 25.18
N ARG D 337 27.32 2.75 24.91
CA ARG D 337 27.63 3.77 25.89
C ARG D 337 26.37 4.25 26.65
N GLN D 338 25.28 4.49 25.92
CA GLN D 338 24.10 5.15 26.49
C GLN D 338 23.44 4.32 27.59
N PHE D 339 23.55 2.99 27.50
CA PHE D 339 22.93 2.08 28.46
C PHE D 339 23.64 2.07 29.79
N HIS D 340 24.91 2.42 29.81
CA HIS D 340 25.66 2.47 31.05
C HIS D 340 25.54 3.88 31.62
N TRP D 341 24.30 4.17 32.04
CA TRP D 341 23.89 5.53 32.40
C TRP D 341 24.70 6.11 33.56
N ALA D 342 25.38 5.29 34.36
CA ALA D 342 26.19 5.85 35.43
C ALA D 342 27.67 5.94 35.09
N GLU D 343 28.12 5.14 34.13
CA GLU D 343 29.55 5.04 33.79
C GLU D 343 29.65 4.70 32.30
N PRO D 344 29.48 5.70 31.43
CA PRO D 344 29.29 5.37 30.00
C PRO D 344 30.46 4.62 29.39
N SER D 345 31.68 4.87 29.86
CA SER D 345 32.83 4.16 29.35
C SER D 345 32.77 2.65 29.61
N ASP D 346 31.94 2.18 30.55
CA ASP D 346 31.72 0.74 30.67
C ASP D 346 31.20 0.13 29.34
N GLY D 347 30.51 0.91 28.53
CA GLY D 347 29.98 0.42 27.28
C GLY D 347 30.81 0.76 26.05
N ASP D 348 32.04 1.24 26.24
CA ASP D 348 32.83 1.78 25.15
C ASP D 348 33.23 0.74 24.10
N HIS D 349 33.21 -0.55 24.42
CA HIS D 349 33.69 -1.55 23.49
C HIS D 349 32.61 -2.55 23.08
N MET D 350 31.36 -2.09 23.06
CA MET D 350 30.23 -2.92 22.67
C MET D 350 29.29 -2.12 21.79
N VAL D 351 28.62 -2.82 20.87
CA VAL D 351 27.47 -2.29 20.15
C VAL D 351 26.31 -3.23 20.39
N ARG D 352 25.10 -2.74 20.09
CA ARG D 352 23.85 -3.46 20.23
C ARG D 352 23.21 -3.61 18.86
N ILE D 353 22.76 -4.82 18.57
CA ILE D 353 22.14 -5.20 17.29
C ILE D 353 20.70 -5.59 17.57
N ALA D 354 19.77 -4.98 16.84
CA ALA D 354 18.36 -5.35 16.88
C ALA D 354 18.10 -6.66 16.12
N LEU D 355 17.45 -7.62 16.77
CA LEU D 355 17.11 -8.90 16.15
C LEU D 355 15.69 -8.98 15.62
N SER D 356 14.80 -8.07 16.01
CA SER D 356 13.42 -8.10 15.50
C SER D 356 13.39 -7.48 14.11
N ARG D 357 13.96 -8.25 13.18
CA ARG D 357 14.22 -7.81 11.82
C ARG D 357 14.07 -9.00 10.90
N SER D 358 13.72 -8.76 9.65
CA SER D 358 13.75 -9.86 8.71
C SER D 358 15.18 -10.36 8.60
N THR D 359 15.31 -11.67 8.37
CA THR D 359 16.61 -12.32 8.52
C THR D 359 17.56 -11.89 7.41
N GLU D 360 17.06 -11.67 6.20
CA GLU D 360 17.97 -11.35 5.11
C GLU D 360 18.61 -9.98 5.31
N PRO D 361 17.86 -8.91 5.60
CA PRO D 361 18.52 -7.63 5.95
C PRO D 361 19.41 -7.73 7.19
N LEU D 362 18.98 -8.44 8.23
CA LEU D 362 19.86 -8.62 9.38
C LEU D 362 21.18 -9.23 8.95
N GLU D 363 21.12 -10.28 8.14
CA GLU D 363 22.35 -10.96 7.72
C GLU D 363 23.27 -10.04 6.93
N LYS D 364 22.72 -9.27 5.98
CA LYS D 364 23.52 -8.28 5.25
C LYS D 364 24.21 -7.31 6.21
N SER D 365 23.43 -6.76 7.16
CA SER D 365 23.96 -5.80 8.13
C SER D 365 25.15 -6.37 8.89
N VAL D 366 25.05 -7.62 9.34
CA VAL D 366 26.13 -8.18 10.13
C VAL D 366 27.33 -8.50 9.26
N GLN D 367 27.13 -8.81 7.98
CA GLN D 367 28.29 -9.03 7.12
C GLN D 367 29.05 -7.73 6.88
N VAL D 368 28.35 -6.60 6.79
CA VAL D 368 29.02 -5.30 6.78
C VAL D 368 29.79 -5.11 8.09
N LEU D 369 29.14 -5.38 9.23
CA LEU D 369 29.81 -5.27 10.52
C LEU D 369 31.08 -6.12 10.54
N ARG D 370 30.99 -7.35 10.04
CA ARG D 370 32.17 -8.21 9.98
C ARG D 370 33.34 -7.49 9.29
N THR D 371 33.07 -6.89 8.13
CA THR D 371 34.12 -6.22 7.36
C THR D 371 34.67 -5.01 8.11
N VAL D 372 33.79 -4.22 8.72
CA VAL D 372 34.22 -3.08 9.52
C VAL D 372 35.20 -3.52 10.60
N LEU D 373 34.85 -4.59 11.32
CA LEU D 373 35.62 -4.99 12.49
C LEU D 373 36.98 -5.59 12.14
N GLU D 374 37.29 -5.78 10.86
CA GLU D 374 38.51 -6.49 10.46
C GLU D 374 39.47 -5.66 9.60
#